data_2WK3
#
_entry.id   2WK3
#
_cell.length_a   261.628
_cell.length_b   261.628
_cell.length_c   90.675
_cell.angle_alpha   90.00
_cell.angle_beta   90.00
_cell.angle_gamma   120.00
#
_symmetry.space_group_name_H-M   'P 65'
#
loop_
_entity.id
_entity.type
_entity.pdbx_description
1 polymer 'INSULIN DEGRADING ENZYME'
2 polymer 'BETA-AMYLOID PROTEIN 42'
3 non-polymer 'ZINC ION'
4 water water
#
loop_
_entity_poly.entity_id
_entity_poly.type
_entity_poly.pdbx_seq_one_letter_code
_entity_poly.pdbx_strand_id
1 'polypeptide(L)'
;MRYRLAWLLHPALPSTFRSVLGARLPPPERLCGFQKKTYSKMNNPAIKRIGNHITKSPEDKREYRGLELANGIKVLLISD
PTTDKSSAALDVHIGSLSDPPNIAGLSHFLQHMLFLGTKKYPKENEYSQFLSEHAGSSNAFTSGEHTNYYFDVSHEHLEG
ALDRFAQFFLSPLFDESAKDREVNAVDSEHEKNVMNDAWRLFQLEKATGNPKHPFSKFGTGNKYTLETRPNQEGIDVRQE
LLKFHSAYYSSNLMAVVVLGRESLDDLTNLVVKLFSEVENKNVPLPEFPEHPFQEEHLKQLYKIVPIKDIRNLYVTFPIP
DLQKYYKSNPGHYLGHLIGHEGPGSLLSELKSKGWVNTLVGGQKEGARGFMFFIINVDLTEEGLLHVEDIILHMFQYIQK
LRAEGPQEWVFQELKDLNAVAFRFKDKERPRGYTSKIAGILHYYPLEEVLTAEYLLEEFRPDLIEMVLDKLRPENVRVAI
VSKSFEGKTDRTEEWYGTQYKQEAIPDEVIKKWQNADLNGKFKLPTKNEFIPTNFEILPLEKEATPYPALIKDTAMSKLW
FKQDDKFFLPKANLNFEFFSPFAYVDPLHSNMAYLYLELLKDSLNEYAYAAELAGLSYDLQNTIYGMYLSVKGYNDKQPI
LLKKIIEKMATFEIDEKRFEIIKEAYMRSLNNFRAEQPHQHAMYYLRLLMTEVAWTKDELKEALDDVTLPRLKAFIPQLL
SRLHIEALLHGNITKQAALGIMQMVEDTLIEHAHTKPLLPSQLVRYREVQLPDRGWFVYQQRNEVHNNSGIEIYYQTDMQ
STSENMFLELFAQIISEPAFNTLRTKEQLGYIVFSGPRRANGIQGLRFIIQSEKPPHYLESRVEAFLITMEKSIEDMTEE
AFQKHIQALAIRRLDKPKKLSAESAKYWGEIISQQYNFDRDNTEVAYLKTLTKEDIIKFYKEMLAVDAPRRHKVSVHVLA
REMDSNPVVGEFPAQNDINLSQAPALPQPEVIQNMTEFKRGLPLFPLVKPHINFMAAKL
;
A,B
2 'polypeptide(L)' DAEFRHDSGYEVHHQKLVFFAEDVGSNKGAIIGLMVGGVVIA C,D
#
loop_
_chem_comp.id
_chem_comp.type
_chem_comp.name
_chem_comp.formula
ZN non-polymer 'ZINC ION' 'Zn 2'
#
# COMPACT_ATOMS: atom_id res chain seq x y z
N ASN A 43 15.84 -37.71 -2.89
CA ASN A 43 14.80 -37.42 -1.86
C ASN A 43 14.23 -36.00 -1.97
N ASN A 44 15.10 -34.97 -2.14
CA ASN A 44 14.64 -33.57 -2.45
C ASN A 44 15.47 -32.87 -3.51
N PRO A 45 14.89 -32.65 -4.69
CA PRO A 45 15.56 -32.11 -5.88
C PRO A 45 16.15 -30.74 -5.66
N ALA A 46 15.49 -29.95 -4.82
CA ALA A 46 15.87 -28.54 -4.63
C ALA A 46 17.08 -28.31 -3.72
N ILE A 47 17.46 -29.32 -2.95
CA ILE A 47 18.57 -29.22 -2.02
C ILE A 47 19.78 -30.05 -2.44
N LYS A 48 20.93 -29.43 -2.70
CA LYS A 48 22.16 -30.22 -2.95
C LYS A 48 22.55 -31.04 -1.74
N ARG A 49 22.57 -30.46 -0.55
CA ARG A 49 22.79 -31.24 0.68
C ARG A 49 22.45 -30.52 2.01
N ILE A 50 22.36 -31.29 3.07
CA ILE A 50 22.04 -30.74 4.36
C ILE A 50 23.30 -30.94 5.15
N GLY A 51 23.76 -29.91 5.85
CA GLY A 51 25.02 -30.08 6.57
C GLY A 51 24.86 -31.05 7.72
N ASN A 52 25.98 -31.43 8.34
CA ASN A 52 25.88 -32.00 9.70
C ASN A 52 25.60 -30.93 10.79
N HIS A 53 25.55 -31.40 12.02
CA HIS A 53 25.33 -30.59 13.20
C HIS A 53 26.22 -29.36 13.16
N ILE A 54 25.63 -28.18 13.29
CA ILE A 54 26.36 -26.95 13.30
C ILE A 54 26.87 -26.60 14.72
N THR A 55 28.18 -26.64 14.95
CA THR A 55 28.72 -26.50 16.31
C THR A 55 28.33 -25.18 16.90
N LYS A 56 27.65 -25.23 18.05
CA LYS A 56 27.23 -23.99 18.76
C LYS A 56 27.73 -23.94 20.20
N SER A 57 27.69 -22.77 20.83
CA SER A 57 28.01 -22.76 22.25
C SER A 57 26.90 -23.52 22.97
N PRO A 58 27.25 -24.27 24.00
CA PRO A 58 26.21 -25.03 24.72
C PRO A 58 25.29 -24.10 25.52
N GLU A 59 25.56 -22.79 25.49
CA GLU A 59 24.73 -21.80 26.15
C GLU A 59 23.69 -21.29 25.19
N ASP A 60 23.81 -21.62 23.90
CA ASP A 60 22.99 -21.09 22.84
C ASP A 60 21.82 -22.00 22.68
N LYS A 61 20.66 -21.48 23.04
CA LYS A 61 19.44 -22.25 22.92
C LYS A 61 18.89 -22.16 21.51
N ARG A 62 19.40 -21.26 20.65
CA ARG A 62 18.88 -21.31 19.26
C ARG A 62 19.22 -22.63 18.59
N GLU A 63 18.39 -23.04 17.64
CA GLU A 63 18.68 -24.20 16.81
C GLU A 63 19.03 -23.84 15.37
N TYR A 64 19.84 -24.70 14.74
CA TYR A 64 20.54 -24.41 13.50
C TYR A 64 20.59 -25.54 12.51
N ARG A 65 20.43 -25.18 11.23
CA ARG A 65 20.56 -26.13 10.20
C ARG A 65 21.27 -25.44 9.05
N GLY A 66 22.36 -26.03 8.55
CA GLY A 66 23.05 -25.54 7.38
C GLY A 66 22.58 -26.34 6.19
N LEU A 67 22.59 -25.73 4.99
CA LEU A 67 22.42 -26.54 3.79
C LEU A 67 22.84 -25.82 2.55
N GLU A 68 22.90 -26.52 1.44
CA GLU A 68 23.20 -25.91 0.16
C GLU A 68 22.07 -26.20 -0.77
N LEU A 69 21.50 -25.20 -1.40
CA LEU A 69 20.45 -25.48 -2.38
C LEU A 69 21.01 -26.04 -3.73
N ALA A 70 20.09 -26.60 -4.53
CA ALA A 70 20.49 -27.12 -5.84
C ALA A 70 21.22 -26.07 -6.70
N ASN A 71 20.79 -24.81 -6.65
CA ASN A 71 21.46 -23.77 -7.45
C ASN A 71 22.72 -23.21 -6.76
N GLY A 72 23.12 -23.79 -5.63
CA GLY A 72 24.41 -23.42 -5.06
C GLY A 72 24.39 -22.38 -3.92
N ILE A 73 23.21 -21.94 -3.48
CA ILE A 73 23.16 -20.97 -2.41
C ILE A 73 23.41 -21.72 -1.13
N LYS A 74 24.34 -21.19 -0.38
CA LYS A 74 24.62 -21.67 0.94
C LYS A 74 23.65 -21.04 1.91
N VAL A 75 23.09 -21.85 2.79
CA VAL A 75 22.02 -21.33 3.63
C VAL A 75 22.28 -21.69 5.09
N LEU A 76 22.06 -20.76 6.02
CA LEU A 76 21.92 -21.12 7.45
C LEU A 76 20.53 -20.79 7.95
N LEU A 77 19.86 -21.73 8.60
CA LEU A 77 18.56 -21.43 9.20
C LEU A 77 18.73 -21.43 10.68
N ILE A 78 18.16 -20.43 11.33
CA ILE A 78 18.27 -20.29 12.73
C ILE A 78 16.87 -20.18 13.34
N SER A 79 16.49 -21.17 14.15
CA SER A 79 15.18 -21.22 14.79
C SER A 79 15.27 -20.75 16.23
N ASP A 80 14.58 -19.65 16.55
CA ASP A 80 14.47 -19.10 17.90
C ASP A 80 13.00 -18.89 18.23
N PRO A 81 12.39 -19.83 18.97
CA PRO A 81 10.94 -19.65 19.23
C PRO A 81 10.68 -18.49 20.15
N THR A 82 11.70 -17.95 20.80
CA THR A 82 11.47 -16.85 21.72
C THR A 82 11.52 -15.44 21.04
N THR A 83 11.94 -15.34 19.78
CA THR A 83 12.47 -14.05 19.29
C THR A 83 11.32 -13.13 18.95
N ASP A 84 11.45 -11.82 19.20
CA ASP A 84 10.39 -10.87 18.80
C ASP A 84 10.43 -10.45 17.36
N LYS A 85 11.64 -10.22 16.86
CA LYS A 85 11.86 -9.91 15.47
C LYS A 85 12.52 -11.10 14.81
N SER A 86 12.03 -11.48 13.63
CA SER A 86 12.76 -12.38 12.74
C SER A 86 13.62 -11.54 11.78
N SER A 87 14.43 -12.21 10.96
CA SER A 87 15.49 -11.54 10.19
C SER A 87 15.99 -12.42 9.11
N ALA A 88 16.41 -11.83 7.99
CA ALA A 88 17.14 -12.57 6.97
C ALA A 88 18.20 -11.70 6.33
N ALA A 89 19.20 -12.34 5.74
CA ALA A 89 20.22 -11.57 5.06
C ALA A 89 20.69 -12.40 3.90
N LEU A 90 21.19 -11.71 2.88
CA LEU A 90 21.77 -12.35 1.75
C LEU A 90 23.01 -11.58 1.42
N ASP A 91 24.07 -12.32 1.15
CA ASP A 91 25.34 -11.74 0.84
C ASP A 91 25.80 -12.35 -0.47
N VAL A 92 26.11 -11.49 -1.42
CA VAL A 92 26.52 -11.89 -2.73
C VAL A 92 27.95 -11.59 -2.72
N HIS A 93 28.69 -12.57 -3.16
CA HIS A 93 30.11 -12.47 -3.16
C HIS A 93 30.63 -11.65 -4.32
N ILE A 94 29.93 -10.57 -4.64
CA ILE A 94 30.46 -9.60 -5.57
C ILE A 94 30.39 -8.18 -5.05
N GLY A 95 31.41 -7.41 -5.40
CA GLY A 95 31.36 -6.03 -5.01
C GLY A 95 32.23 -5.12 -5.84
N SER A 96 32.56 -4.01 -5.20
CA SER A 96 33.22 -2.92 -5.82
C SER A 96 34.37 -3.27 -6.77
N LEU A 97 35.17 -4.26 -6.41
CA LEU A 97 36.42 -4.59 -7.12
C LEU A 97 36.07 -5.11 -8.52
N SER A 98 34.78 -5.46 -8.69
CA SER A 98 34.26 -5.92 -9.94
C SER A 98 33.47 -4.89 -10.70
N ASP A 99 33.52 -3.64 -10.28
CA ASP A 99 32.85 -2.59 -11.06
C ASP A 99 33.43 -2.59 -12.49
N PRO A 100 32.61 -2.29 -13.49
CA PRO A 100 33.26 -2.04 -14.77
C PRO A 100 34.26 -0.88 -14.61
N PRO A 101 35.46 -0.98 -15.20
CA PRO A 101 36.43 0.13 -15.03
C PRO A 101 35.86 1.39 -15.58
N ASN A 102 34.95 1.29 -16.53
CA ASN A 102 34.44 2.53 -17.04
C ASN A 102 33.24 3.12 -16.26
N ILE A 103 32.83 2.50 -15.15
CA ILE A 103 31.64 2.96 -14.36
C ILE A 103 31.85 2.71 -12.83
N ALA A 104 32.79 3.42 -12.25
CA ALA A 104 33.01 3.36 -10.82
C ALA A 104 31.72 3.61 -9.98
N GLY A 105 31.46 2.65 -9.08
CA GLY A 105 30.36 2.74 -8.13
C GLY A 105 29.17 1.92 -8.61
N LEU A 106 29.31 1.27 -9.77
CA LEU A 106 28.13 0.61 -10.33
C LEU A 106 27.53 -0.37 -9.34
N SER A 107 28.35 -1.16 -8.70
CA SER A 107 27.81 -2.20 -7.87
C SER A 107 27.22 -1.64 -6.54
N HIS A 108 27.80 -0.57 -5.99
CA HIS A 108 27.14 0.15 -4.89
C HIS A 108 25.81 0.79 -5.38
N PHE A 109 25.83 1.42 -6.53
CA PHE A 109 24.62 2.02 -7.07
C PHE A 109 23.60 0.95 -7.23
N LEU A 110 24.02 -0.21 -7.70
CA LEU A 110 23.10 -1.31 -7.89
C LEU A 110 22.43 -1.65 -6.56
N GLN A 111 23.26 -1.65 -5.52
CA GLN A 111 22.80 -1.96 -4.20
C GLN A 111 21.66 -1.04 -3.77
N HIS A 112 21.77 0.25 -4.07
CA HIS A 112 20.76 1.16 -3.69
C HIS A 112 19.47 0.86 -4.45
N MET A 113 19.63 0.63 -5.75
CA MET A 113 18.55 0.52 -6.67
C MET A 113 17.75 -0.74 -6.35
N LEU A 114 18.34 -1.75 -5.74
CA LEU A 114 17.53 -2.97 -5.50
C LEU A 114 16.29 -2.75 -4.59
N PHE A 115 16.34 -1.68 -3.81
CA PHE A 115 15.31 -1.37 -2.84
C PHE A 115 14.12 -0.69 -3.51
N LEU A 116 14.26 -0.31 -4.79
CA LEU A 116 13.30 0.60 -5.36
C LEU A 116 12.33 -0.04 -6.35
N GLY A 117 12.12 -1.34 -6.20
CA GLY A 117 11.01 -2.05 -6.80
C GLY A 117 11.42 -3.24 -7.65
N THR A 118 10.62 -4.28 -7.58
CA THR A 118 10.84 -5.42 -8.43
C THR A 118 9.57 -5.73 -9.27
N LYS A 119 9.67 -6.67 -10.22
CA LYS A 119 8.57 -6.99 -11.14
C LYS A 119 7.31 -7.40 -10.33
N LYS A 120 7.53 -8.12 -9.27
CA LYS A 120 6.46 -8.73 -8.50
C LYS A 120 5.97 -7.79 -7.33
N TYR A 121 6.78 -6.81 -6.93
CA TYR A 121 6.35 -5.85 -5.95
C TYR A 121 6.86 -4.51 -6.41
N PRO A 122 6.22 -3.93 -7.45
CA PRO A 122 6.75 -2.75 -8.17
C PRO A 122 6.58 -1.39 -7.48
N LYS A 123 5.67 -1.27 -6.50
CA LYS A 123 5.61 0.04 -5.75
C LYS A 123 7.06 0.35 -5.24
N GLU A 124 7.58 1.52 -5.60
CA GLU A 124 8.95 1.89 -5.36
C GLU A 124 9.37 1.64 -3.90
N ASN A 125 8.44 1.82 -2.95
CA ASN A 125 8.78 1.71 -1.57
C ASN A 125 8.04 0.63 -0.89
N GLU A 126 7.66 -0.40 -1.63
CA GLU A 126 6.85 -1.48 -1.04
C GLU A 126 7.61 -2.19 0.05
N TYR A 127 8.90 -2.33 -0.17
CA TYR A 127 9.72 -3.10 0.77
C TYR A 127 9.88 -2.31 2.07
N SER A 128 10.34 -1.07 1.97
CA SER A 128 10.52 -0.31 3.16
C SER A 128 9.18 -0.03 3.87
N GLN A 129 8.12 0.28 3.14
CA GLN A 129 6.83 0.44 3.83
C GLN A 129 6.32 -0.81 4.55
N PHE A 130 6.48 -1.97 3.92
CA PHE A 130 6.05 -3.19 4.55
C PHE A 130 6.85 -3.36 5.83
N LEU A 131 8.18 -3.15 5.75
CA LEU A 131 9.00 -3.34 6.97
C LEU A 131 8.52 -2.41 8.07
N SER A 132 8.42 -1.14 7.74
CA SER A 132 8.02 -0.15 8.67
C SER A 132 6.69 -0.44 9.40
N GLU A 133 5.71 -0.96 8.65
CA GLU A 133 4.38 -1.21 9.17
C GLU A 133 4.37 -2.52 9.93
N HIS A 134 5.47 -3.23 9.88
CA HIS A 134 5.54 -4.48 10.62
C HIS A 134 6.75 -4.50 11.52
N ALA A 135 7.12 -3.31 11.98
CA ALA A 135 8.16 -3.13 12.95
C ALA A 135 9.56 -3.61 12.49
N GLY A 136 9.91 -3.47 11.23
CA GLY A 136 11.17 -3.94 10.74
C GLY A 136 12.06 -2.81 10.30
N SER A 137 13.18 -3.17 9.75
CA SER A 137 14.14 -2.18 9.31
C SER A 137 15.07 -2.95 8.39
N SER A 138 15.83 -2.22 7.59
CA SER A 138 16.63 -2.86 6.58
C SER A 138 17.85 -2.05 6.33
N ASN A 139 18.91 -2.69 5.88
CA ASN A 139 20.00 -1.89 5.35
C ASN A 139 20.88 -2.81 4.49
N ALA A 140 21.96 -2.28 3.97
CA ALA A 140 22.76 -3.00 3.03
C ALA A 140 24.10 -2.30 2.91
N PHE A 141 25.17 -3.03 2.63
CA PHE A 141 26.41 -2.38 2.30
C PHE A 141 27.14 -3.03 1.13
N THR A 142 28.09 -2.29 0.56
CA THR A 142 28.92 -2.80 -0.52
C THR A 142 30.37 -2.69 -0.14
N SER A 143 31.08 -3.80 -0.05
CA SER A 143 32.55 -3.71 0.13
C SER A 143 33.22 -4.18 -1.20
N GLY A 144 34.52 -4.41 -1.22
CA GLY A 144 35.22 -4.74 -2.42
C GLY A 144 34.77 -6.01 -3.04
N GLU A 145 34.32 -6.97 -2.23
CA GLU A 145 33.96 -8.32 -2.71
C GLU A 145 32.61 -8.75 -2.22
N HIS A 146 31.91 -7.92 -1.50
CA HIS A 146 30.58 -8.38 -1.11
C HIS A 146 29.55 -7.36 -1.24
N THR A 147 28.33 -7.82 -1.44
CA THR A 147 27.17 -6.95 -1.28
C THR A 147 26.18 -7.67 -0.39
N ASN A 148 25.83 -7.02 0.72
CA ASN A 148 25.21 -7.67 1.88
C ASN A 148 23.92 -6.90 2.26
N TYR A 149 22.81 -7.62 2.21
CA TYR A 149 21.51 -7.01 2.33
C TYR A 149 20.82 -7.68 3.51
N TYR A 150 20.12 -6.91 4.33
CA TYR A 150 19.56 -7.54 5.52
C TYR A 150 18.41 -6.78 6.08
N PHE A 151 17.58 -7.52 6.78
CA PHE A 151 16.43 -6.90 7.43
C PHE A 151 16.00 -7.69 8.64
N ASP A 152 15.35 -6.98 9.54
CA ASP A 152 14.46 -7.62 10.51
C ASP A 152 13.00 -7.17 10.36
N VAL A 153 12.09 -7.99 10.85
CA VAL A 153 10.69 -7.62 10.90
C VAL A 153 10.11 -8.34 12.11
N SER A 154 8.91 -7.95 12.50
CA SER A 154 8.09 -8.70 13.47
C SER A 154 7.99 -10.19 13.15
N HIS A 155 8.12 -11.04 14.16
CA HIS A 155 8.22 -12.49 13.86
C HIS A 155 7.02 -13.03 13.12
N GLU A 156 5.86 -12.41 13.34
CA GLU A 156 4.64 -12.89 12.69
C GLU A 156 4.64 -12.64 11.13
N HIS A 157 5.58 -11.86 10.60
CA HIS A 157 5.54 -11.42 9.23
C HIS A 157 6.84 -11.70 8.44
N LEU A 158 7.58 -12.71 8.87
CA LEU A 158 8.78 -13.14 8.18
C LEU A 158 8.52 -13.39 6.70
N GLU A 159 7.58 -14.27 6.40
CA GLU A 159 7.31 -14.68 5.04
C GLU A 159 7.04 -13.50 4.10
N GLY A 160 6.18 -12.58 4.54
CA GLY A 160 5.88 -11.40 3.77
C GLY A 160 7.12 -10.62 3.54
N ALA A 161 7.90 -10.42 4.59
CA ALA A 161 9.13 -9.61 4.42
C ALA A 161 10.13 -10.35 3.49
N LEU A 162 10.20 -11.67 3.62
CA LEU A 162 11.21 -12.42 2.94
C LEU A 162 10.89 -12.53 1.45
N ASP A 163 9.61 -12.62 1.14
CA ASP A 163 9.15 -12.75 -0.22
C ASP A 163 9.49 -11.43 -0.94
N ARG A 164 9.28 -10.29 -0.29
CA ARG A 164 9.59 -9.07 -1.00
C ARG A 164 11.09 -8.95 -1.21
N PHE A 165 11.86 -9.40 -0.24
CA PHE A 165 13.27 -9.29 -0.26
C PHE A 165 13.84 -10.28 -1.30
N ALA A 166 13.32 -11.48 -1.37
CA ALA A 166 13.88 -12.35 -2.36
C ALA A 166 13.81 -11.68 -3.76
N GLN A 167 12.79 -10.84 -4.00
CA GLN A 167 12.62 -10.33 -5.37
C GLN A 167 13.83 -9.48 -5.85
N PHE A 168 14.56 -8.90 -4.89
CA PHE A 168 15.78 -8.18 -5.19
C PHE A 168 16.69 -9.01 -6.10
N PHE A 169 16.66 -10.31 -5.94
CA PHE A 169 17.70 -11.14 -6.57
C PHE A 169 17.13 -11.84 -7.78
N LEU A 170 15.92 -11.42 -8.13
CA LEU A 170 15.20 -12.07 -9.19
C LEU A 170 14.84 -11.06 -10.29
N SER A 171 14.11 -9.99 -9.94
CA SER A 171 13.50 -9.09 -10.91
C SER A 171 13.58 -7.61 -10.54
N PRO A 172 14.73 -7.10 -10.12
CA PRO A 172 14.65 -5.68 -9.85
C PRO A 172 14.16 -4.84 -11.07
N LEU A 173 13.31 -3.85 -10.88
CA LEU A 173 12.93 -2.99 -11.99
C LEU A 173 14.04 -2.08 -12.52
N PHE A 174 14.98 -1.67 -11.68
CA PHE A 174 15.83 -0.51 -12.01
C PHE A 174 15.07 0.52 -12.85
N ASP A 175 13.92 0.99 -12.32
CA ASP A 175 13.09 2.00 -12.96
C ASP A 175 13.92 3.20 -13.41
N GLU A 176 13.57 3.74 -14.57
CA GLU A 176 14.41 4.78 -15.17
C GLU A 176 14.41 6.05 -14.31
N SER A 177 13.24 6.34 -13.77
CA SER A 177 13.06 7.57 -13.04
C SER A 177 13.65 7.42 -11.61
N ALA A 178 13.52 6.22 -11.04
CA ALA A 178 14.15 5.90 -9.77
C ALA A 178 15.64 6.01 -9.92
N LYS A 179 16.18 5.50 -11.03
CA LYS A 179 17.60 5.63 -11.31
C LYS A 179 18.05 7.06 -11.31
N ASP A 180 17.33 7.94 -12.03
CA ASP A 180 17.68 9.39 -12.07
C ASP A 180 17.64 10.10 -10.71
N ARG A 181 16.75 9.65 -9.83
CA ARG A 181 16.64 10.22 -8.54
C ARG A 181 17.75 9.65 -7.63
N GLU A 182 17.88 8.32 -7.57
CA GLU A 182 18.73 7.77 -6.53
C GLU A 182 20.20 8.10 -6.74
N VAL A 183 20.59 8.37 -7.95
CA VAL A 183 22.01 8.66 -8.18
C VAL A 183 22.44 9.83 -7.31
N ASN A 184 21.48 10.71 -6.94
CA ASN A 184 21.79 11.84 -6.06
C ASN A 184 22.04 11.36 -4.65
N ALA A 185 21.28 10.40 -4.18
CA ALA A 185 21.54 9.87 -2.86
C ALA A 185 23.02 9.41 -2.79
N VAL A 186 23.48 8.65 -3.79
CA VAL A 186 24.89 8.22 -3.86
C VAL A 186 25.87 9.40 -3.97
N ASP A 187 25.55 10.39 -4.76
CA ASP A 187 26.41 11.57 -4.79
C ASP A 187 26.58 12.16 -3.39
N SER A 188 25.47 12.20 -2.66
CA SER A 188 25.42 12.80 -1.35
C SER A 188 26.25 11.97 -0.36
N GLU A 189 26.09 10.64 -0.41
CA GLU A 189 26.94 9.74 0.36
C GLU A 189 28.39 10.05 0.07
N HIS A 190 28.79 10.16 -1.19
CA HIS A 190 30.19 10.45 -1.41
C HIS A 190 30.60 11.82 -0.86
N GLU A 191 29.69 12.74 -1.00
CA GLU A 191 29.92 14.11 -0.65
C GLU A 191 30.24 14.26 0.83
N LYS A 192 29.49 13.60 1.69
CA LYS A 192 29.83 13.66 3.10
C LYS A 192 31.21 13.06 3.46
N ASN A 193 31.70 12.12 2.65
CA ASN A 193 32.99 11.54 2.82
C ASN A 193 34.14 12.39 2.31
N VAL A 194 33.86 13.37 1.45
CA VAL A 194 34.95 14.03 0.81
C VAL A 194 35.99 14.58 1.78
N MET A 195 35.51 15.22 2.85
CA MET A 195 36.40 15.96 3.75
C MET A 195 36.60 15.15 5.02
N ASN A 196 36.33 13.86 4.99
CA ASN A 196 36.60 13.02 6.11
C ASN A 196 37.97 12.40 5.94
N ASP A 197 38.85 12.56 6.92
CA ASP A 197 40.25 12.07 6.84
C ASP A 197 40.39 10.57 6.64
N ALA A 198 39.51 9.80 7.24
CA ALA A 198 39.65 8.35 7.13
C ALA A 198 39.32 7.94 5.70
N TRP A 199 38.31 8.56 5.10
CA TRP A 199 37.90 8.16 3.77
C TRP A 199 38.97 8.53 2.73
N ARG A 200 39.52 9.74 2.87
CA ARG A 200 40.64 10.23 2.13
C ARG A 200 41.81 9.28 2.19
N LEU A 201 42.24 8.92 3.42
CA LEU A 201 43.42 8.03 3.53
C LEU A 201 43.15 6.69 2.91
N PHE A 202 41.94 6.19 3.08
CA PHE A 202 41.58 4.87 2.63
C PHE A 202 41.73 4.76 1.08
N GLN A 203 41.28 5.82 0.38
CA GLN A 203 41.34 5.87 -1.04
C GLN A 203 42.76 6.25 -1.51
N LEU A 204 43.45 7.11 -0.76
CA LEU A 204 44.87 7.36 -1.04
C LEU A 204 45.71 6.08 -1.10
N GLU A 205 45.50 5.17 -0.17
CA GLU A 205 46.30 3.98 -0.18
C GLU A 205 45.99 3.32 -1.50
N LYS A 206 44.73 3.31 -1.92
CA LYS A 206 44.35 2.62 -3.15
C LYS A 206 44.94 3.32 -4.38
N ALA A 207 45.16 4.63 -4.30
CA ALA A 207 45.66 5.35 -5.49
C ALA A 207 47.17 5.27 -5.59
N THR A 208 47.83 4.69 -4.57
CA THR A 208 49.28 4.61 -4.60
C THR A 208 49.78 3.20 -4.87
N GLY A 209 48.89 2.26 -5.10
CA GLY A 209 49.36 0.93 -5.51
C GLY A 209 49.31 0.82 -7.03
N ASN A 210 49.38 -0.39 -7.54
CA ASN A 210 49.31 -0.57 -8.97
C ASN A 210 48.02 0.01 -9.58
N PRO A 211 48.14 1.10 -10.34
CA PRO A 211 46.93 1.72 -10.93
C PRO A 211 46.07 0.77 -11.77
N LYS A 212 46.60 -0.35 -12.18
CA LYS A 212 45.75 -1.22 -12.99
C LYS A 212 45.21 -2.42 -12.21
N HIS A 213 45.64 -2.51 -10.94
CA HIS A 213 45.00 -3.43 -10.04
C HIS A 213 43.58 -2.95 -9.65
N PRO A 214 42.61 -3.86 -9.61
CA PRO A 214 41.26 -3.46 -9.23
C PRO A 214 41.15 -2.78 -7.84
N PHE A 215 42.06 -3.12 -6.91
CA PHE A 215 42.24 -2.40 -5.66
C PHE A 215 42.24 -0.91 -5.86
N SER A 216 42.63 -0.43 -7.02
CA SER A 216 42.80 1.01 -7.15
C SER A 216 41.46 1.68 -7.42
N LYS A 217 40.40 0.89 -7.60
CA LYS A 217 39.07 1.48 -8.00
C LYS A 217 38.38 2.30 -6.91
N PHE A 218 37.51 3.19 -7.35
CA PHE A 218 36.69 4.04 -6.50
C PHE A 218 35.30 3.40 -6.36
N GLY A 219 35.02 2.89 -5.16
CA GLY A 219 33.86 2.03 -4.92
C GLY A 219 32.59 2.81 -4.66
N THR A 220 32.68 3.99 -4.12
CA THR A 220 31.42 4.63 -3.75
C THR A 220 30.67 5.03 -5.00
N GLY A 221 31.33 5.69 -5.93
CA GLY A 221 30.60 6.22 -7.04
C GLY A 221 30.14 7.60 -6.67
N ASN A 222 29.79 8.38 -7.70
CA ASN A 222 29.05 9.64 -7.53
C ASN A 222 28.22 10.03 -8.77
N LYS A 223 27.66 11.22 -8.77
CA LYS A 223 26.81 11.72 -9.86
C LYS A 223 27.63 11.76 -11.15
N TYR A 224 28.86 12.24 -11.07
CA TYR A 224 29.77 12.26 -12.19
C TYR A 224 30.02 10.83 -12.73
N THR A 225 30.30 9.84 -11.87
CA THR A 225 30.76 8.57 -12.38
C THR A 225 29.57 7.75 -12.79
N LEU A 226 28.44 8.18 -12.34
CA LEU A 226 27.34 7.31 -12.45
C LEU A 226 26.27 7.90 -13.35
N GLU A 227 26.32 9.20 -13.63
CA GLU A 227 25.38 9.77 -14.61
C GLU A 227 26.03 10.70 -15.67
N THR A 228 26.66 11.79 -15.26
CA THR A 228 27.33 12.64 -16.20
C THR A 228 28.28 11.89 -17.19
N ARG A 229 29.33 11.20 -16.68
CA ARG A 229 30.32 10.57 -17.56
C ARG A 229 29.59 9.50 -18.39
N PRO A 230 28.73 8.70 -17.77
CA PRO A 230 28.08 7.69 -18.64
C PRO A 230 27.20 8.30 -19.75
N ASN A 231 26.65 9.48 -19.51
CA ASN A 231 25.77 10.10 -20.49
C ASN A 231 26.63 10.61 -21.60
N GLN A 232 27.74 11.23 -21.23
CA GLN A 232 28.72 11.65 -22.18
C GLN A 232 29.16 10.47 -23.04
N GLU A 233 29.13 9.27 -22.49
CA GLU A 233 29.80 8.18 -23.16
C GLU A 233 28.76 7.27 -23.79
N GLY A 234 27.59 7.83 -24.03
CA GLY A 234 26.46 7.09 -24.58
C GLY A 234 26.00 5.82 -23.86
N ILE A 235 26.47 5.61 -22.62
CA ILE A 235 25.99 4.50 -21.80
C ILE A 235 24.54 4.68 -21.34
N ASP A 236 23.82 3.58 -21.44
CA ASP A 236 22.51 3.37 -20.87
C ASP A 236 22.72 2.63 -19.52
N VAL A 237 22.63 3.40 -18.46
CA VAL A 237 22.87 2.88 -17.13
C VAL A 237 21.82 1.86 -16.72
N ARG A 238 20.55 2.09 -17.04
CA ARG A 238 19.60 1.06 -16.76
C ARG A 238 20.04 -0.28 -17.40
N GLN A 239 20.46 -0.27 -18.67
CA GLN A 239 21.07 -1.50 -19.25
C GLN A 239 22.24 -2.07 -18.44
N GLU A 240 23.22 -1.20 -18.10
CA GLU A 240 24.40 -1.61 -17.32
C GLU A 240 24.03 -2.27 -15.99
N LEU A 241 23.05 -1.69 -15.27
CA LEU A 241 22.52 -2.32 -14.06
C LEU A 241 21.93 -3.68 -14.34
N LEU A 242 21.08 -3.81 -15.37
CA LEU A 242 20.59 -5.12 -15.77
C LEU A 242 21.72 -6.07 -16.17
N LYS A 243 22.75 -5.60 -16.92
CA LYS A 243 23.83 -6.54 -17.34
C LYS A 243 24.55 -7.01 -16.08
N PHE A 244 24.82 -6.08 -15.17
CA PHE A 244 25.63 -6.42 -14.01
C PHE A 244 24.87 -7.35 -13.03
N HIS A 245 23.60 -7.06 -12.84
CA HIS A 245 22.77 -7.92 -12.08
C HIS A 245 22.78 -9.33 -12.63
N SER A 246 22.48 -9.41 -13.94
CA SER A 246 22.40 -10.67 -14.65
C SER A 246 23.71 -11.45 -14.65
N ALA A 247 24.83 -10.76 -14.79
CA ALA A 247 26.09 -11.45 -14.89
C ALA A 247 26.55 -11.94 -13.50
N TYR A 248 26.50 -11.06 -12.50
CA TYR A 248 27.03 -11.41 -11.18
C TYR A 248 26.06 -11.81 -10.09
N TYR A 249 24.80 -11.50 -10.20
CA TYR A 249 23.93 -11.92 -9.12
C TYR A 249 23.47 -13.30 -9.46
N SER A 250 24.38 -14.25 -9.26
CA SER A 250 24.18 -15.62 -9.62
C SER A 250 24.07 -16.40 -8.31
N SER A 251 23.17 -17.35 -8.25
CA SER A 251 23.03 -18.18 -7.10
C SER A 251 24.34 -18.76 -6.53
N ASN A 252 25.29 -19.10 -7.39
CA ASN A 252 26.51 -19.77 -6.85
C ASN A 252 27.38 -18.82 -6.00
N LEU A 253 27.16 -17.51 -6.12
CA LEU A 253 27.93 -16.59 -5.27
C LEU A 253 27.09 -16.07 -4.12
N MET A 254 26.01 -16.75 -3.78
CA MET A 254 25.11 -16.26 -2.76
C MET A 254 25.03 -17.10 -1.48
N ALA A 255 24.98 -16.38 -0.36
CA ALA A 255 24.65 -17.00 0.90
C ALA A 255 23.49 -16.27 1.55
N VAL A 256 22.61 -17.08 2.14
CA VAL A 256 21.41 -16.65 2.82
C VAL A 256 21.35 -17.20 4.23
N VAL A 257 20.81 -16.37 5.12
CA VAL A 257 20.56 -16.73 6.52
C VAL A 257 19.22 -16.23 6.93
N VAL A 258 18.44 -17.11 7.52
CA VAL A 258 17.14 -16.72 7.90
C VAL A 258 17.00 -17.12 9.36
N LEU A 259 16.53 -16.17 10.17
CA LEU A 259 16.30 -16.39 11.62
C LEU A 259 14.82 -16.16 11.84
N GLY A 260 14.12 -17.05 12.55
CA GLY A 260 12.66 -16.94 12.79
C GLY A 260 12.14 -17.88 13.89
N ARG A 261 10.85 -17.82 14.22
CA ARG A 261 10.30 -18.67 15.29
C ARG A 261 10.01 -20.05 14.77
N GLU A 262 9.79 -20.12 13.46
CA GLU A 262 9.48 -21.36 12.80
C GLU A 262 10.51 -22.44 13.10
N SER A 263 10.06 -23.68 12.97
CA SER A 263 10.94 -24.85 13.11
C SER A 263 11.96 -24.84 11.97
N LEU A 264 12.99 -25.65 12.13
CA LEU A 264 14.00 -25.82 11.10
C LEU A 264 13.43 -26.33 9.77
N ASP A 265 12.50 -27.29 9.87
CA ASP A 265 11.77 -27.76 8.69
C ASP A 265 10.95 -26.66 8.01
N ASP A 266 10.22 -25.91 8.81
CA ASP A 266 9.42 -24.85 8.24
C ASP A 266 10.32 -23.82 7.57
N LEU A 267 11.43 -23.47 8.21
CA LEU A 267 12.37 -22.54 7.62
C LEU A 267 12.97 -23.12 6.34
N THR A 268 13.33 -24.40 6.40
CA THR A 268 13.87 -25.02 5.20
C THR A 268 12.89 -24.87 4.01
N ASN A 269 11.60 -25.16 4.24
CA ASN A 269 10.67 -25.16 3.11
C ASN A 269 10.50 -23.78 2.49
N LEU A 270 10.45 -22.79 3.34
CA LEU A 270 10.43 -21.38 3.00
C LEU A 270 11.56 -20.93 2.13
N VAL A 271 12.77 -21.20 2.56
CA VAL A 271 13.94 -20.79 1.80
C VAL A 271 13.97 -21.49 0.47
N VAL A 272 13.64 -22.76 0.49
CA VAL A 272 13.62 -23.53 -0.75
C VAL A 272 12.60 -22.89 -1.70
N LYS A 273 11.46 -22.51 -1.13
CA LYS A 273 10.43 -21.95 -1.91
C LYS A 273 10.86 -20.57 -2.45
N LEU A 274 11.44 -19.68 -1.66
CA LEU A 274 11.67 -18.34 -2.19
C LEU A 274 12.97 -18.23 -2.92
N PHE A 275 13.92 -19.12 -2.71
CA PHE A 275 15.24 -18.84 -3.28
C PHE A 275 15.74 -19.84 -4.28
N SER A 276 15.12 -21.01 -4.35
CA SER A 276 15.64 -21.93 -5.32
C SER A 276 15.37 -21.54 -6.78
N GLU A 277 14.58 -20.52 -7.04
CA GLU A 277 14.44 -20.01 -8.43
C GLU A 277 15.53 -19.01 -8.89
N VAL A 278 16.47 -18.63 -8.02
CA VAL A 278 17.55 -17.77 -8.43
C VAL A 278 18.42 -18.56 -9.39
N GLU A 279 18.72 -17.98 -10.52
CA GLU A 279 19.45 -18.72 -11.50
C GLU A 279 20.95 -18.82 -11.23
N ASN A 280 21.47 -20.02 -11.49
CA ASN A 280 22.89 -20.32 -11.39
C ASN A 280 23.53 -20.03 -12.72
N LYS A 281 24.35 -19.00 -12.81
CA LYS A 281 25.10 -18.67 -14.00
C LYS A 281 26.56 -19.14 -13.89
N ASN A 282 26.86 -19.94 -12.86
CA ASN A 282 28.20 -20.43 -12.64
C ASN A 282 29.35 -19.47 -12.72
N VAL A 283 29.28 -18.33 -12.02
CA VAL A 283 30.26 -17.30 -12.17
C VAL A 283 31.46 -17.66 -11.37
N PRO A 284 32.64 -17.46 -11.94
CA PRO A 284 33.87 -17.86 -11.19
C PRO A 284 34.10 -16.80 -10.13
N LEU A 285 34.44 -17.23 -8.92
CA LEU A 285 34.72 -16.29 -7.89
C LEU A 285 35.88 -15.40 -8.28
N PRO A 286 35.74 -14.08 -8.26
CA PRO A 286 36.94 -13.28 -8.53
C PRO A 286 38.09 -13.52 -7.53
N GLU A 287 39.32 -13.21 -7.92
CA GLU A 287 40.51 -13.71 -7.23
C GLU A 287 41.57 -12.70 -7.63
N PHE A 288 42.40 -12.28 -6.68
CA PHE A 288 43.34 -11.22 -6.93
C PHE A 288 44.70 -11.68 -6.41
N PRO A 289 45.31 -12.75 -7.00
CA PRO A 289 46.60 -13.28 -6.53
C PRO A 289 47.77 -12.27 -6.60
N GLU A 290 47.70 -11.30 -7.51
CA GLU A 290 48.80 -10.32 -7.55
C GLU A 290 48.58 -9.19 -6.56
N HIS A 291 49.55 -8.97 -5.67
CA HIS A 291 49.45 -7.88 -4.72
C HIS A 291 49.37 -6.49 -5.37
N PRO A 292 48.42 -5.63 -4.92
CA PRO A 292 48.42 -4.28 -5.53
C PRO A 292 49.70 -3.49 -5.29
N PHE A 293 50.56 -3.96 -4.40
CA PHE A 293 51.80 -3.23 -4.11
C PHE A 293 52.95 -4.06 -4.59
N GLN A 294 53.52 -3.68 -5.72
CA GLN A 294 54.66 -4.40 -6.24
C GLN A 294 55.99 -3.69 -5.83
N GLU A 295 57.15 -4.12 -6.36
CA GLU A 295 58.45 -3.66 -5.84
C GLU A 295 58.54 -2.16 -5.89
N GLU A 296 57.97 -1.56 -6.95
CA GLU A 296 58.03 -0.12 -7.11
C GLU A 296 57.18 0.60 -6.10
N HIS A 297 56.35 -0.15 -5.36
CA HIS A 297 55.45 0.47 -4.43
C HIS A 297 55.96 0.25 -3.03
N LEU A 298 57.05 -0.46 -2.94
CA LEU A 298 57.68 -0.64 -1.65
C LEU A 298 58.85 0.33 -1.45
N LYS A 299 59.34 0.40 -0.21
CA LYS A 299 60.23 1.47 0.26
C LYS A 299 59.81 2.87 -0.16
N GLN A 300 58.53 3.20 0.02
CA GLN A 300 58.04 4.54 -0.31
C GLN A 300 57.50 5.25 0.96
N LEU A 301 57.48 6.58 0.90
CA LEU A 301 57.09 7.45 2.01
C LEU A 301 56.12 8.48 1.51
N TYR A 302 55.02 8.70 2.23
CA TYR A 302 54.01 9.61 1.74
C TYR A 302 53.82 10.65 2.83
N LYS A 303 53.68 11.89 2.40
CA LYS A 303 53.46 12.98 3.29
C LYS A 303 52.16 13.56 2.88
N ILE A 304 51.23 13.63 3.85
CA ILE A 304 49.85 13.91 3.51
C ILE A 304 49.29 15.00 4.41
N VAL A 305 48.50 15.88 3.83
CA VAL A 305 47.87 16.97 4.54
C VAL A 305 46.43 16.58 4.88
N PRO A 306 46.17 16.42 6.17
CA PRO A 306 44.85 16.07 6.70
C PRO A 306 43.88 17.26 6.70
N ILE A 307 42.57 16.98 6.85
CA ILE A 307 41.59 18.07 7.02
C ILE A 307 41.65 18.52 8.46
N LYS A 308 41.51 17.56 9.39
CA LYS A 308 41.65 17.89 10.81
C LYS A 308 43.10 18.12 11.15
N ASP A 309 43.36 18.72 12.32
CA ASP A 309 44.74 18.83 12.84
C ASP A 309 45.07 17.55 13.57
N ILE A 310 45.51 16.54 12.80
CA ILE A 310 45.96 15.25 13.36
C ILE A 310 47.40 14.96 12.91
N ARG A 311 48.07 14.10 13.68
CA ARG A 311 49.40 13.68 13.39
C ARG A 311 49.40 12.19 13.52
N ASN A 312 49.64 11.48 12.43
CA ASN A 312 49.62 10.06 12.42
C ASN A 312 50.68 9.52 11.48
N LEU A 313 51.19 8.36 11.86
CA LEU A 313 52.10 7.57 11.09
C LEU A 313 51.52 6.18 10.82
N TYR A 314 51.54 5.82 9.53
CA TYR A 314 50.98 4.55 9.04
C TYR A 314 52.13 3.74 8.49
N VAL A 315 52.33 2.53 8.99
CA VAL A 315 53.32 1.67 8.46
C VAL A 315 52.66 0.39 7.93
N THR A 316 52.96 0.01 6.70
CA THR A 316 52.19 -1.08 6.04
C THR A 316 53.16 -2.04 5.34
N PHE A 317 52.97 -3.32 5.57
CA PHE A 317 53.67 -4.35 4.84
C PHE A 317 52.67 -5.19 4.06
N PRO A 318 52.93 -5.44 2.77
CA PRO A 318 52.09 -6.36 2.00
C PRO A 318 52.35 -7.77 2.44
N ILE A 319 51.31 -8.52 2.68
CA ILE A 319 51.47 -9.89 3.05
C ILE A 319 50.57 -10.75 2.12
N PRO A 320 50.81 -12.04 2.09
CA PRO A 320 49.93 -12.99 1.43
C PRO A 320 48.53 -13.08 2.10
N ASP A 321 47.56 -13.63 1.41
CA ASP A 321 46.28 -13.74 1.98
C ASP A 321 46.38 -14.86 3.00
N LEU A 322 46.03 -14.58 4.26
CA LEU A 322 46.14 -15.56 5.34
C LEU A 322 44.83 -16.16 5.71
N GLN A 323 43.78 -15.79 5.01
CA GLN A 323 42.44 -16.26 5.37
C GLN A 323 42.36 -17.75 5.58
N LYS A 324 42.99 -18.51 4.71
CA LYS A 324 42.89 -19.98 4.80
C LYS A 324 43.61 -20.59 6.03
N TYR A 325 44.34 -19.78 6.77
CA TYR A 325 45.03 -20.29 7.96
C TYR A 325 44.21 -20.01 9.23
N TYR A 326 42.91 -19.95 9.04
CA TYR A 326 42.09 -19.50 10.10
C TYR A 326 42.18 -20.45 11.31
N LYS A 327 42.62 -21.71 11.14
CA LYS A 327 42.63 -22.60 12.33
C LYS A 327 43.83 -22.31 13.21
N SER A 328 44.80 -21.59 12.65
CA SER A 328 46.02 -21.23 13.39
C SER A 328 46.21 -19.72 13.59
N ASN A 329 45.79 -18.91 12.60
CA ASN A 329 45.83 -17.47 12.69
C ASN A 329 47.15 -16.84 13.01
N PRO A 330 48.17 -17.14 12.21
CA PRO A 330 49.49 -16.56 12.43
C PRO A 330 49.42 -15.06 12.49
N GLY A 331 48.65 -14.44 11.62
CA GLY A 331 48.56 -12.99 11.70
C GLY A 331 47.88 -12.47 13.00
N HIS A 332 46.91 -13.12 13.63
CA HIS A 332 46.19 -12.54 14.70
CA HIS A 332 46.39 -12.44 14.80
C HIS A 332 47.30 -12.55 15.99
N TYR A 333 48.04 -13.63 15.99
CA TYR A 333 49.14 -13.90 16.90
C TYR A 333 50.14 -12.79 16.92
N LEU A 334 50.59 -12.33 15.75
CA LEU A 334 51.62 -11.32 15.72
C LEU A 334 50.99 -10.00 16.02
N GLY A 335 49.69 -9.86 15.68
CA GLY A 335 48.94 -8.65 15.99
C GLY A 335 48.83 -8.53 17.50
N HIS A 336 48.49 -9.60 18.16
CA HIS A 336 48.46 -9.55 19.58
C HIS A 336 49.82 -9.06 20.14
N LEU A 337 50.92 -9.50 19.54
CA LEU A 337 52.21 -9.24 20.10
C LEU A 337 52.63 -7.84 19.79
N ILE A 338 52.70 -7.51 18.52
CA ILE A 338 53.13 -6.18 18.18
C ILE A 338 52.12 -5.10 18.68
N GLY A 339 50.82 -5.42 18.76
CA GLY A 339 49.84 -4.40 19.14
C GLY A 339 49.68 -4.39 20.65
N HIS A 340 50.42 -5.24 21.38
CA HIS A 340 50.20 -5.32 22.81
C HIS A 340 50.41 -3.95 23.44
N GLU A 341 49.86 -3.75 24.62
CA GLU A 341 50.01 -2.44 25.31
C GLU A 341 50.47 -2.59 26.76
N GLY A 342 50.69 -3.81 27.19
CA GLY A 342 51.21 -4.05 28.53
C GLY A 342 52.69 -3.72 28.71
N PRO A 343 53.24 -4.04 29.89
CA PRO A 343 54.68 -3.71 30.08
C PRO A 343 55.51 -4.50 29.10
N GLY A 344 56.62 -3.96 28.68
CA GLY A 344 57.45 -4.66 27.73
C GLY A 344 57.06 -4.27 26.32
N SER A 345 55.83 -3.78 26.12
CA SER A 345 55.30 -3.56 24.77
C SER A 345 55.99 -2.44 23.98
N LEU A 346 55.85 -2.54 22.67
CA LEU A 346 56.25 -1.51 21.72
C LEU A 346 55.62 -0.18 22.14
N LEU A 347 54.28 -0.14 22.33
CA LEU A 347 53.63 1.13 22.65
C LEU A 347 54.25 1.69 23.91
N SER A 348 54.47 0.80 24.88
CA SER A 348 55.00 1.23 26.14
C SER A 348 56.26 2.08 25.96
N GLU A 349 57.24 1.61 25.17
CA GLU A 349 58.42 2.40 24.99
C GLU A 349 58.18 3.71 24.24
N LEU A 350 57.39 3.67 23.17
CA LEU A 350 57.13 4.87 22.34
C LEU A 350 56.46 5.93 23.15
N LYS A 351 55.66 5.46 24.07
CA LYS A 351 54.87 6.36 24.83
C LYS A 351 55.78 7.00 25.88
N SER A 352 56.59 6.19 26.55
CA SER A 352 57.60 6.71 27.48
C SER A 352 58.60 7.70 26.90
N LYS A 353 58.95 7.54 25.65
CA LYS A 353 59.83 8.46 25.03
C LYS A 353 59.04 9.68 24.66
N GLY A 354 57.72 9.69 24.95
CA GLY A 354 56.90 10.82 24.63
C GLY A 354 56.63 11.00 23.17
N TRP A 355 56.69 9.90 22.39
CA TRP A 355 56.52 9.99 20.95
C TRP A 355 55.12 9.66 20.42
N VAL A 356 54.42 8.74 21.08
CA VAL A 356 53.13 8.32 20.59
C VAL A 356 52.17 8.12 21.76
N ASN A 357 50.87 8.17 21.50
CA ASN A 357 49.92 7.86 22.53
C ASN A 357 49.18 6.57 22.34
N THR A 358 48.97 6.19 21.09
CA THR A 358 48.17 5.01 20.78
C THR A 358 48.75 4.35 19.55
N LEU A 359 48.53 3.04 19.50
CA LEU A 359 49.10 2.13 18.53
C LEU A 359 48.06 1.08 18.14
N VAL A 360 47.91 0.80 16.87
CA VAL A 360 47.18 -0.36 16.39
C VAL A 360 48.12 -1.17 15.51
N GLY A 361 48.15 -2.49 15.70
CA GLY A 361 48.98 -3.37 14.87
C GLY A 361 48.25 -4.66 14.53
N GLY A 362 48.57 -5.21 13.36
CA GLY A 362 48.11 -6.53 13.08
C GLY A 362 47.69 -6.64 11.65
N GLN A 363 46.91 -7.66 11.39
CA GLN A 363 46.55 -7.96 10.03
C GLN A 363 45.25 -7.27 9.63
N LYS A 364 45.26 -6.74 8.42
CA LYS A 364 44.24 -5.95 7.84
C LYS A 364 43.83 -6.64 6.54
N GLU A 365 42.54 -6.79 6.33
CA GLU A 365 42.00 -7.41 5.10
C GLU A 365 42.29 -6.63 3.84
N GLY A 366 42.43 -7.37 2.72
CA GLY A 366 42.66 -6.77 1.40
C GLY A 366 41.55 -7.32 0.51
N ALA A 367 41.80 -8.38 -0.28
CA ALA A 367 40.73 -9.20 -0.87
C ALA A 367 41.27 -10.65 -0.99
N ARG A 368 40.50 -11.57 -1.58
CA ARG A 368 41.05 -12.89 -1.98
C ARG A 368 42.38 -12.77 -2.75
N GLY A 369 43.47 -13.25 -2.15
CA GLY A 369 44.80 -13.21 -2.74
C GLY A 369 45.80 -12.22 -2.17
N PHE A 370 45.38 -11.21 -1.39
CA PHE A 370 46.33 -10.32 -0.72
C PHE A 370 45.80 -9.72 0.59
N MET A 371 46.70 -9.45 1.55
CA MET A 371 46.40 -8.74 2.77
C MET A 371 47.46 -7.69 3.13
N PHE A 372 47.28 -7.05 4.28
CA PHE A 372 48.29 -6.13 4.77
C PHE A 372 48.58 -6.45 6.22
N PHE A 373 49.78 -6.07 6.64
CA PHE A 373 50.08 -6.05 8.04
C PHE A 373 50.42 -4.62 8.40
N ILE A 374 49.74 -4.06 9.40
CA ILE A 374 49.92 -2.63 9.62
C ILE A 374 50.41 -2.34 11.04
N ILE A 375 51.02 -1.18 11.18
CA ILE A 375 51.32 -0.66 12.49
C ILE A 375 51.15 0.84 12.42
N ASN A 376 50.13 1.32 13.11
CA ASN A 376 49.79 2.73 13.03
C ASN A 376 49.83 3.33 14.38
N VAL A 377 50.33 4.57 14.46
CA VAL A 377 50.48 5.27 15.76
C VAL A 377 50.09 6.67 15.55
N ASP A 378 49.60 7.34 16.57
CA ASP A 378 49.43 8.79 16.48
C ASP A 378 50.76 9.44 16.91
N LEU A 379 50.89 10.74 16.71
CA LEU A 379 52.14 11.40 16.98
C LEU A 379 52.01 12.56 17.91
N THR A 380 52.93 12.66 18.87
CA THR A 380 53.10 13.92 19.62
C THR A 380 53.86 14.89 18.73
N GLU A 381 53.99 16.15 19.13
CA GLU A 381 54.88 17.09 18.44
C GLU A 381 56.33 16.54 18.36
N GLU A 382 56.79 15.87 19.43
CA GLU A 382 58.10 15.27 19.40
C GLU A 382 58.16 14.13 18.40
N GLY A 383 57.17 13.24 18.49
CA GLY A 383 57.16 12.02 17.72
C GLY A 383 57.14 12.37 16.27
N LEU A 384 56.60 13.54 15.94
CA LEU A 384 56.57 13.97 14.56
C LEU A 384 58.02 14.14 14.06
N LEU A 385 58.89 14.61 14.96
CA LEU A 385 60.27 14.88 14.56
C LEU A 385 61.16 13.64 14.65
N HIS A 386 60.60 12.51 15.13
CA HIS A 386 61.36 11.28 15.38
C HIS A 386 60.77 10.03 14.71
N VAL A 387 60.18 10.18 13.54
CA VAL A 387 59.59 9.08 12.82
C VAL A 387 60.58 7.96 12.49
N GLU A 388 61.77 8.36 12.06
CA GLU A 388 62.78 7.39 11.71
C GLU A 388 63.11 6.58 12.96
N ASP A 389 63.09 7.26 14.10
CA ASP A 389 63.35 6.54 15.31
C ASP A 389 62.19 5.64 15.70
N ILE A 390 60.95 6.14 15.58
CA ILE A 390 59.81 5.34 15.91
C ILE A 390 59.87 4.06 15.09
N ILE A 391 60.15 4.22 13.80
CA ILE A 391 60.08 3.04 12.94
C ILE A 391 61.17 2.05 13.31
N LEU A 392 62.33 2.58 13.69
CA LEU A 392 63.42 1.69 14.13
C LEU A 392 62.99 0.87 15.33
N HIS A 393 62.25 1.49 16.23
CA HIS A 393 61.83 0.76 17.43
C HIS A 393 60.88 -0.33 17.00
N MET A 394 60.10 -0.06 15.94
CA MET A 394 59.19 -1.05 15.44
C MET A 394 60.01 -2.26 15.03
N PHE A 395 61.04 -2.03 14.23
CA PHE A 395 61.85 -3.14 13.71
C PHE A 395 62.66 -3.85 14.79
N GLN A 396 62.97 -3.08 15.83
CA GLN A 396 63.61 -3.63 16.99
C GLN A 396 62.67 -4.56 17.71
N TYR A 397 61.43 -4.10 17.91
CA TYR A 397 60.45 -4.96 18.55
C TYR A 397 60.25 -6.26 17.69
N ILE A 398 60.02 -6.10 16.38
CA ILE A 398 59.92 -7.24 15.48
C ILE A 398 61.12 -8.21 15.64
N GLN A 399 62.33 -7.66 15.71
CA GLN A 399 63.50 -8.52 15.90
C GLN A 399 63.46 -9.32 17.22
N LYS A 400 62.99 -8.69 18.29
CA LYS A 400 62.82 -9.45 19.53
C LYS A 400 61.89 -10.63 19.30
N LEU A 401 60.87 -10.48 18.44
CA LEU A 401 60.00 -11.63 18.22
C LEU A 401 60.72 -12.70 17.45
N ARG A 402 61.52 -12.31 16.46
CA ARG A 402 62.39 -13.28 15.73
C ARG A 402 63.35 -14.01 16.68
N ALA A 403 64.07 -13.24 17.50
CA ALA A 403 64.93 -13.78 18.56
C ALA A 403 64.26 -14.80 19.48
N GLU A 404 63.07 -14.54 20.01
CA GLU A 404 62.51 -15.45 21.00
C GLU A 404 61.86 -16.67 20.35
N GLY A 405 61.55 -16.57 19.05
CA GLY A 405 60.80 -17.61 18.34
C GLY A 405 59.35 -17.64 18.78
N PRO A 406 58.54 -18.36 18.05
CA PRO A 406 57.10 -18.54 18.27
C PRO A 406 56.86 -19.17 19.62
N GLN A 407 55.82 -18.77 20.33
CA GLN A 407 55.59 -19.13 21.74
C GLN A 407 54.30 -19.90 21.92
N GLU A 408 54.43 -21.21 22.03
CA GLU A 408 53.24 -21.96 22.25
C GLU A 408 52.33 -21.39 23.36
N TRP A 409 52.89 -20.96 24.49
CA TRP A 409 52.04 -20.60 25.62
C TRP A 409 51.17 -19.36 25.26
N VAL A 410 51.67 -18.52 24.34
CA VAL A 410 50.90 -17.33 23.91
C VAL A 410 49.74 -17.71 23.03
N PHE A 411 50.00 -18.67 22.14
CA PHE A 411 48.98 -19.22 21.33
C PHE A 411 47.92 -19.85 22.21
N GLN A 412 48.40 -20.60 23.19
CA GLN A 412 47.53 -21.18 24.23
C GLN A 412 46.61 -20.16 24.90
N GLU A 413 47.16 -19.01 25.26
CA GLU A 413 46.30 -17.98 25.84
C GLU A 413 45.25 -17.49 24.85
N LEU A 414 45.65 -17.23 23.62
CA LEU A 414 44.68 -16.87 22.64
C LEU A 414 43.55 -17.98 22.45
N LYS A 415 43.92 -19.23 22.30
CA LYS A 415 42.95 -20.29 22.15
C LYS A 415 41.99 -20.24 23.33
N ASP A 416 42.56 -20.19 24.55
CA ASP A 416 41.76 -20.25 25.79
C ASP A 416 40.75 -19.11 25.89
N LEU A 417 41.23 -17.88 25.67
CA LEU A 417 40.38 -16.76 25.66
C LEU A 417 39.31 -16.86 24.56
N ASN A 418 39.72 -17.22 23.33
CA ASN A 418 38.73 -17.35 22.28
C ASN A 418 37.69 -18.43 22.64
N ALA A 419 38.11 -19.53 23.31
CA ALA A 419 37.12 -20.54 23.68
C ALA A 419 36.14 -19.94 24.71
N VAL A 420 36.66 -19.09 25.58
CA VAL A 420 35.83 -18.59 26.64
C VAL A 420 34.86 -17.54 26.02
N ALA A 421 35.39 -16.62 25.21
CA ALA A 421 34.57 -15.68 24.49
C ALA A 421 33.54 -16.47 23.72
N PHE A 422 33.84 -17.66 23.24
CA PHE A 422 32.82 -18.27 22.42
C PHE A 422 31.72 -18.90 23.28
N ARG A 423 32.10 -19.73 24.25
CA ARG A 423 31.13 -20.35 25.13
C ARG A 423 30.16 -19.23 25.61
N PHE A 424 30.67 -18.07 25.94
CA PHE A 424 29.86 -17.16 26.70
C PHE A 424 29.52 -15.94 25.88
N LYS A 425 29.55 -16.09 24.55
CA LYS A 425 29.17 -14.94 23.74
C LYS A 425 27.79 -14.46 24.15
N ASP A 426 27.62 -13.14 24.26
CA ASP A 426 26.24 -12.54 24.32
C ASP A 426 25.37 -12.97 23.14
N LYS A 427 24.10 -13.25 23.39
CA LYS A 427 23.19 -13.45 22.31
C LYS A 427 23.03 -12.18 21.45
N GLU A 428 23.26 -12.28 20.16
CA GLU A 428 23.21 -11.11 19.25
C GLU A 428 21.79 -10.70 18.79
N ARG A 429 21.64 -9.45 18.37
CA ARG A 429 20.40 -8.97 17.72
C ARG A 429 20.32 -9.69 16.39
N PRO A 430 19.12 -10.18 16.01
CA PRO A 430 19.00 -10.99 14.81
C PRO A 430 19.47 -10.30 13.54
N ARG A 431 19.19 -9.02 13.39
CA ARG A 431 19.61 -8.30 12.18
C ARG A 431 21.14 -8.33 11.95
N GLY A 432 21.94 -8.03 12.96
CA GLY A 432 23.40 -8.06 12.79
C GLY A 432 23.88 -9.49 12.56
N TYR A 433 23.21 -10.46 13.15
CA TYR A 433 23.70 -11.80 13.17
C TYR A 433 23.49 -12.49 11.81
N THR A 434 22.34 -12.27 11.16
CA THR A 434 22.08 -12.87 9.90
C THR A 434 23.09 -12.29 8.90
N SER A 435 23.30 -10.98 8.98
CA SER A 435 24.17 -10.26 8.10
C SER A 435 25.59 -10.82 8.18
N LYS A 436 26.04 -10.92 9.44
CA LYS A 436 27.38 -11.31 9.73
C LYS A 436 27.56 -12.74 9.27
N ILE A 437 26.62 -13.64 9.59
CA ILE A 437 26.81 -15.06 9.19
C ILE A 437 26.75 -15.27 7.65
N ALA A 438 25.92 -14.45 7.00
CA ALA A 438 25.78 -14.45 5.54
C ALA A 438 27.14 -14.24 4.89
N GLY A 439 27.87 -13.22 5.35
CA GLY A 439 29.22 -12.87 4.90
C GLY A 439 30.06 -14.10 5.16
N ILE A 440 29.94 -14.72 6.34
CA ILE A 440 30.89 -15.80 6.56
C ILE A 440 30.60 -17.17 5.95
N LEU A 441 29.35 -17.43 5.53
CA LEU A 441 29.10 -18.72 4.90
C LEU A 441 30.01 -18.92 3.67
N HIS A 442 30.48 -17.83 3.07
CA HIS A 442 31.35 -17.93 1.94
C HIS A 442 32.71 -18.43 2.28
N TYR A 443 33.08 -18.45 3.56
CA TYR A 443 34.48 -18.79 3.86
C TYR A 443 34.74 -20.10 4.55
N TYR A 444 33.69 -20.74 5.05
CA TYR A 444 33.87 -21.80 6.03
C TYR A 444 32.89 -22.88 5.75
N PRO A 445 33.24 -24.14 6.03
CA PRO A 445 32.24 -25.18 5.92
C PRO A 445 30.98 -24.84 6.78
N LEU A 446 29.81 -25.09 6.24
CA LEU A 446 28.59 -24.93 6.99
C LEU A 446 28.74 -25.21 8.47
N GLU A 447 29.41 -26.33 8.81
CA GLU A 447 29.38 -26.87 10.20
C GLU A 447 30.13 -25.96 11.19
N GLU A 448 31.00 -25.12 10.61
CA GLU A 448 31.96 -24.29 11.28
C GLU A 448 31.62 -22.79 11.30
N VAL A 449 30.50 -22.38 10.68
CA VAL A 449 30.27 -20.94 10.57
C VAL A 449 30.22 -20.20 11.86
N LEU A 450 29.76 -20.82 12.93
CA LEU A 450 29.64 -20.11 14.17
C LEU A 450 31.01 -20.10 14.79
N THR A 451 31.70 -21.23 14.76
CA THR A 451 33.02 -21.36 15.42
C THR A 451 34.21 -20.84 14.66
N ALA A 452 34.18 -20.93 13.35
CA ALA A 452 35.38 -20.58 12.55
C ALA A 452 36.12 -19.34 13.04
N GLU A 453 35.40 -18.27 13.40
CA GLU A 453 36.07 -17.04 13.70
C GLU A 453 36.53 -16.93 15.12
N TYR A 454 36.24 -17.95 15.92
CA TYR A 454 36.54 -17.91 17.34
C TYR A 454 37.60 -18.97 17.62
N LEU A 455 37.32 -20.23 17.27
CA LEU A 455 38.09 -21.34 17.81
C LEU A 455 39.47 -21.49 17.11
N LEU A 456 40.49 -21.87 17.89
CA LEU A 456 41.87 -21.99 17.40
C LEU A 456 42.27 -23.43 17.62
N GLU A 457 42.99 -23.98 16.66
CA GLU A 457 43.18 -25.40 16.72
C GLU A 457 44.61 -25.80 16.50
N GLU A 458 45.30 -25.08 15.64
CA GLU A 458 46.57 -25.49 15.16
C GLU A 458 47.60 -24.48 15.57
N PHE A 459 48.67 -24.92 16.25
CA PHE A 459 49.81 -24.03 16.48
C PHE A 459 50.78 -24.18 15.31
N ARG A 460 51.28 -23.07 14.76
CA ARG A 460 52.02 -23.12 13.51
C ARG A 460 53.19 -22.22 13.55
N PRO A 461 54.22 -22.61 14.25
CA PRO A 461 55.43 -21.74 14.29
C PRO A 461 56.01 -21.49 12.88
N ASP A 462 55.71 -22.38 11.94
CA ASP A 462 56.18 -22.16 10.59
C ASP A 462 55.47 -20.96 9.87
N LEU A 463 54.14 -20.88 10.05
CA LEU A 463 53.40 -19.79 9.48
C LEU A 463 53.74 -18.50 10.21
N ILE A 464 53.87 -18.59 11.52
CA ILE A 464 54.20 -17.39 12.30
C ILE A 464 55.52 -16.85 11.77
N GLU A 465 56.54 -17.69 11.72
CA GLU A 465 57.79 -17.29 11.17
C GLU A 465 57.69 -16.76 9.76
N MET A 466 56.88 -17.44 8.92
CA MET A 466 56.68 -17.04 7.52
C MET A 466 56.15 -15.62 7.41
N VAL A 467 55.18 -15.27 8.25
CA VAL A 467 54.65 -13.90 8.22
C VAL A 467 55.66 -12.91 8.74
N LEU A 468 56.25 -13.20 9.90
CA LEU A 468 57.31 -12.37 10.47
C LEU A 468 58.40 -12.01 9.47
N ASP A 469 58.76 -12.97 8.64
CA ASP A 469 59.78 -12.76 7.66
C ASP A 469 59.36 -11.70 6.60
N LYS A 470 58.07 -11.41 6.47
CA LYS A 470 57.62 -10.33 5.61
C LYS A 470 57.68 -8.99 6.27
N LEU A 471 57.88 -8.91 7.57
CA LEU A 471 57.79 -7.60 8.17
C LEU A 471 59.18 -7.02 8.26
N ARG A 472 59.67 -6.60 7.10
CA ARG A 472 61.13 -6.21 6.94
C ARG A 472 61.23 -4.87 6.28
N PRO A 473 62.32 -4.12 6.56
CA PRO A 473 62.33 -2.77 5.97
C PRO A 473 62.26 -2.78 4.47
N GLU A 474 62.74 -3.84 3.83
CA GLU A 474 62.72 -3.81 2.37
C GLU A 474 61.29 -3.92 1.81
N ASN A 475 60.34 -4.36 2.64
CA ASN A 475 58.94 -4.51 2.21
C ASN A 475 58.02 -3.42 2.78
N VAL A 476 58.59 -2.29 3.25
CA VAL A 476 57.83 -1.29 4.01
C VAL A 476 57.20 -0.16 3.24
N ARG A 477 56.02 0.26 3.67
CA ARG A 477 55.43 1.54 3.21
C ARG A 477 55.14 2.39 4.46
N VAL A 478 55.37 3.70 4.32
CA VAL A 478 55.35 4.64 5.42
C VAL A 478 54.54 5.86 4.98
N ALA A 479 53.52 6.20 5.76
CA ALA A 479 52.76 7.42 5.46
C ALA A 479 52.69 8.32 6.69
N ILE A 480 52.97 9.60 6.48
CA ILE A 480 52.89 10.54 7.58
C ILE A 480 51.81 11.56 7.27
N VAL A 481 50.89 11.73 8.21
CA VAL A 481 49.78 12.67 8.03
C VAL A 481 50.03 13.79 9.03
N SER A 482 50.15 15.02 8.54
CA SER A 482 50.39 16.20 9.40
C SER A 482 50.18 17.49 8.65
N LYS A 483 49.61 18.49 9.32
CA LYS A 483 49.51 19.87 8.78
C LYS A 483 50.86 20.50 8.44
N SER A 484 51.94 20.06 9.08
CA SER A 484 53.23 20.65 8.77
C SER A 484 53.56 20.51 7.26
N PHE A 485 52.83 19.66 6.52
CA PHE A 485 53.06 19.51 5.08
C PHE A 485 52.22 20.44 4.21
N GLU A 486 51.43 21.31 4.83
CA GLU A 486 50.74 22.34 4.07
C GLU A 486 51.75 23.10 3.18
N GLY A 487 51.42 23.16 1.88
CA GLY A 487 52.19 23.90 0.91
C GLY A 487 53.35 23.14 0.34
N LYS A 488 53.74 22.01 0.93
CA LYS A 488 54.95 21.28 0.54
C LYS A 488 54.68 20.05 -0.30
N THR A 489 53.50 20.02 -0.92
CA THR A 489 53.05 18.82 -1.60
C THR A 489 52.92 19.13 -3.09
N ASP A 490 53.09 18.09 -3.91
CA ASP A 490 53.05 18.25 -5.37
C ASP A 490 52.04 17.31 -6.04
N ARG A 491 51.26 16.61 -5.24
CA ARG A 491 50.32 15.65 -5.80
C ARG A 491 48.96 15.75 -5.17
N THR A 492 47.98 15.35 -5.97
CA THR A 492 46.57 15.51 -5.64
C THR A 492 45.85 14.23 -6.02
N GLU A 493 45.15 13.61 -5.06
CA GLU A 493 44.35 12.41 -5.34
C GLU A 493 43.05 12.84 -5.99
N GLU A 494 42.56 12.07 -6.94
CA GLU A 494 41.55 12.60 -7.85
C GLU A 494 40.17 12.61 -7.28
N TRP A 495 39.78 11.52 -6.63
CA TRP A 495 38.43 11.44 -6.02
C TRP A 495 38.17 12.35 -4.83
N TYR A 496 39.18 12.57 -3.98
CA TYR A 496 38.97 13.28 -2.72
C TYR A 496 39.68 14.61 -2.69
N GLY A 497 40.80 14.72 -3.40
CA GLY A 497 41.44 16.02 -3.53
C GLY A 497 42.59 16.10 -2.56
N THR A 498 42.99 14.96 -2.05
CA THR A 498 44.00 14.90 -1.02
C THR A 498 45.39 15.32 -1.51
N GLN A 499 45.96 16.32 -0.85
CA GLN A 499 47.27 16.82 -1.16
C GLN A 499 48.32 15.93 -0.54
N TYR A 500 49.16 15.30 -1.35
CA TYR A 500 50.30 14.62 -0.75
C TYR A 500 51.55 14.73 -1.61
N LYS A 501 52.65 14.20 -1.07
CA LYS A 501 53.91 14.10 -1.76
C LYS A 501 54.43 12.68 -1.61
N GLN A 502 54.98 12.10 -2.70
CA GLN A 502 55.64 10.78 -2.61
C GLN A 502 57.19 10.84 -2.72
N GLU A 503 57.89 9.94 -2.06
CA GLU A 503 59.36 9.93 -2.02
C GLU A 503 59.87 8.55 -1.76
N ALA A 504 60.92 8.17 -2.49
CA ALA A 504 61.70 7.00 -2.12
C ALA A 504 62.30 7.17 -0.72
N ILE A 505 62.11 6.18 0.15
CA ILE A 505 62.88 6.20 1.38
C ILE A 505 64.37 5.90 1.04
N PRO A 506 65.28 6.80 1.45
CA PRO A 506 66.69 6.65 1.09
C PRO A 506 67.29 5.34 1.63
N ASP A 507 68.12 4.64 0.83
CA ASP A 507 68.82 3.40 1.27
C ASP A 507 69.60 3.45 2.63
N GLU A 508 70.16 4.61 2.97
CA GLU A 508 70.85 4.75 4.24
C GLU A 508 69.91 4.36 5.39
N VAL A 509 68.71 4.92 5.34
CA VAL A 509 67.65 4.69 6.31
C VAL A 509 67.07 3.22 6.32
N ILE A 510 66.85 2.67 5.11
CA ILE A 510 66.42 1.29 5.03
C ILE A 510 67.42 0.44 5.75
N LYS A 511 68.72 0.72 5.46
CA LYS A 511 69.82 -0.14 6.01
C LYS A 511 69.92 0.00 7.51
N LYS A 512 69.78 1.22 8.02
CA LYS A 512 69.71 1.36 9.49
C LYS A 512 68.56 0.54 10.08
N TRP A 513 67.42 0.45 9.38
CA TRP A 513 66.27 -0.31 9.90
C TRP A 513 66.59 -1.77 9.76
N GLN A 514 67.22 -2.13 8.65
CA GLN A 514 67.68 -3.49 8.51
C GLN A 514 68.62 -3.94 9.61
N ASN A 515 69.46 -3.03 10.12
CA ASN A 515 70.37 -3.40 11.19
C ASN A 515 69.90 -3.23 12.62
N ALA A 516 68.59 -3.13 12.83
CA ALA A 516 68.03 -3.03 14.18
C ALA A 516 68.41 -4.23 15.03
N ASP A 517 68.99 -3.99 16.19
CA ASP A 517 69.34 -5.07 17.12
C ASP A 517 68.45 -5.00 18.36
N LEU A 518 68.64 -5.89 19.32
CA LEU A 518 67.70 -5.95 20.42
C LEU A 518 67.85 -4.70 21.27
N ASN A 519 66.72 -4.27 21.81
CA ASN A 519 66.61 -3.16 22.74
C ASN A 519 66.00 -3.74 24.02
N GLY A 520 66.68 -3.53 25.15
CA GLY A 520 66.36 -4.22 26.39
C GLY A 520 65.09 -3.70 27.01
N LYS A 521 64.53 -2.64 26.43
CA LYS A 521 63.26 -2.15 26.92
C LYS A 521 62.07 -2.99 26.48
N PHE A 522 62.25 -3.88 25.48
CA PHE A 522 61.18 -4.75 24.94
C PHE A 522 61.25 -6.18 25.50
N LYS A 523 60.14 -6.60 26.13
CA LYS A 523 59.97 -7.95 26.69
C LYS A 523 58.59 -8.50 26.17
N LEU A 524 58.51 -9.76 25.79
CA LEU A 524 57.24 -10.40 25.59
C LEU A 524 56.33 -10.08 26.81
N PRO A 525 55.00 -10.17 26.67
CA PRO A 525 54.10 -10.06 27.81
C PRO A 525 54.32 -11.22 28.74
N THR A 526 53.87 -11.13 29.98
CA THR A 526 53.89 -12.32 30.82
C THR A 526 52.49 -12.92 30.89
N LYS A 527 52.31 -14.09 31.53
CA LYS A 527 50.97 -14.75 31.71
C LYS A 527 50.00 -13.61 32.10
N ASN A 528 48.84 -13.58 31.47
CA ASN A 528 47.77 -12.68 31.81
C ASN A 528 46.94 -13.20 32.98
N GLU A 529 47.13 -12.58 34.13
CA GLU A 529 46.47 -13.03 35.38
C GLU A 529 45.00 -12.66 35.43
N PHE A 530 44.56 -11.83 34.47
CA PHE A 530 43.15 -11.45 34.44
C PHE A 530 42.17 -12.47 33.80
N ILE A 531 42.74 -13.45 33.12
CA ILE A 531 41.98 -14.51 32.51
C ILE A 531 41.04 -15.10 33.57
N PRO A 532 39.74 -15.07 33.30
CA PRO A 532 38.86 -15.54 34.34
C PRO A 532 38.89 -17.06 34.35
N THR A 533 38.56 -17.67 35.49
CA THR A 533 38.50 -19.12 35.55
C THR A 533 37.30 -19.51 36.40
N ASN A 534 36.67 -18.55 37.09
CA ASN A 534 35.44 -18.87 37.82
C ASN A 534 34.14 -18.51 37.09
N PHE A 535 33.46 -19.50 36.53
CA PHE A 535 32.24 -19.26 35.80
C PHE A 535 30.96 -19.69 36.52
N GLU A 536 31.03 -19.88 37.83
CA GLU A 536 29.85 -20.31 38.52
C GLU A 536 28.75 -19.29 38.31
N ILE A 537 27.64 -19.78 37.86
CA ILE A 537 26.39 -18.99 37.90
C ILE A 537 25.66 -19.11 39.24
N LEU A 538 25.73 -18.07 40.06
CA LEU A 538 25.15 -18.06 41.43
C LEU A 538 23.67 -18.35 41.36
N PRO A 539 23.12 -19.11 42.34
CA PRO A 539 21.67 -19.53 42.25
C PRO A 539 20.74 -18.33 42.36
N LEU A 540 19.59 -18.34 41.74
CA LEU A 540 18.65 -17.22 41.96
C LEU A 540 18.17 -17.11 43.39
N GLU A 541 18.32 -15.92 43.99
CA GLU A 541 17.96 -15.65 45.41
C GLU A 541 16.46 -15.72 45.63
N LYS A 542 16.04 -16.16 46.83
CA LYS A 542 14.60 -16.24 47.16
C LYS A 542 13.88 -14.89 46.91
N GLU A 543 14.55 -13.77 47.26
CA GLU A 543 14.00 -12.39 47.16
C GLU A 543 14.57 -11.59 45.95
N ALA A 544 14.73 -12.26 44.80
CA ALA A 544 15.26 -11.60 43.61
C ALA A 544 14.07 -11.05 42.85
N THR A 545 14.18 -9.81 42.37
CA THR A 545 13.06 -9.08 41.73
C THR A 545 13.24 -8.97 40.19
N PRO A 546 12.13 -8.83 39.38
CA PRO A 546 12.27 -8.65 37.89
C PRO A 546 12.89 -7.30 37.48
N TYR A 547 12.72 -6.27 38.30
CA TYR A 547 13.33 -4.99 38.07
C TYR A 547 14.39 -4.63 39.10
N PRO A 548 15.23 -3.63 38.79
CA PRO A 548 16.20 -3.33 39.87
C PRO A 548 15.49 -2.87 41.15
N ALA A 549 16.12 -3.17 42.28
CA ALA A 549 15.55 -2.80 43.57
C ALA A 549 16.44 -1.76 44.15
N LEU A 550 15.88 -0.80 44.84
CA LEU A 550 16.70 0.16 45.52
C LEU A 550 17.16 -0.48 46.82
N ILE A 551 18.42 -0.78 46.95
CA ILE A 551 18.73 -1.56 48.12
C ILE A 551 19.62 -0.78 49.05
N LYS A 552 19.90 0.48 48.74
CA LYS A 552 20.67 1.33 49.67
C LYS A 552 20.34 2.79 49.30
N ASP A 553 19.89 3.58 50.29
CA ASP A 553 19.43 4.96 50.01
C ASP A 553 19.98 5.91 51.04
N THR A 554 21.25 6.28 50.90
CA THR A 554 21.91 7.03 51.93
C THR A 554 22.37 8.41 51.40
N ALA A 555 22.96 9.23 52.26
CA ALA A 555 23.37 10.54 51.86
C ALA A 555 24.40 10.39 50.71
N MET A 556 25.33 9.46 50.88
CA MET A 556 26.40 9.28 49.95
C MET A 556 26.04 8.50 48.69
N SER A 557 25.12 7.54 48.78
CA SER A 557 24.93 6.64 47.67
C SER A 557 23.54 6.01 47.58
N LYS A 558 23.09 5.83 46.35
CA LYS A 558 21.80 5.27 46.02
C LYS A 558 22.21 4.06 45.18
N LEU A 559 21.87 2.83 45.60
CA LEU A 559 22.27 1.59 44.93
C LEU A 559 21.07 0.85 44.40
N TRP A 560 20.98 0.75 43.07
CA TRP A 560 19.98 -0.11 42.42
C TRP A 560 20.58 -1.45 42.03
N PHE A 561 19.83 -2.53 42.22
CA PHE A 561 20.41 -3.83 42.06
C PHE A 561 19.43 -4.80 41.47
N LYS A 562 19.98 -5.64 40.59
CA LYS A 562 19.25 -6.74 40.03
C LYS A 562 20.18 -7.91 39.69
N GLN A 563 19.85 -9.04 40.26
CA GLN A 563 20.52 -10.23 39.89
C GLN A 563 19.92 -10.72 38.55
N ASP A 564 20.79 -11.00 37.56
CA ASP A 564 20.35 -11.50 36.24
C ASP A 564 19.37 -12.68 36.37
N ASP A 565 18.15 -12.56 35.82
CA ASP A 565 17.21 -13.69 35.82
C ASP A 565 16.89 -14.17 34.38
N LYS A 566 17.78 -13.86 33.44
CA LYS A 566 17.50 -14.06 32.05
C LYS A 566 18.65 -14.73 31.27
N PHE A 567 19.90 -14.27 31.43
CA PHE A 567 20.92 -14.62 30.46
C PHE A 567 21.82 -15.69 30.93
N PHE A 568 22.08 -15.70 32.23
CA PHE A 568 22.85 -16.74 32.86
C PHE A 568 24.30 -16.88 32.32
N LEU A 569 24.94 -15.78 31.98
CA LEU A 569 26.33 -15.87 31.59
C LEU A 569 27.08 -15.39 32.78
N PRO A 570 28.36 -15.81 32.98
CA PRO A 570 29.07 -15.34 34.20
C PRO A 570 29.56 -13.91 34.01
N LYS A 571 28.63 -12.99 33.82
CA LYS A 571 29.08 -11.63 33.52
C LYS A 571 28.36 -10.70 34.42
N ALA A 572 28.91 -9.49 34.57
CA ALA A 572 28.17 -8.40 35.22
C ALA A 572 28.47 -6.96 34.70
N ASN A 573 27.49 -6.08 34.89
CA ASN A 573 27.72 -4.67 34.66
C ASN A 573 27.54 -3.91 35.94
N LEU A 574 28.57 -3.11 36.24
CA LEU A 574 28.65 -2.26 37.39
C LEU A 574 28.75 -0.85 36.89
N ASN A 575 27.66 -0.11 37.07
CA ASN A 575 27.52 1.27 36.57
C ASN A 575 27.47 2.32 37.68
N PHE A 576 28.28 3.36 37.57
CA PHE A 576 28.31 4.40 38.63
C PHE A 576 28.24 5.79 38.11
N GLU A 577 27.35 6.59 38.66
CA GLU A 577 27.40 8.03 38.45
C GLU A 577 27.86 8.69 39.71
N PHE A 578 28.91 9.47 39.57
CA PHE A 578 29.44 10.26 40.64
C PHE A 578 28.98 11.71 40.43
N PHE A 579 28.10 12.30 41.27
CA PHE A 579 27.75 13.75 41.09
C PHE A 579 28.68 14.67 41.88
N SER A 580 29.21 15.68 41.19
CA SER A 580 29.92 16.75 41.83
C SER A 580 29.62 17.98 41.02
N PRO A 581 29.32 19.07 41.74
CA PRO A 581 29.03 20.35 41.10
C PRO A 581 30.30 20.94 40.48
N PHE A 582 31.46 20.43 40.88
CA PHE A 582 32.67 20.96 40.37
C PHE A 582 33.11 20.39 39.06
N ALA A 583 32.39 19.42 38.50
CA ALA A 583 32.80 18.88 37.22
C ALA A 583 32.43 19.84 36.08
N TYR A 584 31.48 20.70 36.33
CA TYR A 584 30.93 21.49 35.23
C TYR A 584 30.63 22.93 35.68
N VAL A 585 31.08 23.31 36.88
CA VAL A 585 30.74 24.64 37.38
C VAL A 585 31.06 25.75 36.39
N ASP A 586 32.19 25.63 35.69
CA ASP A 586 32.54 26.53 34.59
C ASP A 586 33.43 25.86 33.54
N PRO A 587 33.70 26.57 32.42
CA PRO A 587 34.53 25.98 31.39
C PRO A 587 35.80 25.46 31.86
N LEU A 588 36.46 26.20 32.73
CA LEU A 588 37.78 25.75 33.23
C LEU A 588 37.70 24.40 33.98
N HIS A 589 36.65 24.26 34.79
CA HIS A 589 36.51 23.01 35.55
C HIS A 589 36.10 21.89 34.66
N SER A 590 35.33 22.21 33.66
CA SER A 590 35.03 21.21 32.69
C SER A 590 36.29 20.64 32.05
N ASN A 591 37.17 21.49 31.57
CA ASN A 591 38.43 21.02 30.99
C ASN A 591 39.22 20.18 31.96
N MET A 592 39.03 20.45 33.25
CA MET A 592 39.94 19.81 34.20
C MET A 592 39.38 18.42 34.47
N ALA A 593 38.05 18.35 34.58
CA ALA A 593 37.40 17.06 34.76
C ALA A 593 37.91 16.11 33.61
N TYR A 594 38.02 16.67 32.42
CA TYR A 594 38.25 15.87 31.28
C TYR A 594 39.69 15.46 31.33
N LEU A 595 40.57 16.46 31.49
CA LEU A 595 42.00 16.17 31.50
C LEU A 595 42.31 15.16 32.59
N TYR A 596 41.78 15.39 33.77
CA TYR A 596 41.99 14.47 34.87
C TYR A 596 41.66 13.01 34.43
N LEU A 597 40.48 12.83 33.83
CA LEU A 597 40.07 11.48 33.56
C LEU A 597 40.92 10.91 32.39
N GLU A 598 41.22 11.73 31.37
CA GLU A 598 42.09 11.22 30.36
C GLU A 598 43.43 10.79 30.95
N LEU A 599 43.98 11.60 31.85
CA LEU A 599 45.25 11.22 32.55
C LEU A 599 45.19 9.96 33.36
N LEU A 600 44.09 9.74 34.04
CA LEU A 600 43.88 8.52 34.75
C LEU A 600 43.87 7.30 33.83
N LYS A 601 43.12 7.36 32.74
CA LYS A 601 43.12 6.29 31.77
C LYS A 601 44.49 6.07 31.15
N ASP A 602 45.20 7.13 30.89
CA ASP A 602 46.52 6.97 30.32
C ASP A 602 47.39 6.21 31.32
N SER A 603 47.11 6.46 32.59
CA SER A 603 47.99 5.94 33.59
C SER A 603 47.66 4.46 33.91
N LEU A 604 46.37 4.13 33.87
CA LEU A 604 45.89 2.78 34.03
C LEU A 604 46.06 1.87 32.85
N ASN A 605 46.47 2.43 31.73
CA ASN A 605 46.35 1.74 30.51
C ASN A 605 47.17 0.48 30.49
N GLU A 606 48.47 0.55 30.77
CA GLU A 606 49.23 -0.72 30.86
C GLU A 606 48.61 -1.82 31.69
N TYR A 607 48.08 -1.50 32.81
CA TYR A 607 47.61 -2.55 33.68
C TYR A 607 46.26 -3.01 33.18
N ALA A 608 45.48 -2.08 32.64
CA ALA A 608 44.12 -2.42 32.30
C ALA A 608 44.03 -3.23 30.98
N TYR A 609 45.09 -3.21 30.18
CA TYR A 609 45.04 -3.82 28.85
C TYR A 609 44.83 -5.33 28.96
N ALA A 610 45.54 -5.96 29.91
CA ALA A 610 45.29 -7.36 30.21
C ALA A 610 43.87 -7.58 30.60
N ALA A 611 43.33 -6.71 31.45
CA ALA A 611 41.95 -6.97 31.89
C ALA A 611 41.08 -6.98 30.61
N GLU A 612 41.42 -6.07 29.69
CA GLU A 612 40.62 -5.94 28.51
C GLU A 612 40.68 -7.21 27.58
N LEU A 613 41.85 -7.79 27.43
CA LEU A 613 41.98 -8.97 26.59
C LEU A 613 41.24 -10.05 27.27
N ALA A 614 41.12 -9.99 28.60
CA ALA A 614 40.41 -11.07 29.30
C ALA A 614 38.95 -10.77 29.42
N GLY A 615 38.44 -9.83 28.64
CA GLY A 615 37.01 -9.68 28.56
C GLY A 615 36.40 -8.90 29.73
N LEU A 616 37.16 -7.95 30.25
CA LEU A 616 36.78 -7.20 31.42
C LEU A 616 37.11 -5.74 31.08
N SER A 617 36.14 -4.88 30.91
CA SER A 617 36.56 -3.57 30.46
C SER A 617 35.91 -2.49 31.25
N TYR A 618 36.31 -1.27 30.97
CA TYR A 618 35.76 -0.19 31.71
C TYR A 618 35.68 1.06 30.85
N ASP A 619 34.71 1.88 31.21
CA ASP A 619 34.48 3.10 30.54
C ASP A 619 34.45 4.20 31.60
N LEU A 620 35.20 5.25 31.36
CA LEU A 620 35.36 6.31 32.39
C LEU A 620 35.41 7.71 31.77
N GLN A 621 34.39 8.50 32.04
CA GLN A 621 34.32 9.83 31.45
C GLN A 621 33.69 10.87 32.33
N ASN A 622 34.03 12.12 32.03
CA ASN A 622 33.49 13.26 32.72
C ASN A 622 32.14 13.59 32.09
N THR A 623 31.20 14.03 32.90
CA THR A 623 29.92 14.40 32.37
C THR A 623 29.61 15.79 32.90
N ILE A 624 28.47 16.31 32.54
CA ILE A 624 28.04 17.61 32.98
C ILE A 624 27.61 17.53 34.44
N TYR A 625 27.66 16.37 35.05
CA TYR A 625 27.16 16.24 36.42
C TYR A 625 28.29 15.75 37.29
N GLY A 626 29.43 15.46 36.67
CA GLY A 626 30.47 14.80 37.42
C GLY A 626 30.22 13.47 36.74
N MET A 627 31.06 12.47 36.99
CA MET A 627 31.82 11.40 36.34
C MET A 627 30.96 10.18 36.12
N TYR A 628 31.31 9.38 35.13
CA TYR A 628 30.59 8.16 34.86
C TYR A 628 31.59 7.06 34.70
N LEU A 629 31.32 5.97 35.43
CA LEU A 629 32.16 4.78 35.40
C LEU A 629 31.32 3.56 35.15
N SER A 630 31.80 2.73 34.22
CA SER A 630 31.13 1.48 33.92
C SER A 630 32.19 0.41 33.79
N VAL A 631 31.94 -0.71 34.42
CA VAL A 631 32.85 -1.79 34.39
C VAL A 631 32.01 -2.99 33.98
N LYS A 632 32.40 -3.63 32.86
CA LYS A 632 31.64 -4.74 32.25
C LYS A 632 32.52 -5.98 31.94
N GLY A 633 31.92 -7.17 31.98
CA GLY A 633 32.54 -8.37 31.50
C GLY A 633 32.41 -9.50 32.53
N TYR A 634 33.37 -10.43 32.54
CA TYR A 634 33.32 -11.56 33.43
C TYR A 634 33.45 -11.07 34.84
N ASN A 635 32.52 -11.48 35.68
CA ASN A 635 32.47 -10.99 37.06
C ASN A 635 33.63 -11.53 37.89
N ASP A 636 34.16 -12.70 37.57
CA ASP A 636 35.28 -13.31 38.33
C ASP A 636 36.29 -12.30 38.91
N LYS A 637 37.01 -11.59 38.06
CA LYS A 637 38.08 -10.77 38.51
C LYS A 637 37.67 -9.29 38.51
N GLN A 638 36.37 -9.07 38.35
CA GLN A 638 35.82 -7.72 38.19
C GLN A 638 36.09 -6.78 39.39
N PRO A 639 35.80 -7.22 40.64
CA PRO A 639 36.19 -6.42 41.85
C PRO A 639 37.63 -5.97 41.84
N ILE A 640 38.53 -6.77 41.31
CA ILE A 640 39.91 -6.36 41.33
C ILE A 640 40.19 -5.11 40.47
N LEU A 641 39.59 -5.02 39.30
CA LEU A 641 39.86 -3.89 38.42
C LEU A 641 39.16 -2.63 39.00
N LEU A 642 37.90 -2.81 39.42
CA LEU A 642 37.17 -1.78 40.12
C LEU A 642 38.00 -1.19 41.25
N LYS A 643 38.55 -2.01 42.19
CA LYS A 643 39.28 -1.41 43.34
C LYS A 643 40.39 -0.62 42.76
N LYS A 644 41.18 -1.22 41.84
CA LYS A 644 42.33 -0.47 41.28
C LYS A 644 41.90 0.89 40.68
N ILE A 645 40.74 0.95 40.03
CA ILE A 645 40.39 2.19 39.37
C ILE A 645 40.11 3.28 40.42
N ILE A 646 39.25 2.98 41.37
CA ILE A 646 38.90 3.94 42.40
C ILE A 646 40.16 4.30 43.21
N GLU A 647 40.88 3.27 43.61
CA GLU A 647 42.12 3.52 44.32
C GLU A 647 43.02 4.44 43.51
N LYS A 648 43.03 4.33 42.18
CA LYS A 648 43.92 5.19 41.41
C LYS A 648 43.31 6.58 41.30
N MET A 649 42.00 6.65 41.22
CA MET A 649 41.46 7.94 40.99
C MET A 649 41.60 8.82 42.23
N ALA A 650 41.74 8.17 43.36
CA ALA A 650 41.67 8.92 44.59
C ALA A 650 43.01 9.21 45.19
N THR A 651 44.09 8.88 44.49
CA THR A 651 45.43 8.99 45.00
C THR A 651 46.33 9.29 43.83
N PHE A 652 45.72 9.91 42.84
CA PHE A 652 46.34 10.00 41.54
C PHE A 652 47.47 11.00 41.54
N GLU A 653 48.62 10.61 40.99
CA GLU A 653 49.77 11.52 40.81
C GLU A 653 50.00 11.79 39.31
N ILE A 654 49.85 13.04 38.88
CA ILE A 654 50.04 13.39 37.49
C ILE A 654 51.49 13.49 37.10
N ASP A 655 51.86 12.87 36.00
CA ASP A 655 53.18 13.06 35.43
C ASP A 655 53.05 14.33 34.60
N GLU A 656 53.98 15.26 34.79
CA GLU A 656 53.92 16.47 34.02
C GLU A 656 54.03 16.29 32.48
N LYS A 657 54.93 15.44 32.00
CA LYS A 657 55.04 15.20 30.54
C LYS A 657 53.70 14.68 29.85
N ARG A 658 53.01 13.79 30.55
CA ARG A 658 51.74 13.23 30.09
C ARG A 658 50.67 14.30 30.10
N PHE A 659 50.61 15.08 31.18
CA PHE A 659 49.80 16.32 31.23
C PHE A 659 49.96 17.26 30.00
N GLU A 660 51.18 17.48 29.51
CA GLU A 660 51.37 18.48 28.49
C GLU A 660 50.88 17.94 27.16
N ILE A 661 51.26 16.68 26.91
CA ILE A 661 50.88 15.96 25.72
C ILE A 661 49.35 15.81 25.61
N ILE A 662 48.69 15.38 26.68
CA ILE A 662 47.23 15.28 26.64
C ILE A 662 46.54 16.67 26.57
N LYS A 663 47.07 17.64 27.30
CA LYS A 663 46.59 19.02 27.13
C LYS A 663 46.61 19.41 25.62
N GLU A 664 47.73 19.16 24.95
CA GLU A 664 47.88 19.54 23.56
C GLU A 664 46.91 18.70 22.70
N ALA A 665 46.69 17.42 22.99
CA ALA A 665 45.79 16.64 22.10
C ALA A 665 44.38 17.16 22.28
N TYR A 666 44.08 17.60 23.50
CA TYR A 666 42.73 18.00 23.79
C TYR A 666 42.44 19.28 23.08
N MET A 667 43.48 20.13 22.94
CA MET A 667 43.32 21.43 22.26
C MET A 667 42.98 21.16 20.80
N ARG A 668 43.71 20.21 20.20
CA ARG A 668 43.44 19.92 18.80
C ARG A 668 42.03 19.38 18.63
N SER A 669 41.63 18.63 19.63
CA SER A 669 40.40 17.91 19.60
C SER A 669 39.20 18.90 19.57
N LEU A 670 39.13 19.81 20.52
CA LEU A 670 38.35 21.05 20.38
C LEU A 670 38.42 21.78 19.02
N ASN A 671 39.61 22.05 18.52
CA ASN A 671 39.67 22.75 17.24
C ASN A 671 39.04 21.92 16.17
N ASN A 672 39.32 20.62 16.21
CA ASN A 672 38.85 19.76 15.14
C ASN A 672 37.33 19.66 15.07
N PHE A 673 36.62 20.23 16.04
CA PHE A 673 35.22 20.30 15.88
C PHE A 673 34.85 21.01 14.60
N ARG A 674 35.65 22.00 14.20
CA ARG A 674 35.26 22.74 13.06
C ARG A 674 35.21 21.78 11.84
N ALA A 675 35.75 20.55 11.93
CA ALA A 675 35.67 19.66 10.76
C ALA A 675 34.59 18.58 10.81
N GLU A 676 33.85 18.45 11.93
CA GLU A 676 32.68 17.57 11.95
C GLU A 676 31.65 18.03 10.89
N GLN A 677 30.71 17.15 10.55
CA GLN A 677 29.76 17.37 9.46
C GLN A 677 28.70 18.35 9.85
N PRO A 678 28.15 19.06 8.84
CA PRO A 678 27.15 20.13 9.05
C PRO A 678 26.01 19.68 9.95
N HIS A 679 25.53 18.45 9.75
CA HIS A 679 24.41 18.01 10.54
C HIS A 679 24.83 17.79 12.01
N GLN A 680 26.07 17.32 12.22
CA GLN A 680 26.57 17.21 13.59
C GLN A 680 26.63 18.58 14.28
N HIS A 681 27.01 19.62 13.52
CA HIS A 681 27.03 20.97 13.99
C HIS A 681 25.61 21.38 14.32
N ALA A 682 24.66 21.14 13.42
CA ALA A 682 23.28 21.52 13.74
C ALA A 682 22.85 20.89 15.08
N MET A 683 23.15 19.61 15.26
CA MET A 683 22.68 18.94 16.46
C MET A 683 23.42 19.55 17.63
N TYR A 684 24.69 19.86 17.46
CA TYR A 684 25.43 20.34 18.56
C TYR A 684 24.90 21.71 19.04
N TYR A 685 24.64 22.62 18.11
CA TYR A 685 24.10 23.93 18.48
C TYR A 685 22.69 23.84 19.12
N LEU A 686 21.89 22.89 18.68
CA LEU A 686 20.59 22.82 19.29
C LEU A 686 20.73 22.40 20.78
N ARG A 687 21.66 21.46 21.07
CA ARG A 687 21.92 21.07 22.46
C ARG A 687 22.25 22.32 23.29
N LEU A 688 23.13 23.20 22.77
CA LEU A 688 23.58 24.37 23.47
C LEU A 688 22.46 25.32 23.68
N LEU A 689 21.61 25.51 22.65
CA LEU A 689 20.52 26.49 22.73
C LEU A 689 19.45 26.11 23.77
N MET A 690 19.14 24.82 23.86
CA MET A 690 17.97 24.35 24.59
C MET A 690 18.23 23.89 26.03
N THR A 691 19.49 23.75 26.42
CA THR A 691 19.82 23.31 27.78
C THR A 691 20.18 24.52 28.59
N GLU A 692 19.75 24.53 29.85
CA GLU A 692 20.05 25.60 30.79
C GLU A 692 21.49 26.05 30.79
N VAL A 693 22.40 25.11 31.02
CA VAL A 693 23.82 25.45 31.11
C VAL A 693 24.59 24.50 30.16
N ALA A 694 25.49 25.07 29.35
CA ALA A 694 26.26 24.33 28.34
C ALA A 694 27.41 25.21 27.92
N TRP A 695 28.64 24.77 28.22
CA TRP A 695 29.80 25.49 27.74
C TRP A 695 30.16 25.14 26.27
N THR A 696 30.42 26.15 25.44
CA THR A 696 30.69 25.90 24.03
C THR A 696 32.13 25.45 23.79
N LYS A 697 32.45 24.93 22.59
CA LYS A 697 33.81 24.48 22.29
C LYS A 697 34.73 25.65 22.37
N ASP A 698 34.27 26.81 21.93
CA ASP A 698 35.09 28.02 21.93
C ASP A 698 35.41 28.36 23.35
N GLU A 699 34.40 28.28 24.23
CA GLU A 699 34.62 28.66 25.62
C GLU A 699 35.57 27.70 26.24
N LEU A 700 35.48 26.44 25.85
CA LEU A 700 36.38 25.45 26.40
C LEU A 700 37.80 25.64 25.87
N LYS A 701 37.92 25.97 24.57
CA LYS A 701 39.23 26.22 23.95
C LYS A 701 39.87 27.42 24.65
N GLU A 702 39.12 28.48 24.80
CA GLU A 702 39.67 29.65 25.46
C GLU A 702 40.15 29.39 26.90
N ALA A 703 39.35 28.75 27.70
CA ALA A 703 39.73 28.47 29.08
C ALA A 703 40.88 27.45 29.20
N LEU A 704 41.22 26.78 28.12
CA LEU A 704 42.17 25.70 28.28
C LEU A 704 43.67 26.12 28.44
N ASP A 705 44.08 27.30 27.94
CA ASP A 705 45.44 27.80 28.21
C ASP A 705 45.62 28.06 29.70
N ASP A 706 44.53 28.43 30.39
CA ASP A 706 44.56 28.64 31.85
C ASP A 706 44.69 27.38 32.73
N VAL A 707 44.71 26.20 32.11
CA VAL A 707 44.84 25.00 32.92
C VAL A 707 46.33 24.75 33.15
N THR A 708 46.77 24.77 34.40
CA THR A 708 48.18 24.52 34.66
C THR A 708 48.29 23.29 35.50
N LEU A 709 49.49 22.69 35.51
CA LEU A 709 49.75 21.55 36.38
C LEU A 709 49.35 21.82 37.83
N PRO A 710 49.84 22.94 38.42
CA PRO A 710 49.43 23.24 39.81
C PRO A 710 47.91 23.29 39.95
N ARG A 711 47.25 23.96 39.02
CA ARG A 711 45.83 24.13 39.13
C ARG A 711 45.03 22.81 39.08
N LEU A 712 45.42 21.90 38.16
CA LEU A 712 44.82 20.58 38.07
C LEU A 712 45.04 19.74 39.32
N LYS A 713 46.28 19.74 39.84
CA LYS A 713 46.61 19.07 41.12
C LYS A 713 45.68 19.49 42.24
N ALA A 714 45.30 20.75 42.27
CA ALA A 714 44.36 21.24 43.29
C ALA A 714 42.89 20.86 43.06
N PHE A 715 42.49 20.87 41.81
CA PHE A 715 41.16 20.46 41.42
C PHE A 715 40.73 19.07 41.84
N ILE A 716 41.61 18.09 41.64
CA ILE A 716 41.22 16.68 41.89
C ILE A 716 40.66 16.40 43.31
N PRO A 717 41.41 16.81 44.36
CA PRO A 717 40.93 16.58 45.76
C PRO A 717 39.63 17.29 46.00
N GLN A 718 39.50 18.43 45.36
CA GLN A 718 38.33 19.24 45.45
C GLN A 718 37.14 18.49 44.83
N LEU A 719 37.31 17.98 43.61
CA LEU A 719 36.23 17.23 42.92
C LEU A 719 35.74 16.08 43.80
N LEU A 720 36.71 15.39 44.39
CA LEU A 720 36.45 14.17 45.12
C LEU A 720 35.90 14.39 46.53
N SER A 721 35.99 15.64 46.99
CA SER A 721 35.79 15.94 48.40
C SER A 721 34.31 15.80 48.75
N ARG A 722 33.43 15.99 47.80
CA ARG A 722 32.03 15.76 48.08
C ARG A 722 31.35 15.17 46.86
N LEU A 723 30.70 14.02 47.08
CA LEU A 723 30.04 13.28 45.99
C LEU A 723 28.78 12.68 46.44
N HIS A 724 27.92 12.44 45.49
CA HIS A 724 26.86 11.47 45.61
C HIS A 724 27.13 10.37 44.55
N ILE A 725 26.80 9.10 44.84
CA ILE A 725 27.00 8.03 43.89
C ILE A 725 25.69 7.33 43.68
N GLU A 726 25.21 7.27 42.44
CA GLU A 726 24.07 6.45 42.14
C GLU A 726 24.54 5.35 41.16
N ALA A 727 24.26 4.10 41.50
CA ALA A 727 24.87 2.97 40.85
C ALA A 727 23.80 1.98 40.44
N LEU A 728 24.04 1.28 39.34
CA LEU A 728 23.26 0.08 38.98
C LEU A 728 24.22 -1.12 38.90
N LEU A 729 24.03 -2.12 39.76
CA LEU A 729 24.80 -3.35 39.66
C LEU A 729 23.84 -4.41 39.24
N HIS A 730 24.17 -5.06 38.11
CA HIS A 730 23.23 -5.93 37.35
C HIS A 730 24.02 -7.03 36.69
N GLY A 731 23.66 -8.26 36.99
CA GLY A 731 24.48 -9.41 36.64
C GLY A 731 24.47 -10.71 37.45
N ASN A 732 25.49 -11.51 37.20
CA ASN A 732 25.77 -12.68 37.99
C ASN A 732 26.44 -12.29 39.33
N ILE A 733 25.69 -11.58 40.17
CA ILE A 733 26.10 -11.26 41.52
C ILE A 733 24.90 -11.25 42.47
N THR A 734 25.20 -11.50 43.75
CA THR A 734 24.21 -11.45 44.83
C THR A 734 24.04 -10.01 45.39
N LYS A 735 22.89 -9.80 46.03
CA LYS A 735 22.67 -8.60 46.90
C LYS A 735 23.85 -8.28 47.79
N GLN A 736 24.32 -9.28 48.51
CA GLN A 736 25.44 -9.11 49.39
C GLN A 736 26.71 -8.71 48.65
N ALA A 737 26.94 -9.27 47.46
CA ALA A 737 28.13 -8.91 46.72
C ALA A 737 27.95 -7.49 46.21
N ALA A 738 26.72 -7.15 45.80
CA ALA A 738 26.45 -5.82 45.31
C ALA A 738 26.76 -4.78 46.39
N LEU A 739 26.17 -4.98 47.59
CA LEU A 739 26.42 -4.03 48.69
C LEU A 739 27.89 -3.97 49.00
N GLY A 740 28.56 -5.11 48.93
CA GLY A 740 29.98 -5.09 49.27
C GLY A 740 30.76 -4.28 48.26
N ILE A 741 30.35 -4.32 47.00
CA ILE A 741 31.07 -3.62 45.93
C ILE A 741 30.80 -2.15 46.06
N MET A 742 29.53 -1.82 46.33
CA MET A 742 29.16 -0.45 46.53
C MET A 742 29.95 0.10 47.67
N GLN A 743 29.94 -0.57 48.82
CA GLN A 743 30.61 -0.02 49.99
C GLN A 743 32.08 0.02 49.83
N MET A 744 32.66 -0.95 49.15
CA MET A 744 34.09 -0.80 48.87
C MET A 744 34.48 0.46 48.05
N VAL A 745 33.66 0.80 47.06
CA VAL A 745 33.88 2.02 46.30
C VAL A 745 33.90 3.20 47.28
N GLU A 746 32.81 3.36 48.03
CA GLU A 746 32.70 4.43 49.05
C GLU A 746 33.87 4.49 49.99
N ASP A 747 34.29 3.33 50.55
CA ASP A 747 35.36 3.28 51.53
C ASP A 747 36.70 3.68 50.95
N THR A 748 36.87 3.46 49.65
CA THR A 748 38.15 3.81 49.07
C THR A 748 38.19 5.32 48.94
N LEU A 749 37.06 5.92 48.54
CA LEU A 749 37.02 7.36 48.38
C LEU A 749 37.26 8.03 49.71
N ILE A 750 36.42 7.69 50.69
CA ILE A 750 36.63 8.02 52.09
C ILE A 750 38.09 7.84 52.58
N GLU A 751 38.71 6.69 52.39
CA GLU A 751 40.05 6.53 52.94
C GLU A 751 41.02 7.50 52.32
N HIS A 752 40.91 7.80 51.03
CA HIS A 752 42.03 8.38 50.32
C HIS A 752 41.84 9.80 49.91
N ALA A 753 40.59 10.21 49.84
CA ALA A 753 40.28 11.59 49.46
C ALA A 753 39.20 12.20 50.39
N HIS A 754 38.86 11.52 51.48
CA HIS A 754 38.04 12.09 52.55
C HIS A 754 36.64 12.53 52.09
N THR A 755 36.11 11.85 51.10
CA THR A 755 34.89 12.26 50.48
C THR A 755 33.79 12.36 51.49
N LYS A 756 32.97 13.41 51.37
CA LYS A 756 31.77 13.49 52.21
C LYS A 756 30.49 13.56 51.38
N PRO A 757 29.38 13.29 51.99
CA PRO A 757 28.15 13.30 51.21
C PRO A 757 27.77 14.66 50.58
N LEU A 758 26.86 14.63 49.62
CA LEU A 758 26.37 15.83 49.03
C LEU A 758 24.90 16.09 49.47
N LEU A 759 24.38 17.29 49.27
CA LEU A 759 23.05 17.66 49.80
C LEU A 759 21.92 17.32 48.80
N PRO A 760 20.79 16.77 49.30
CA PRO A 760 19.68 16.46 48.37
C PRO A 760 19.48 17.55 47.35
N SER A 761 19.47 18.80 47.82
CA SER A 761 19.20 19.93 46.95
C SER A 761 20.32 20.26 46.01
N GLN A 762 21.55 19.79 46.26
CA GLN A 762 22.67 20.10 45.34
C GLN A 762 22.61 19.14 44.16
N LEU A 763 21.60 18.27 44.12
CA LEU A 763 21.46 17.31 43.01
C LEU A 763 20.74 18.01 41.84
N VAL A 764 21.29 19.20 41.48
CA VAL A 764 20.84 20.01 40.32
C VAL A 764 20.78 19.20 38.99
N ARG A 765 19.59 18.80 38.53
CA ARG A 765 19.46 18.43 37.13
C ARG A 765 19.18 19.72 36.25
N TYR A 766 19.65 19.78 35.00
CA TYR A 766 19.46 21.01 34.20
C TYR A 766 18.15 21.00 33.46
N ARG A 767 17.61 22.18 33.14
CA ARG A 767 16.29 22.26 32.46
C ARG A 767 16.37 22.55 30.93
N GLU A 768 15.28 22.28 30.25
CA GLU A 768 15.15 22.73 28.89
C GLU A 768 14.37 24.06 28.72
N VAL A 769 14.98 24.96 27.98
CA VAL A 769 14.34 26.19 27.53
C VAL A 769 12.87 25.99 27.11
N GLN A 770 11.99 26.82 27.66
CA GLN A 770 10.61 26.64 27.31
C GLN A 770 10.22 27.63 26.27
N LEU A 771 9.82 27.09 25.13
CA LEU A 771 9.54 27.90 23.98
C LEU A 771 8.08 28.40 24.06
N PRO A 772 7.81 29.62 23.54
CA PRO A 772 6.52 30.31 23.47
C PRO A 772 5.60 29.79 22.42
N ASP A 773 4.33 29.58 22.76
CA ASP A 773 3.33 29.29 21.74
C ASP A 773 3.55 30.08 20.45
N ARG A 774 3.50 29.44 19.27
CA ARG A 774 3.44 30.15 17.97
C ARG A 774 4.73 30.83 17.60
N GLY A 775 5.74 30.63 18.39
CA GLY A 775 7.01 31.25 18.08
C GLY A 775 7.91 30.35 17.20
N TRP A 776 8.86 30.96 16.51
CA TRP A 776 9.76 30.27 15.67
C TRP A 776 11.08 31.00 15.71
N PHE A 777 12.14 30.30 16.10
CA PHE A 777 13.48 30.91 16.21
C PHE A 777 14.42 30.15 15.33
N VAL A 778 15.27 30.91 14.64
CA VAL A 778 16.30 30.35 13.81
C VAL A 778 17.65 30.72 14.40
N TYR A 779 18.58 29.77 14.45
CA TYR A 779 20.02 30.04 14.68
C TYR A 779 20.84 29.56 13.48
N GLN A 780 21.68 30.47 12.99
CA GLN A 780 22.41 30.20 11.80
C GLN A 780 23.90 30.28 12.01
N GLN A 781 24.64 29.32 11.44
CA GLN A 781 26.09 29.32 11.44
C GLN A 781 26.63 28.72 10.17
N ARG A 782 27.95 28.78 10.01
CA ARG A 782 28.56 28.25 8.79
C ARG A 782 29.52 27.13 9.10
N ASN A 783 29.45 26.05 8.31
CA ASN A 783 30.51 25.06 8.35
C ASN A 783 31.64 25.49 7.43
N GLU A 784 32.85 25.57 7.92
CA GLU A 784 33.84 26.09 7.03
C GLU A 784 34.65 25.09 6.29
N VAL A 785 34.31 23.82 6.44
CA VAL A 785 35.09 22.73 5.90
C VAL A 785 34.31 21.99 4.84
N HIS A 786 33.05 21.64 5.13
CA HIS A 786 32.18 20.83 4.28
C HIS A 786 31.29 21.66 3.35
N ASN A 787 31.08 21.23 2.12
CA ASN A 787 30.33 22.11 1.26
C ASN A 787 28.90 21.62 1.15
N ASN A 788 28.37 21.16 2.27
CA ASN A 788 26.98 20.72 2.36
C ASN A 788 26.38 21.57 3.43
N SER A 789 25.09 21.71 3.45
CA SER A 789 24.50 22.38 4.58
C SER A 789 23.85 21.38 5.53
N GLY A 790 23.46 21.84 6.71
CA GLY A 790 22.77 20.95 7.64
C GLY A 790 21.69 21.67 8.40
N ILE A 791 20.69 20.93 8.84
CA ILE A 791 19.58 21.54 9.51
C ILE A 791 19.01 20.58 10.51
N GLU A 792 18.62 21.13 11.65
CA GLU A 792 17.77 20.43 12.59
C GLU A 792 16.56 21.29 12.89
N ILE A 793 15.39 20.70 12.75
CA ILE A 793 14.17 21.42 13.06
C ILE A 793 13.55 20.75 14.27
N TYR A 794 13.28 21.53 15.30
CA TYR A 794 12.73 20.95 16.50
C TYR A 794 11.34 21.52 16.83
N TYR A 795 10.34 20.67 16.69
CA TYR A 795 8.98 21.06 17.10
C TYR A 795 8.79 20.58 18.54
N GLN A 796 9.09 21.46 19.51
CA GLN A 796 9.06 21.08 20.92
C GLN A 796 7.58 20.84 21.28
N THR A 797 7.28 19.75 21.98
CA THR A 797 5.90 19.55 22.43
C THR A 797 5.57 19.90 23.88
N ASP A 798 5.92 19.05 24.83
CA ASP A 798 5.62 19.24 26.24
C ASP A 798 6.42 18.22 27.08
N MET A 799 6.35 18.28 28.41
CA MET A 799 7.07 17.35 29.27
C MET A 799 6.82 15.90 28.86
N GLN A 800 7.80 15.04 29.03
CA GLN A 800 7.54 13.63 28.87
C GLN A 800 6.46 13.17 29.82
N SER A 801 5.73 12.14 29.47
CA SER A 801 4.77 11.56 30.39
C SER A 801 4.00 10.50 29.62
N THR A 802 3.30 9.63 30.30
CA THR A 802 2.72 8.57 29.56
C THR A 802 1.98 9.01 28.29
N SER A 803 1.22 10.09 28.34
CA SER A 803 0.36 10.38 27.20
C SER A 803 1.10 11.18 26.15
N GLU A 804 1.84 12.20 26.57
CA GLU A 804 2.56 12.97 25.59
C GLU A 804 3.65 12.09 24.92
N ASN A 805 4.22 11.11 25.64
CA ASN A 805 5.20 10.17 25.08
C ASN A 805 4.61 9.36 23.93
N MET A 806 3.44 8.79 24.19
CA MET A 806 2.84 7.98 23.15
C MET A 806 2.24 8.79 22.00
N PHE A 807 1.73 9.99 22.23
CA PHE A 807 1.29 10.81 21.11
C PHE A 807 2.45 11.02 20.12
N LEU A 808 3.54 11.60 20.63
CA LEU A 808 4.77 11.84 19.90
C LEU A 808 5.34 10.56 19.26
N GLU A 809 5.41 9.46 20.02
CA GLU A 809 5.90 8.23 19.45
C GLU A 809 5.06 7.69 18.26
N LEU A 810 3.73 7.73 18.34
CA LEU A 810 2.89 7.17 17.29
C LEU A 810 2.97 7.98 16.06
N PHE A 811 2.97 9.29 16.26
CA PHE A 811 3.08 10.14 15.16
C PHE A 811 4.40 9.91 14.49
N ALA A 812 5.48 9.69 15.26
CA ALA A 812 6.82 9.45 14.66
C ALA A 812 6.82 8.13 13.91
N GLN A 813 6.13 7.17 14.45
CA GLN A 813 6.04 5.90 13.78
C GLN A 813 5.38 6.05 12.42
N ILE A 814 4.32 6.85 12.35
CA ILE A 814 3.49 6.88 11.20
C ILE A 814 4.29 7.63 10.18
N ILE A 815 5.15 8.56 10.61
CA ILE A 815 5.78 9.41 9.58
C ILE A 815 7.15 8.90 9.23
N SER A 816 7.61 7.89 9.92
CA SER A 816 9.00 7.52 9.84
C SER A 816 9.43 7.12 8.41
N GLU A 817 8.77 6.14 7.78
CA GLU A 817 9.16 5.82 6.44
C GLU A 817 8.73 6.83 5.39
N PRO A 818 7.53 7.40 5.54
CA PRO A 818 7.24 8.48 4.56
C PRO A 818 8.21 9.61 4.57
N ALA A 819 8.72 10.00 5.74
CA ALA A 819 9.67 11.10 5.73
C ALA A 819 10.85 10.72 4.84
N PHE A 820 11.35 9.49 5.02
CA PHE A 820 12.48 9.04 4.28
C PHE A 820 12.10 8.95 2.79
N ASN A 821 10.97 8.34 2.51
CA ASN A 821 10.60 8.12 1.16
C ASN A 821 10.43 9.41 0.37
N THR A 822 9.90 10.43 1.07
CA THR A 822 9.59 11.72 0.48
C THR A 822 10.78 12.62 0.38
N LEU A 823 11.34 12.95 1.51
CA LEU A 823 12.46 13.89 1.56
C LEU A 823 13.73 13.36 0.91
N ARG A 824 13.91 12.06 0.91
CA ARG A 824 15.10 11.50 0.30
C ARG A 824 14.77 10.81 -1.05
N THR A 825 14.01 9.71 -1.04
CA THR A 825 13.76 8.92 -2.21
C THR A 825 13.11 9.72 -3.33
N LYS A 826 12.04 10.46 -3.00
CA LYS A 826 11.41 11.32 -4.02
C LYS A 826 12.13 12.61 -4.32
N GLU A 827 12.44 13.38 -3.27
CA GLU A 827 12.92 14.77 -3.46
C GLU A 827 14.41 14.80 -3.44
N GLN A 828 15.00 13.71 -2.93
CA GLN A 828 16.44 13.59 -2.99
C GLN A 828 17.09 14.86 -2.35
N LEU A 829 16.68 15.23 -1.14
CA LEU A 829 17.33 16.37 -0.51
C LEU A 829 18.74 16.07 -0.04
N GLY A 830 19.03 14.84 0.35
CA GLY A 830 20.37 14.49 0.75
C GLY A 830 20.40 13.01 1.11
N TYR A 831 21.56 12.53 1.51
CA TYR A 831 21.68 11.16 1.91
C TYR A 831 21.19 11.02 3.35
N ILE A 832 21.52 11.98 4.21
CA ILE A 832 21.12 11.92 5.59
C ILE A 832 19.80 12.60 5.67
N VAL A 833 18.74 11.80 5.84
CA VAL A 833 17.41 12.27 6.19
C VAL A 833 16.86 11.52 7.41
N PHE A 834 16.66 12.26 8.49
CA PHE A 834 16.25 11.65 9.74
C PHE A 834 15.01 12.32 10.33
N SER A 835 14.17 11.52 10.98
CA SER A 835 13.11 12.11 11.75
C SER A 835 12.80 11.25 12.98
N GLY A 836 12.19 11.84 14.03
CA GLY A 836 11.78 11.04 15.18
C GLY A 836 11.70 11.88 16.47
N PRO A 837 11.43 11.22 17.60
CA PRO A 837 11.33 11.98 18.83
C PRO A 837 12.67 12.57 19.19
N ARG A 838 12.71 13.78 19.74
CA ARG A 838 13.87 14.26 20.46
C ARG A 838 13.52 14.33 21.93
N ARG A 839 14.36 13.75 22.80
CA ARG A 839 14.10 13.71 24.28
C ARG A 839 15.28 14.36 24.97
N ALA A 840 15.05 15.36 25.79
CA ALA A 840 16.19 15.87 26.59
C ALA A 840 15.62 16.55 27.78
N ASN A 841 16.33 16.35 28.89
CA ASN A 841 16.08 17.02 30.14
C ASN A 841 14.63 16.88 30.58
N GLY A 842 13.99 15.76 30.26
CA GLY A 842 12.62 15.57 30.64
C GLY A 842 11.59 16.12 29.65
N ILE A 843 12.06 16.88 28.68
CA ILE A 843 11.18 17.42 27.68
C ILE A 843 11.34 16.67 26.34
N GLN A 844 10.46 16.94 25.38
CA GLN A 844 10.44 16.26 24.12
C GLN A 844 9.76 17.01 22.97
N GLY A 845 9.94 16.47 21.77
CA GLY A 845 9.36 17.03 20.56
C GLY A 845 9.74 16.16 19.37
N LEU A 846 9.53 16.70 18.19
CA LEU A 846 9.71 16.00 16.95
C LEU A 846 10.81 16.69 16.30
N ARG A 847 11.72 15.93 15.68
CA ARG A 847 12.78 16.61 14.91
C ARG A 847 13.04 16.06 13.54
N PHE A 848 13.58 16.95 12.73
CA PHE A 848 14.04 16.60 11.43
C PHE A 848 15.51 16.91 11.38
N ILE A 849 16.32 15.93 10.98
CA ILE A 849 17.69 16.25 10.62
C ILE A 849 17.94 15.85 9.19
N ILE A 850 18.52 16.79 8.42
CA ILE A 850 18.84 16.65 7.00
C ILE A 850 20.18 17.34 6.77
N GLN A 851 21.01 16.72 5.91
CA GLN A 851 22.20 17.33 5.37
C GLN A 851 22.08 17.32 3.83
N SER A 852 22.35 18.46 3.21
CA SER A 852 21.96 18.62 1.84
C SER A 852 22.83 19.57 1.07
N GLU A 853 22.68 19.58 -0.23
CA GLU A 853 23.35 20.60 -1.00
C GLU A 853 22.44 21.88 -1.09
N LYS A 854 21.13 21.71 -0.95
CA LYS A 854 20.16 22.79 -0.99
C LYS A 854 20.27 23.73 0.27
N PRO A 855 19.83 25.02 0.16
CA PRO A 855 19.96 25.93 1.31
C PRO A 855 18.91 25.61 2.35
N PRO A 856 19.24 25.76 3.65
CA PRO A 856 18.27 25.48 4.72
C PRO A 856 16.93 26.19 4.57
N HIS A 857 16.84 27.45 4.17
CA HIS A 857 15.49 28.04 4.12
C HIS A 857 14.66 27.14 3.26
N TYR A 858 15.32 26.48 2.35
CA TYR A 858 14.67 25.60 1.40
C TYR A 858 14.29 24.25 1.98
N LEU A 859 15.25 23.62 2.65
CA LEU A 859 14.95 22.41 3.41
C LEU A 859 13.73 22.62 4.31
N GLU A 860 13.70 23.75 4.96
CA GLU A 860 12.64 24.07 5.84
C GLU A 860 11.25 23.97 5.16
N SER A 861 11.13 24.62 4.01
CA SER A 861 9.88 24.52 3.31
C SER A 861 9.53 23.14 2.79
N ARG A 862 10.50 22.30 2.49
CA ARG A 862 10.09 20.97 2.12
C ARG A 862 9.62 20.12 3.27
N VAL A 863 10.22 20.34 4.44
CA VAL A 863 9.75 19.67 5.64
C VAL A 863 8.33 20.10 5.95
N GLU A 864 8.05 21.39 5.82
CA GLU A 864 6.70 21.90 6.10
C GLU A 864 5.70 21.36 5.09
N ALA A 865 6.09 21.35 3.80
CA ALA A 865 5.31 20.64 2.79
C ALA A 865 5.06 19.23 3.22
N PHE A 866 6.11 18.56 3.65
CA PHE A 866 5.93 17.15 3.99
C PHE A 866 4.89 16.96 5.10
N LEU A 867 4.90 17.87 6.07
CA LEU A 867 4.04 17.71 7.24
C LEU A 867 2.57 17.83 6.85
N ILE A 868 2.28 18.75 5.91
CA ILE A 868 0.91 18.81 5.38
C ILE A 868 0.53 17.51 4.70
N THR A 869 1.34 17.03 3.77
CA THR A 869 1.11 15.66 3.25
C THR A 869 0.77 14.63 4.33
N MET A 870 1.53 14.61 5.44
CA MET A 870 1.22 13.69 6.53
C MET A 870 -0.12 13.87 7.21
N GLU A 871 -0.59 15.09 7.45
CA GLU A 871 -1.91 15.23 8.11
C GLU A 871 -2.96 14.62 7.18
N LYS A 872 -2.85 14.99 5.88
CA LYS A 872 -3.63 14.37 4.79
C LYS A 872 -3.63 12.84 4.83
N SER A 873 -2.44 12.27 4.88
CA SER A 873 -2.28 10.85 4.94
C SER A 873 -3.02 10.18 6.10
N ILE A 874 -2.99 10.82 7.25
CA ILE A 874 -3.60 10.25 8.44
C ILE A 874 -5.13 10.34 8.35
N GLU A 875 -5.61 11.42 7.73
CA GLU A 875 -7.01 11.54 7.35
C GLU A 875 -7.39 10.45 6.36
N ASP A 876 -6.69 10.34 5.25
CA ASP A 876 -6.96 9.31 4.24
C ASP A 876 -6.73 7.85 4.65
N MET A 877 -6.06 7.55 5.75
CA MET A 877 -5.77 6.12 6.04
C MET A 877 -6.85 5.34 6.77
N THR A 878 -6.94 4.05 6.44
CA THR A 878 -7.95 3.17 7.03
C THR A 878 -7.67 3.00 8.51
N GLU A 879 -8.70 2.73 9.30
CA GLU A 879 -8.53 2.30 10.69
C GLU A 879 -7.48 1.19 10.78
N GLU A 880 -7.52 0.25 9.87
CA GLU A 880 -6.63 -0.84 9.97
C GLU A 880 -5.22 -0.32 9.80
N ALA A 881 -4.96 0.45 8.75
CA ALA A 881 -3.63 1.03 8.60
C ALA A 881 -3.21 1.74 9.88
N PHE A 882 -4.15 2.42 10.51
CA PHE A 882 -3.88 3.07 11.77
C PHE A 882 -3.41 2.09 12.87
N GLN A 883 -4.13 0.98 13.00
CA GLN A 883 -3.83 -0.03 14.00
C GLN A 883 -2.54 -0.81 13.77
N LYS A 884 -2.10 -0.89 12.50
CA LYS A 884 -0.90 -1.62 12.17
C LYS A 884 0.22 -0.77 12.76
N HIS A 885 0.15 0.55 12.55
CA HIS A 885 1.15 1.42 13.10
C HIS A 885 1.19 1.30 14.61
N ILE A 886 0.03 1.19 15.28
CA ILE A 886 0.05 1.02 16.74
C ILE A 886 0.80 -0.27 17.10
N GLN A 887 0.51 -1.32 16.34
CA GLN A 887 1.04 -2.65 16.57
C GLN A 887 2.56 -2.66 16.32
N ALA A 888 3.01 -1.95 15.30
CA ALA A 888 4.38 -1.89 14.94
C ALA A 888 5.21 -1.15 16.04
N LEU A 889 4.71 -0.02 16.51
CA LEU A 889 5.37 0.71 17.62
C LEU A 889 5.39 -0.19 18.84
N ALA A 890 4.34 -1.01 19.00
CA ALA A 890 4.19 -1.77 20.21
C ALA A 890 5.21 -2.86 20.21
N ILE A 891 5.24 -3.64 19.11
CA ILE A 891 6.34 -4.60 18.96
C ILE A 891 7.73 -3.94 19.21
N ARG A 892 7.99 -2.74 18.70
CA ARG A 892 9.29 -2.12 18.87
C ARG A 892 9.56 -1.79 20.32
N ARG A 893 8.56 -1.28 21.01
CA ARG A 893 8.74 -0.91 22.41
C ARG A 893 8.89 -2.13 23.27
N LEU A 894 8.27 -3.25 22.87
CA LEU A 894 8.17 -4.43 23.74
C LEU A 894 9.27 -5.47 23.49
N ASP A 895 10.19 -5.16 22.57
CA ASP A 895 11.21 -6.08 22.10
C ASP A 895 12.15 -6.40 23.24
N LYS A 896 12.21 -7.66 23.63
CA LYS A 896 13.08 -8.08 24.74
C LYS A 896 14.57 -7.90 24.45
N PRO A 897 15.35 -7.36 25.40
CA PRO A 897 16.83 -7.41 25.33
C PRO A 897 17.38 -8.84 25.15
N LYS A 898 18.41 -9.00 24.34
CA LYS A 898 18.90 -10.35 24.17
C LYS A 898 20.10 -10.59 25.07
N LYS A 899 20.68 -9.51 25.54
CA LYS A 899 21.87 -9.62 26.31
C LYS A 899 21.86 -8.70 27.54
N LEU A 900 22.67 -9.04 28.53
CA LEU A 900 22.72 -8.30 29.75
C LEU A 900 22.77 -6.78 29.55
N SER A 901 23.66 -6.32 28.70
CA SER A 901 23.93 -4.89 28.72
C SER A 901 22.87 -4.09 27.97
N ALA A 902 22.11 -4.77 27.12
CA ALA A 902 20.94 -4.09 26.57
C ALA A 902 19.92 -3.90 27.68
N GLU A 903 19.83 -4.83 28.62
CA GLU A 903 18.83 -4.74 29.64
C GLU A 903 19.35 -3.67 30.64
N SER A 904 20.65 -3.64 30.90
CA SER A 904 21.17 -2.65 31.77
C SER A 904 20.86 -1.28 31.19
N ALA A 905 21.05 -1.13 29.89
CA ALA A 905 20.97 0.19 29.26
C ALA A 905 19.61 0.72 29.49
N LYS A 906 18.62 -0.17 29.39
CA LYS A 906 17.25 0.24 29.65
C LYS A 906 17.15 0.77 31.09
N TYR A 907 17.64 0.01 32.09
CA TYR A 907 17.55 0.50 33.48
C TYR A 907 18.31 1.79 33.70
N TRP A 908 19.52 1.85 33.19
CA TRP A 908 20.35 2.99 33.37
C TRP A 908 19.70 4.25 32.78
N GLY A 909 19.00 4.14 31.67
CA GLY A 909 18.28 5.28 31.15
C GLY A 909 17.22 5.73 32.14
N GLU A 910 16.54 4.79 32.79
CA GLU A 910 15.56 5.14 33.80
C GLU A 910 16.22 5.84 34.95
N ILE A 911 17.43 5.43 35.34
CA ILE A 911 18.05 6.02 36.49
C ILE A 911 18.67 7.34 36.17
N ILE A 912 19.39 7.47 35.05
CA ILE A 912 20.07 8.71 34.77
C ILE A 912 19.10 9.81 34.42
N SER A 913 17.94 9.50 33.84
CA SER A 913 16.92 10.54 33.61
C SER A 913 16.10 10.86 34.94
N GLN A 914 16.45 10.18 36.03
CA GLN A 914 15.70 10.22 37.28
C GLN A 914 14.20 10.09 37.09
N GLN A 915 13.82 9.25 36.14
CA GLN A 915 12.41 8.92 35.97
C GLN A 915 12.01 7.59 36.61
N TYR A 916 12.96 6.66 36.68
CA TYR A 916 12.80 5.42 37.45
C TYR A 916 11.56 4.65 37.10
N ASN A 917 11.19 4.70 35.82
CA ASN A 917 10.01 3.97 35.44
C ASN A 917 10.34 2.63 34.79
N PHE A 918 10.74 1.67 35.61
CA PHE A 918 11.18 0.40 35.11
C PHE A 918 10.16 -0.36 34.34
N ASP A 919 8.88 -0.15 34.60
CA ASP A 919 7.88 -0.98 33.93
C ASP A 919 7.25 -0.15 32.80
N ARG A 920 7.94 0.90 32.41
CA ARG A 920 7.41 1.84 31.42
C ARG A 920 6.83 1.19 30.20
N ASP A 921 7.51 0.17 29.67
CA ASP A 921 7.07 -0.49 28.46
C ASP A 921 5.63 -1.06 28.50
N ASN A 922 5.21 -1.83 29.51
CA ASN A 922 3.82 -2.31 29.51
C ASN A 922 2.85 -1.16 29.70
N THR A 923 3.28 -0.24 30.53
CA THR A 923 2.47 0.89 30.79
C THR A 923 2.23 1.76 29.52
N GLU A 924 3.31 2.21 28.90
CA GLU A 924 3.20 3.02 27.71
C GLU A 924 2.40 2.32 26.57
N VAL A 925 2.59 1.01 26.46
CA VAL A 925 1.91 0.26 25.41
C VAL A 925 0.41 0.03 25.70
N ALA A 926 0.07 -0.15 26.98
CA ALA A 926 -1.36 -0.25 27.34
C ALA A 926 -2.00 1.02 26.83
N TYR A 927 -1.34 2.12 27.05
CA TYR A 927 -1.96 3.37 26.75
C TYR A 927 -2.05 3.61 25.24
N LEU A 928 -1.01 3.18 24.54
CA LEU A 928 -0.92 3.44 23.14
C LEU A 928 -2.04 2.70 22.43
N LYS A 929 -2.38 1.52 22.93
CA LYS A 929 -3.36 0.68 22.24
C LYS A 929 -4.77 1.35 22.28
N THR A 930 -4.89 2.37 23.10
CA THR A 930 -6.10 3.16 23.28
C THR A 930 -6.31 4.30 22.27
N LEU A 931 -5.27 4.66 21.55
CA LEU A 931 -5.32 5.90 20.84
C LEU A 931 -6.10 5.79 19.53
N THR A 932 -6.64 6.90 19.01
CA THR A 932 -7.39 6.82 17.75
C THR A 932 -6.86 7.78 16.74
N LYS A 933 -7.17 7.54 15.48
CA LYS A 933 -6.82 8.45 14.43
C LYS A 933 -7.10 9.91 14.84
N GLU A 934 -8.21 10.10 15.56
CA GLU A 934 -8.70 11.43 15.83
C GLU A 934 -7.84 12.02 16.95
N ASP A 935 -7.45 11.20 17.93
CA ASP A 935 -6.46 11.65 18.94
C ASP A 935 -5.17 12.15 18.31
N ILE A 936 -4.69 11.44 17.31
CA ILE A 936 -3.48 11.87 16.68
C ILE A 936 -3.69 13.10 15.79
N ILE A 937 -4.83 13.20 15.13
CA ILE A 937 -5.11 14.40 14.35
C ILE A 937 -5.23 15.64 15.28
N LYS A 938 -5.85 15.47 16.45
CA LYS A 938 -6.02 16.57 17.42
C LYS A 938 -4.65 17.05 17.84
N PHE A 939 -3.79 16.08 18.18
CA PHE A 939 -2.42 16.33 18.56
C PHE A 939 -1.67 17.10 17.46
N TYR A 940 -1.79 16.66 16.21
CA TYR A 940 -1.06 17.35 15.15
C TYR A 940 -1.48 18.81 15.06
N LYS A 941 -2.80 18.99 15.08
CA LYS A 941 -3.44 20.30 14.96
C LYS A 941 -3.13 21.23 16.17
N GLU A 942 -3.12 20.68 17.38
CA GLU A 942 -2.73 21.45 18.57
C GLU A 942 -1.22 21.85 18.63
N MET A 943 -0.31 20.93 18.30
CA MET A 943 1.11 21.14 18.58
C MET A 943 2.06 21.25 17.38
N LEU A 944 1.66 20.72 16.21
CA LEU A 944 2.56 20.56 15.10
C LEU A 944 2.17 21.36 13.85
N ALA A 945 0.88 21.48 13.54
CA ALA A 945 0.52 22.15 12.28
C ALA A 945 1.11 23.53 12.20
N VAL A 946 1.29 24.02 11.00
CA VAL A 946 1.88 25.34 10.80
C VAL A 946 1.14 26.49 11.52
N ASP A 947 -0.16 26.36 11.67
CA ASP A 947 -0.89 27.33 12.47
C ASP A 947 -1.52 26.74 13.71
N ALA A 948 -0.87 25.71 14.22
CA ALA A 948 -1.14 25.17 15.54
C ALA A 948 -1.02 26.26 16.63
N PRO A 949 -2.00 26.30 17.55
CA PRO A 949 -1.99 27.27 18.66
C PRO A 949 -0.77 27.13 19.56
N ARG A 950 -0.17 25.94 19.60
CA ARG A 950 0.95 25.67 20.50
C ARG A 950 2.16 25.12 19.78
N ARG A 951 2.41 25.60 18.57
CA ARG A 951 3.59 25.22 17.83
C ARG A 951 4.82 25.87 18.50
N HIS A 952 5.80 25.06 18.89
CA HIS A 952 7.03 25.62 19.40
C HIS A 952 8.23 25.20 18.54
N LYS A 953 8.70 26.07 17.67
CA LYS A 953 9.64 25.70 16.64
C LYS A 953 11.01 26.42 16.79
N VAL A 954 12.07 25.62 16.77
CA VAL A 954 13.44 26.14 16.61
C VAL A 954 14.16 25.37 15.50
N SER A 955 14.96 26.10 14.77
CA SER A 955 15.67 25.55 13.68
C SER A 955 17.10 26.00 13.86
N VAL A 956 18.00 25.07 13.54
CA VAL A 956 19.42 25.43 13.40
C VAL A 956 19.76 25.26 11.95
N HIS A 957 20.30 26.33 11.39
CA HIS A 957 20.72 26.30 10.00
C HIS A 957 22.23 26.33 9.94
N VAL A 958 22.82 25.26 9.42
CA VAL A 958 24.27 25.31 9.18
C VAL A 958 24.56 25.39 7.71
N LEU A 959 25.05 26.55 7.25
CA LEU A 959 25.35 26.77 5.83
C LEU A 959 26.64 26.10 5.38
N ALA A 960 26.67 25.73 4.11
CA ALA A 960 27.81 25.06 3.48
C ALA A 960 28.97 26.03 3.35
N ARG A 961 30.19 25.51 3.37
CA ARG A 961 31.39 26.31 3.10
C ARG A 961 31.41 27.39 2.00
N GLU A 962 30.54 27.24 0.99
CA GLU A 962 30.52 28.20 -0.14
C GLU A 962 29.27 29.08 -0.27
N MET A 963 28.15 28.81 0.46
CA MET A 963 26.95 29.70 0.43
C MET A 963 27.27 31.01 1.15
N ASP A 964 26.61 32.12 0.80
CA ASP A 964 26.77 33.36 1.64
C ASP A 964 25.46 33.55 2.42
N SER A 965 25.49 34.32 3.54
CA SER A 965 24.31 34.43 4.47
C SER A 965 22.97 34.56 3.72
N ASN A 966 21.91 33.86 4.15
CA ASN A 966 20.64 33.96 3.38
C ASN A 966 19.99 35.36 3.34
N ASN A 979 5.66 16.73 -10.15
CA ASN A 979 6.61 17.44 -9.29
C ASN A 979 6.07 17.51 -7.81
N LEU A 980 6.26 18.69 -7.20
CA LEU A 980 6.39 18.86 -5.73
C LEU A 980 5.13 19.31 -5.00
N SER A 981 4.79 18.62 -3.90
CA SER A 981 3.67 19.05 -3.07
C SER A 981 3.85 20.53 -2.60
N GLN A 982 2.73 21.15 -2.25
CA GLN A 982 2.62 22.58 -1.95
C GLN A 982 3.15 22.91 -0.52
N ALA A 983 4.16 23.77 -0.40
CA ALA A 983 4.67 24.23 0.93
C ALA A 983 3.97 25.50 1.43
N PRO A 984 3.50 25.51 2.69
CA PRO A 984 2.73 26.66 3.20
C PRO A 984 3.63 27.87 3.39
N ALA A 985 3.02 29.06 3.38
CA ALA A 985 3.76 30.27 3.69
C ALA A 985 4.06 30.26 5.19
N LEU A 986 5.30 30.61 5.52
CA LEU A 986 5.76 30.64 6.90
C LEU A 986 5.90 32.06 7.48
N PRO A 987 5.77 32.19 8.82
CA PRO A 987 5.97 33.47 9.49
C PRO A 987 7.42 33.95 9.33
N GLN A 988 7.72 35.19 9.72
CA GLN A 988 9.09 35.67 9.81
C GLN A 988 9.70 35.10 11.12
N PRO A 989 10.86 34.43 11.05
CA PRO A 989 11.37 33.88 12.32
C PRO A 989 12.15 34.92 13.13
N GLU A 990 12.07 34.84 14.45
CA GLU A 990 13.07 35.52 15.23
C GLU A 990 14.49 34.85 15.11
N VAL A 991 15.42 35.57 14.52
CA VAL A 991 16.76 35.08 14.39
C VAL A 991 17.55 35.30 15.67
N ILE A 992 18.00 34.21 16.27
CA ILE A 992 18.83 34.24 17.46
C ILE A 992 20.22 34.81 17.18
N GLN A 993 20.56 35.88 17.88
CA GLN A 993 21.85 36.55 17.71
C GLN A 993 22.88 35.98 18.73
N ASN A 994 22.46 35.84 19.98
CA ASN A 994 23.31 35.49 21.08
C ASN A 994 22.66 34.41 21.91
N MET A 995 23.38 33.34 22.21
CA MET A 995 22.78 32.22 22.90
C MET A 995 22.36 32.51 24.32
N THR A 996 23.18 33.27 25.02
CA THR A 996 22.88 33.64 26.39
C THR A 996 21.61 34.52 26.46
N GLU A 997 21.49 35.51 25.57
CA GLU A 997 20.31 36.35 25.59
C GLU A 997 19.02 35.57 25.39
N PHE A 998 19.01 34.78 24.32
CA PHE A 998 17.95 33.88 24.00
C PHE A 998 17.49 33.08 25.19
N LYS A 999 18.44 32.49 25.91
CA LYS A 999 18.07 31.71 27.10
C LYS A 999 17.51 32.52 28.27
N ARG A 1000 18.15 33.69 28.49
CA ARG A 1000 17.75 34.61 29.53
C ARG A 1000 16.30 35.11 29.31
N GLY A 1001 15.84 35.21 28.06
CA GLY A 1001 14.53 35.80 27.76
C GLY A 1001 13.38 34.80 27.65
N LEU A 1002 13.58 33.57 28.15
CA LEU A 1002 12.58 32.54 28.05
C LEU A 1002 12.37 31.85 29.38
N PRO A 1003 11.17 31.34 29.62
CA PRO A 1003 10.96 30.52 30.79
C PRO A 1003 11.84 29.23 30.71
N LEU A 1004 11.78 28.36 31.72
CA LEU A 1004 12.44 27.06 31.70
C LEU A 1004 11.38 26.12 32.19
N PHE A 1005 11.42 24.88 31.72
CA PHE A 1005 10.45 23.86 32.07
C PHE A 1005 10.77 23.31 33.44
N PRO A 1006 9.77 22.68 34.09
CA PRO A 1006 10.10 21.91 35.29
C PRO A 1006 10.95 20.76 34.81
N LEU A 1007 11.53 20.01 35.78
CA LEU A 1007 11.99 18.65 35.63
C LEU A 1007 10.83 17.71 35.86
N VAL A 1008 11.03 16.45 35.50
CA VAL A 1008 10.01 15.42 35.49
C VAL A 1008 9.95 14.82 36.89
N LYS A 1009 8.76 14.58 37.46
CA LYS A 1009 8.73 14.10 38.85
C LYS A 1009 9.02 12.61 38.70
N PRO A 1010 9.95 12.09 39.52
CA PRO A 1010 10.32 10.67 39.60
C PRO A 1010 9.10 9.79 39.81
N HIS A 1011 9.16 8.52 39.39
CA HIS A 1011 8.15 7.51 39.69
C HIS A 1011 8.46 6.91 41.10
N ILE A 1012 7.42 6.73 41.93
CA ILE A 1012 7.53 6.10 43.30
C ILE A 1012 8.97 5.99 43.90
N ASN B 44 -26.62 17.23 23.17
CA ASN B 44 -27.88 16.67 22.57
C ASN B 44 -28.22 15.19 22.93
N PRO B 45 -29.42 14.98 23.53
CA PRO B 45 -29.79 13.68 24.14
C PRO B 45 -30.46 12.73 23.15
N ALA B 46 -30.83 13.31 22.00
CA ALA B 46 -31.36 12.58 20.81
C ALA B 46 -30.31 11.77 20.02
N ILE B 47 -29.04 12.10 20.24
CA ILE B 47 -27.93 11.54 19.51
C ILE B 47 -27.02 10.72 20.42
N LYS B 48 -27.10 9.39 20.40
CA LYS B 48 -26.21 8.59 21.23
C LYS B 48 -24.73 8.96 21.01
N ARG B 49 -24.31 9.17 19.76
CA ARG B 49 -22.88 9.32 19.43
C ARG B 49 -22.64 9.99 18.08
N ILE B 50 -21.67 10.89 18.02
CA ILE B 50 -21.24 11.48 16.75
C ILE B 50 -19.93 10.84 16.42
N GLY B 51 -19.75 10.53 15.14
CA GLY B 51 -18.61 9.77 14.69
C GLY B 51 -17.50 10.67 14.23
N ASN B 52 -16.30 10.09 14.23
CA ASN B 52 -15.07 10.84 14.08
C ASN B 52 -14.15 11.75 13.15
N HIS B 53 -13.81 11.20 12.00
CA HIS B 53 -13.65 11.56 10.63
C HIS B 53 -14.05 10.25 9.87
N ILE B 54 -14.89 10.42 8.86
CA ILE B 54 -15.28 9.37 7.90
C ILE B 54 -14.24 9.34 6.79
N THR B 55 -13.48 8.25 6.74
CA THR B 55 -12.36 8.15 5.80
C THR B 55 -12.93 8.24 4.36
N LYS B 56 -12.52 9.25 3.59
CA LYS B 56 -12.97 9.40 2.24
C LYS B 56 -11.80 9.44 1.26
N SER B 57 -12.11 9.34 -0.03
CA SER B 57 -11.07 9.49 -1.01
C SER B 57 -10.63 10.91 -0.90
N PRO B 58 -9.31 11.15 -1.10
CA PRO B 58 -8.68 12.51 -1.22
C PRO B 58 -9.39 13.35 -2.28
N GLU B 59 -9.69 12.74 -3.43
CA GLU B 59 -10.38 13.42 -4.55
C GLU B 59 -11.88 13.71 -4.28
N ASP B 60 -12.42 13.22 -3.16
CA ASP B 60 -13.83 13.47 -2.88
C ASP B 60 -13.99 14.79 -2.11
N LYS B 61 -14.69 15.73 -2.73
CA LYS B 61 -15.01 17.03 -2.17
C LYS B 61 -16.27 17.11 -1.28
N ARG B 62 -17.16 16.12 -1.36
CA ARG B 62 -18.26 16.02 -0.39
C ARG B 62 -17.75 15.89 1.08
N GLU B 63 -18.59 16.38 2.01
CA GLU B 63 -18.32 16.28 3.46
C GLU B 63 -19.28 15.34 4.16
N TYR B 64 -18.79 14.68 5.19
CA TYR B 64 -19.46 13.53 5.75
C TYR B 64 -19.52 13.59 7.27
N ARG B 65 -20.59 13.05 7.86
CA ARG B 65 -20.68 12.88 9.31
C ARG B 65 -21.56 11.68 9.60
N GLY B 66 -21.05 10.80 10.40
CA GLY B 66 -21.80 9.66 10.82
C GLY B 66 -22.34 9.89 12.19
N LEU B 67 -23.45 9.24 12.52
CA LEU B 67 -23.90 9.28 13.88
C LEU B 67 -24.83 8.18 14.22
N GLU B 68 -24.96 7.91 15.50
CA GLU B 68 -25.96 6.97 15.99
C GLU B 68 -26.96 7.69 16.89
N LEU B 69 -28.19 7.81 16.37
CA LEU B 69 -29.30 8.36 17.14
C LEU B 69 -29.53 7.52 18.40
N ALA B 70 -30.23 8.12 19.36
CA ALA B 70 -30.46 7.48 20.66
C ALA B 70 -31.36 6.24 20.51
N ASN B 71 -32.30 6.30 19.56
CA ASN B 71 -33.04 5.09 19.19
C ASN B 71 -32.21 3.98 18.43
N GLY B 72 -30.90 4.17 18.21
CA GLY B 72 -30.08 3.11 17.57
C GLY B 72 -29.97 3.15 16.03
N ILE B 73 -30.57 4.17 15.40
CA ILE B 73 -30.47 4.35 13.99
C ILE B 73 -29.06 4.83 13.62
N LYS B 74 -28.42 4.14 12.69
CA LYS B 74 -27.14 4.53 12.14
C LYS B 74 -27.36 5.54 10.99
N VAL B 75 -26.64 6.66 11.05
CA VAL B 75 -26.81 7.73 10.08
C VAL B 75 -25.50 8.17 9.37
N LEU B 76 -25.61 8.45 8.06
CA LEU B 76 -24.54 9.12 7.34
C LEU B 76 -25.13 10.33 6.70
N LEU B 77 -24.49 11.46 6.94
CA LEU B 77 -24.94 12.65 6.37
C LEU B 77 -23.85 13.04 5.40
N ILE B 78 -24.31 13.45 4.22
CA ILE B 78 -23.45 13.87 3.15
C ILE B 78 -23.78 15.28 2.73
N SER B 79 -22.84 16.17 2.95
CA SER B 79 -23.06 17.53 2.44
C SER B 79 -22.29 17.77 1.16
N ASP B 80 -23.03 18.11 0.12
CA ASP B 80 -22.47 18.50 -1.15
C ASP B 80 -23.20 19.75 -1.63
N PRO B 81 -22.59 20.91 -1.41
CA PRO B 81 -23.26 22.17 -1.78
C PRO B 81 -23.40 22.44 -3.32
N THR B 82 -22.89 21.55 -4.17
CA THR B 82 -23.04 21.71 -5.63
C THR B 82 -24.21 20.84 -6.21
N THR B 83 -24.82 20.00 -5.38
CA THR B 83 -25.69 18.98 -5.90
C THR B 83 -26.99 19.54 -6.43
N ASP B 84 -27.43 19.06 -7.58
CA ASP B 84 -28.69 19.56 -8.07
C ASP B 84 -29.86 18.80 -7.47
N LYS B 85 -29.61 17.55 -7.06
CA LYS B 85 -30.64 16.68 -6.51
C LYS B 85 -30.12 16.25 -5.18
N SER B 86 -30.98 16.34 -4.18
CA SER B 86 -30.67 15.77 -2.88
C SER B 86 -31.31 14.37 -2.78
N SER B 87 -31.04 13.64 -1.71
CA SER B 87 -31.42 12.25 -1.72
C SER B 87 -31.40 11.68 -0.31
N ALA B 88 -32.32 10.77 -0.03
CA ALA B 88 -32.16 9.95 1.12
C ALA B 88 -32.49 8.50 0.84
N ALA B 89 -32.05 7.63 1.75
CA ALA B 89 -32.33 6.23 1.69
C ALA B 89 -32.41 5.75 3.14
N LEU B 90 -33.18 4.70 3.36
CA LEU B 90 -33.20 4.05 4.67
C LEU B 90 -33.25 2.57 4.36
N ASP B 91 -32.50 1.78 5.11
CA ASP B 91 -32.39 0.35 4.89
C ASP B 91 -32.71 -0.29 6.23
N VAL B 92 -33.72 -1.18 6.23
CA VAL B 92 -34.15 -1.93 7.40
C VAL B 92 -33.58 -3.28 7.25
N HIS B 93 -32.84 -3.74 8.24
CA HIS B 93 -32.17 -5.00 8.14
C HIS B 93 -33.08 -6.22 8.34
N ILE B 94 -34.19 -6.23 7.62
CA ILE B 94 -35.13 -7.30 7.60
C ILE B 94 -35.62 -7.47 6.19
N GLY B 95 -35.82 -8.73 5.81
CA GLY B 95 -36.50 -9.01 4.55
C GLY B 95 -37.14 -10.39 4.45
N SER B 96 -37.13 -10.94 3.22
CA SER B 96 -37.91 -12.12 2.86
C SER B 96 -37.62 -13.31 3.75
N LEU B 97 -36.37 -13.38 4.21
CA LEU B 97 -35.94 -14.47 5.03
C LEU B 97 -36.75 -14.50 6.39
N SER B 98 -37.45 -13.38 6.68
CA SER B 98 -38.23 -13.28 7.86
C SER B 98 -39.72 -13.31 7.59
N ASP B 99 -40.14 -13.50 6.34
CA ASP B 99 -41.56 -13.62 6.07
C ASP B 99 -42.15 -14.71 6.99
N PRO B 100 -43.41 -14.59 7.36
CA PRO B 100 -44.05 -15.72 8.08
C PRO B 100 -44.13 -16.86 7.12
N PRO B 101 -43.94 -18.10 7.59
CA PRO B 101 -43.98 -19.28 6.73
C PRO B 101 -45.31 -19.50 6.04
N ASN B 102 -46.40 -18.92 6.52
CA ASN B 102 -47.70 -19.12 5.88
C ASN B 102 -48.16 -17.88 5.13
N ILE B 103 -47.30 -16.88 5.03
CA ILE B 103 -47.65 -15.79 4.11
C ILE B 103 -46.39 -15.39 3.33
N ALA B 104 -45.95 -16.27 2.42
CA ALA B 104 -44.83 -15.99 1.55
C ALA B 104 -45.04 -14.62 0.86
N GLY B 105 -44.01 -13.75 0.93
CA GLY B 105 -44.04 -12.46 0.25
C GLY B 105 -44.48 -11.26 1.11
N LEU B 106 -44.79 -11.47 2.39
CA LEU B 106 -45.25 -10.41 3.21
C LEU B 106 -44.32 -9.21 3.16
N SER B 107 -43.01 -9.40 3.42
CA SER B 107 -42.13 -8.21 3.50
C SER B 107 -41.99 -7.42 2.20
N HIS B 108 -42.05 -8.13 1.08
CA HIS B 108 -42.06 -7.48 -0.21
C HIS B 108 -43.34 -6.69 -0.43
N PHE B 109 -44.45 -7.32 -0.07
CA PHE B 109 -45.74 -6.67 -0.23
C PHE B 109 -45.76 -5.44 0.67
N LEU B 110 -45.24 -5.61 1.87
CA LEU B 110 -45.23 -4.52 2.82
C LEU B 110 -44.50 -3.35 2.16
N GLN B 111 -43.36 -3.71 1.52
CA GLN B 111 -42.52 -2.73 0.83
C GLN B 111 -43.30 -1.99 -0.28
N HIS B 112 -44.21 -2.65 -0.99
CA HIS B 112 -45.05 -1.90 -1.92
C HIS B 112 -45.96 -0.96 -1.18
N MET B 113 -46.54 -1.48 -0.11
CA MET B 113 -47.61 -0.75 0.57
C MET B 113 -47.12 0.56 1.19
N LEU B 114 -45.87 0.60 1.63
CA LEU B 114 -45.42 1.82 2.27
C LEU B 114 -45.54 3.04 1.39
N PHE B 115 -45.70 2.86 0.08
CA PHE B 115 -45.77 3.99 -0.84
C PHE B 115 -47.15 4.63 -0.89
N LEU B 116 -48.12 3.98 -0.24
CA LEU B 116 -49.51 4.20 -0.55
C LEU B 116 -50.27 4.97 0.50
N GLY B 117 -49.56 5.67 1.38
CA GLY B 117 -50.20 6.63 2.28
C GLY B 117 -49.86 6.46 3.76
N THR B 118 -49.80 7.58 4.47
CA THR B 118 -49.30 7.44 5.78
C THR B 118 -50.30 8.33 6.38
N LYS B 119 -50.48 8.42 7.68
CA LYS B 119 -51.60 9.39 8.01
C LYS B 119 -51.17 10.62 8.68
N LYS B 120 -49.99 11.13 8.39
CA LYS B 120 -49.66 12.53 8.19
C LYS B 120 -49.99 12.86 6.72
N TYR B 121 -49.72 11.93 5.81
CA TYR B 121 -50.01 12.17 4.39
C TYR B 121 -50.90 11.07 3.88
N PRO B 122 -52.19 11.11 4.24
CA PRO B 122 -53.08 9.99 3.88
C PRO B 122 -53.42 9.84 2.38
N LYS B 123 -53.16 10.89 1.60
CA LYS B 123 -53.50 10.89 0.18
C LYS B 123 -52.66 9.81 -0.52
N GLU B 124 -53.34 8.82 -1.11
CA GLU B 124 -52.63 7.63 -1.58
C GLU B 124 -51.28 7.91 -2.31
N ASN B 125 -51.29 8.85 -3.26
CA ASN B 125 -50.13 9.07 -4.10
C ASN B 125 -49.39 10.36 -3.72
N GLU B 126 -49.54 10.77 -2.49
CA GLU B 126 -48.98 12.05 -2.07
C GLU B 126 -47.47 12.08 -2.25
N TYR B 127 -46.82 10.99 -1.83
CA TYR B 127 -45.37 10.88 -1.84
C TYR B 127 -44.88 10.98 -3.27
N SER B 128 -45.38 10.13 -4.15
CA SER B 128 -44.82 10.13 -5.49
C SER B 128 -45.28 11.34 -6.33
N GLN B 129 -46.46 11.89 -6.08
CA GLN B 129 -46.80 13.18 -6.68
C GLN B 129 -45.86 14.35 -6.18
N PHE B 130 -45.58 14.41 -4.90
CA PHE B 130 -44.60 15.36 -4.47
C PHE B 130 -43.25 15.22 -5.19
N LEU B 131 -42.70 14.01 -5.31
CA LEU B 131 -41.40 13.86 -5.96
C LEU B 131 -41.51 14.30 -7.41
N SER B 132 -42.60 13.93 -8.04
CA SER B 132 -42.76 14.24 -9.43
C SER B 132 -42.79 15.74 -9.67
N GLU B 133 -43.45 16.50 -8.80
CA GLU B 133 -43.59 17.97 -8.99
C GLU B 133 -42.34 18.70 -8.58
N HIS B 134 -41.41 17.97 -7.97
CA HIS B 134 -40.15 18.55 -7.55
C HIS B 134 -38.96 17.85 -8.12
N ALA B 135 -39.11 17.28 -9.30
CA ALA B 135 -37.99 16.62 -10.00
C ALA B 135 -37.40 15.36 -9.32
N GLY B 136 -38.16 14.67 -8.50
CA GLY B 136 -37.63 13.54 -7.79
C GLY B 136 -38.09 12.22 -8.38
N SER B 137 -37.65 11.15 -7.77
CA SER B 137 -37.96 9.83 -8.26
C SER B 137 -37.66 8.90 -7.09
N SER B 138 -38.23 7.70 -7.09
CA SER B 138 -38.11 6.85 -5.93
C SER B 138 -38.27 5.42 -6.28
N ASN B 139 -37.74 4.54 -5.44
CA ASN B 139 -37.88 3.10 -5.63
C ASN B 139 -37.42 2.42 -4.37
N ALA B 140 -37.51 1.09 -4.35
CA ALA B 140 -37.22 0.30 -3.18
C ALA B 140 -36.95 -1.14 -3.61
N PHE B 141 -36.21 -1.90 -2.81
CA PHE B 141 -36.18 -3.33 -3.03
C PHE B 141 -36.20 -4.10 -1.72
N THR B 142 -36.72 -5.34 -1.81
CA THR B 142 -36.60 -6.34 -0.81
C THR B 142 -35.65 -7.48 -1.20
N SER B 143 -34.66 -7.73 -0.38
CA SER B 143 -33.87 -8.92 -0.49
C SER B 143 -34.10 -9.79 0.76
N GLY B 144 -33.24 -10.81 0.95
CA GLY B 144 -33.36 -11.79 2.03
C GLY B 144 -33.38 -11.12 3.39
N GLU B 145 -32.43 -10.22 3.61
CA GLU B 145 -32.27 -9.58 4.89
C GLU B 145 -32.44 -8.04 4.91
N HIS B 146 -32.94 -7.38 3.86
CA HIS B 146 -32.93 -5.92 3.84
C HIS B 146 -34.12 -5.45 3.05
N THR B 147 -34.65 -4.27 3.43
CA THR B 147 -35.61 -3.59 2.67
C THR B 147 -35.13 -2.19 2.65
N ASN B 148 -34.97 -1.69 1.43
CA ASN B 148 -34.12 -0.54 1.18
C ASN B 148 -34.97 0.42 0.37
N TYR B 149 -35.22 1.59 0.91
CA TYR B 149 -36.04 2.59 0.25
C TYR B 149 -35.19 3.83 -0.09
N TYR B 150 -35.51 4.51 -1.20
CA TYR B 150 -34.71 5.66 -1.58
C TYR B 150 -35.39 6.63 -2.52
N PHE B 151 -35.00 7.88 -2.41
CA PHE B 151 -35.50 8.87 -3.31
C PHE B 151 -34.47 9.89 -3.66
N ASP B 152 -34.74 10.57 -4.77
CA ASP B 152 -34.12 11.81 -5.00
C ASP B 152 -35.11 12.94 -5.35
N VAL B 153 -34.66 14.19 -5.19
CA VAL B 153 -35.49 15.35 -5.30
C VAL B 153 -34.56 16.53 -5.47
N SER B 154 -35.12 17.59 -6.03
CA SER B 154 -34.41 18.84 -6.26
C SER B 154 -33.89 19.33 -4.91
N HIS B 155 -32.63 19.81 -4.86
CA HIS B 155 -31.98 20.11 -3.57
C HIS B 155 -32.80 21.03 -2.68
N GLU B 156 -33.67 21.81 -3.28
CA GLU B 156 -34.49 22.75 -2.53
C GLU B 156 -35.67 22.14 -1.73
N HIS B 157 -35.97 20.85 -1.95
CA HIS B 157 -37.15 20.26 -1.38
C HIS B 157 -36.84 18.99 -0.58
N LEU B 158 -35.59 18.83 -0.17
CA LEU B 158 -35.21 17.79 0.71
C LEU B 158 -36.15 17.56 1.89
N GLU B 159 -36.43 18.63 2.68
CA GLU B 159 -37.22 18.46 3.90
C GLU B 159 -38.62 17.91 3.63
N GLY B 160 -39.28 18.48 2.63
CA GLY B 160 -40.60 18.03 2.26
C GLY B 160 -40.60 16.56 1.81
N ALA B 161 -39.59 16.20 1.01
CA ALA B 161 -39.48 14.83 0.54
C ALA B 161 -39.22 13.98 1.74
N LEU B 162 -38.32 14.46 2.58
CA LEU B 162 -37.82 13.61 3.65
C LEU B 162 -38.89 13.30 4.71
N ASP B 163 -39.73 14.28 4.96
CA ASP B 163 -40.74 14.14 5.96
C ASP B 163 -41.83 13.18 5.42
N ARG B 164 -42.22 13.34 4.18
CA ARG B 164 -43.14 12.34 3.63
C ARG B 164 -42.56 10.90 3.72
N PHE B 165 -41.28 10.78 3.45
CA PHE B 165 -40.56 9.52 3.51
C PHE B 165 -40.47 8.98 4.93
N ALA B 166 -40.16 9.84 5.90
CA ALA B 166 -39.97 9.34 7.28
C ALA B 166 -41.28 8.70 7.78
N GLN B 167 -42.44 9.21 7.36
CA GLN B 167 -43.72 8.66 7.76
C GLN B 167 -43.87 7.19 7.41
N PHE B 168 -43.19 6.72 6.36
CA PHE B 168 -43.29 5.28 5.96
C PHE B 168 -42.95 4.44 7.16
N PHE B 169 -42.17 5.03 8.06
CA PHE B 169 -41.53 4.29 9.10
C PHE B 169 -42.18 4.57 10.41
N LEU B 170 -43.12 5.51 10.45
CA LEU B 170 -43.84 5.78 11.67
C LEU B 170 -45.25 5.21 11.60
N SER B 171 -46.07 5.71 10.67
CA SER B 171 -47.46 5.16 10.61
C SER B 171 -48.05 4.99 9.21
N PRO B 172 -47.57 3.96 8.52
CA PRO B 172 -48.13 3.63 7.22
C PRO B 172 -49.62 3.29 7.31
N LEU B 173 -50.48 3.78 6.42
CA LEU B 173 -51.91 3.40 6.48
C LEU B 173 -52.23 1.95 6.26
N PHE B 174 -51.49 1.26 5.39
CA PHE B 174 -51.97 0.01 4.81
C PHE B 174 -53.48 -0.05 4.50
N ASP B 175 -53.99 0.98 3.83
CA ASP B 175 -55.39 1.07 3.54
C ASP B 175 -55.92 -0.21 2.87
N GLU B 176 -57.14 -0.56 3.19
CA GLU B 176 -57.65 -1.90 2.91
C GLU B 176 -57.90 -2.06 1.42
N SER B 177 -58.39 -0.98 0.83
CA SER B 177 -58.75 -1.07 -0.54
C SER B 177 -57.48 -0.93 -1.42
N ALA B 178 -56.48 -0.20 -0.93
CA ALA B 178 -55.19 -0.10 -1.58
C ALA B 178 -54.47 -1.43 -1.53
N LYS B 179 -54.61 -2.13 -0.43
CA LYS B 179 -54.11 -3.49 -0.29
C LYS B 179 -54.68 -4.47 -1.35
N ASP B 180 -55.99 -4.45 -1.48
CA ASP B 180 -56.64 -5.26 -2.50
C ASP B 180 -56.18 -4.93 -3.91
N ARG B 181 -55.75 -3.70 -4.15
CA ARG B 181 -55.41 -3.30 -5.49
C ARG B 181 -53.97 -3.68 -5.72
N GLU B 182 -53.11 -3.23 -4.82
CA GLU B 182 -51.69 -3.43 -5.02
C GLU B 182 -51.22 -4.93 -4.99
N VAL B 183 -52.03 -5.86 -4.49
CA VAL B 183 -51.57 -7.25 -4.47
C VAL B 183 -51.43 -7.71 -5.94
N ASN B 184 -52.21 -7.06 -6.82
CA ASN B 184 -52.13 -7.31 -8.25
C ASN B 184 -50.82 -6.93 -8.86
N ALA B 185 -50.27 -5.82 -8.39
CA ALA B 185 -48.99 -5.36 -8.89
C ALA B 185 -47.94 -6.40 -8.50
N VAL B 186 -48.06 -6.91 -7.27
CA VAL B 186 -47.13 -7.92 -6.81
C VAL B 186 -47.30 -9.19 -7.64
N ASP B 187 -48.53 -9.61 -7.85
CA ASP B 187 -48.80 -10.83 -8.56
C ASP B 187 -48.20 -10.72 -10.01
N SER B 188 -48.49 -9.60 -10.62
CA SER B 188 -48.01 -9.30 -11.93
C SER B 188 -46.46 -9.28 -11.99
N GLU B 189 -45.81 -8.90 -10.91
CA GLU B 189 -44.40 -8.90 -10.86
C GLU B 189 -43.88 -10.38 -10.84
N HIS B 190 -44.58 -11.23 -10.09
CA HIS B 190 -44.21 -12.62 -10.13
C HIS B 190 -44.46 -13.18 -11.55
N GLU B 191 -45.55 -12.76 -12.16
CA GLU B 191 -45.94 -13.29 -13.46
C GLU B 191 -44.84 -13.04 -14.52
N LYS B 192 -44.38 -11.80 -14.61
CA LYS B 192 -43.25 -11.44 -15.41
C LYS B 192 -42.06 -12.41 -15.19
N ASN B 193 -41.84 -12.90 -13.95
CA ASN B 193 -40.63 -13.67 -13.71
C ASN B 193 -40.80 -15.13 -13.93
N VAL B 194 -42.03 -15.60 -13.97
CA VAL B 194 -42.28 -16.99 -13.96
C VAL B 194 -41.53 -17.71 -15.08
N MET B 195 -41.44 -17.09 -16.23
CA MET B 195 -40.85 -17.77 -17.39
C MET B 195 -39.42 -17.29 -17.66
N ASN B 196 -38.85 -16.49 -16.76
CA ASN B 196 -37.46 -16.05 -16.86
C ASN B 196 -36.52 -17.09 -16.29
N ASP B 197 -35.54 -17.54 -17.08
CA ASP B 197 -34.62 -18.62 -16.64
C ASP B 197 -33.81 -18.35 -15.35
N ALA B 198 -33.39 -17.12 -15.16
CA ALA B 198 -32.61 -16.77 -13.96
C ALA B 198 -33.45 -16.89 -12.62
N TRP B 199 -34.68 -16.38 -12.60
CA TRP B 199 -35.57 -16.57 -11.42
C TRP B 199 -35.92 -18.02 -11.14
N ARG B 200 -36.27 -18.76 -12.20
CA ARG B 200 -36.47 -20.19 -12.12
C ARG B 200 -35.33 -20.87 -11.40
N LEU B 201 -34.09 -20.59 -11.84
CA LEU B 201 -32.89 -21.14 -11.19
C LEU B 201 -32.65 -20.67 -9.74
N PHE B 202 -32.84 -19.38 -9.55
CA PHE B 202 -32.70 -18.82 -8.26
C PHE B 202 -33.63 -19.57 -7.33
N GLN B 203 -34.91 -19.75 -7.70
CA GLN B 203 -35.80 -20.41 -6.76
C GLN B 203 -35.57 -21.91 -6.65
N LEU B 204 -35.10 -22.53 -7.72
CA LEU B 204 -34.86 -23.96 -7.69
C LEU B 204 -33.74 -24.37 -6.69
N GLU B 205 -32.68 -23.57 -6.66
CA GLU B 205 -31.64 -23.72 -5.63
C GLU B 205 -32.25 -23.69 -4.19
N LYS B 206 -33.10 -22.71 -3.95
CA LYS B 206 -33.83 -22.65 -2.72
C LYS B 206 -34.63 -23.94 -2.44
N ALA B 207 -35.17 -24.54 -3.49
CA ALA B 207 -36.07 -25.66 -3.28
C ALA B 207 -35.33 -26.99 -3.18
N THR B 208 -34.02 -27.03 -3.42
CA THR B 208 -33.32 -28.32 -3.30
C THR B 208 -32.35 -28.37 -2.10
N GLY B 209 -32.44 -27.35 -1.26
CA GLY B 209 -31.77 -27.37 0.04
C GLY B 209 -32.79 -27.71 1.13
N ASN B 210 -32.35 -27.61 2.37
CA ASN B 210 -33.23 -27.90 3.48
C ASN B 210 -34.61 -27.20 3.43
N PRO B 211 -35.70 -27.99 3.30
CA PRO B 211 -37.03 -27.35 3.16
C PRO B 211 -37.45 -26.70 4.46
N LYS B 212 -36.73 -27.00 5.55
CA LYS B 212 -37.11 -26.44 6.83
C LYS B 212 -36.37 -25.10 7.06
N HIS B 213 -35.33 -24.90 6.28
CA HIS B 213 -34.52 -23.67 6.31
C HIS B 213 -35.21 -22.50 5.66
N PRO B 214 -35.13 -21.32 6.27
CA PRO B 214 -35.85 -20.19 5.62
C PRO B 214 -35.26 -19.80 4.25
N PHE B 215 -34.12 -20.36 3.86
CA PHE B 215 -33.58 -20.08 2.54
C PHE B 215 -34.52 -20.62 1.48
N SER B 216 -35.39 -21.53 1.91
CA SER B 216 -36.30 -22.19 0.98
C SER B 216 -37.47 -21.35 0.63
N LYS B 217 -37.61 -20.18 1.26
CA LYS B 217 -38.84 -19.38 1.18
C LYS B 217 -39.03 -18.78 -0.17
N PHE B 218 -40.28 -18.58 -0.54
CA PHE B 218 -40.58 -17.91 -1.80
C PHE B 218 -40.74 -16.43 -1.46
N GLY B 219 -39.85 -15.57 -1.96
CA GLY B 219 -39.76 -14.21 -1.41
C GLY B 219 -40.63 -13.17 -2.08
N THR B 220 -40.98 -13.43 -3.32
CA THR B 220 -41.71 -12.44 -4.10
C THR B 220 -43.19 -12.29 -3.65
N GLY B 221 -43.83 -13.41 -3.32
CA GLY B 221 -45.28 -13.41 -3.16
C GLY B 221 -46.02 -13.33 -4.48
N ASN B 222 -47.32 -13.57 -4.41
CA ASN B 222 -48.26 -13.52 -5.53
C ASN B 222 -49.71 -13.58 -5.04
N LYS B 223 -50.70 -13.49 -5.94
CA LYS B 223 -52.09 -13.35 -5.54
C LYS B 223 -52.50 -14.51 -4.62
N TYR B 224 -52.03 -15.71 -4.95
CA TYR B 224 -52.31 -16.86 -4.13
C TYR B 224 -51.78 -16.68 -2.69
N THR B 225 -50.55 -16.23 -2.52
CA THR B 225 -49.93 -16.33 -1.19
C THR B 225 -50.31 -15.14 -0.37
N LEU B 226 -50.75 -14.08 -1.02
CA LEU B 226 -50.91 -12.83 -0.31
C LEU B 226 -52.40 -12.60 -0.01
N GLU B 227 -53.27 -13.17 -0.85
CA GLU B 227 -54.70 -12.97 -0.73
C GLU B 227 -55.52 -14.26 -0.72
N THR B 228 -55.36 -15.12 -1.74
CA THR B 228 -56.24 -16.27 -1.90
C THR B 228 -56.06 -17.27 -0.77
N ARG B 229 -54.82 -17.68 -0.49
CA ARG B 229 -54.60 -18.68 0.53
C ARG B 229 -54.87 -18.09 1.95
N PRO B 230 -54.53 -16.81 2.18
CA PRO B 230 -54.88 -16.26 3.47
C PRO B 230 -56.42 -16.12 3.79
N ASN B 231 -57.21 -15.68 2.80
CA ASN B 231 -58.67 -15.72 2.96
C ASN B 231 -59.13 -17.10 3.33
N GLN B 232 -58.62 -18.13 2.65
CA GLN B 232 -59.09 -19.47 2.91
C GLN B 232 -58.73 -19.91 4.31
N GLU B 233 -57.58 -19.44 4.82
CA GLU B 233 -57.06 -19.76 6.14
C GLU B 233 -57.64 -18.85 7.27
N GLY B 234 -58.50 -17.89 6.95
CA GLY B 234 -59.02 -16.98 7.97
C GLY B 234 -58.02 -15.91 8.43
N ILE B 235 -57.01 -15.63 7.62
CA ILE B 235 -55.93 -14.71 8.02
C ILE B 235 -56.22 -13.26 7.61
N ASP B 236 -55.96 -12.30 8.48
CA ASP B 236 -56.24 -10.90 8.13
C ASP B 236 -54.99 -10.20 7.62
N VAL B 237 -54.92 -10.01 6.32
CA VAL B 237 -53.63 -9.63 5.77
C VAL B 237 -53.22 -8.21 6.16
N ARG B 238 -54.18 -7.29 6.17
CA ARG B 238 -53.96 -6.04 6.86
C ARG B 238 -53.32 -6.14 8.26
N GLN B 239 -53.88 -6.93 9.03
N GLN B 239 -53.86 -6.95 9.18
CA GLN B 239 -53.37 -7.06 10.39
CA GLN B 239 -53.26 -7.05 10.52
C GLN B 239 -51.95 -7.60 10.36
C GLN B 239 -51.82 -7.47 10.35
N GLU B 240 -51.64 -8.44 9.48
CA GLU B 240 -50.34 -9.08 9.30
C GLU B 240 -49.31 -8.10 8.73
N LEU B 241 -49.74 -7.18 7.87
CA LEU B 241 -48.81 -6.14 7.47
C LEU B 241 -48.44 -5.29 8.68
N LEU B 242 -49.44 -4.92 9.48
CA LEU B 242 -49.17 -4.03 10.58
C LEU B 242 -48.31 -4.75 11.59
N LYS B 243 -48.63 -5.99 11.87
CA LYS B 243 -47.93 -6.72 12.85
C LYS B 243 -46.45 -6.83 12.44
N PHE B 244 -46.23 -7.02 11.14
CA PHE B 244 -44.88 -7.26 10.69
C PHE B 244 -44.16 -5.96 10.80
N HIS B 245 -44.82 -4.91 10.39
CA HIS B 245 -44.19 -3.62 10.46
C HIS B 245 -43.85 -3.21 11.92
N SER B 246 -44.83 -3.42 12.81
CA SER B 246 -44.60 -3.12 14.19
C SER B 246 -43.53 -3.98 14.82
N ALA B 247 -43.46 -5.26 14.47
CA ALA B 247 -42.48 -6.13 15.10
C ALA B 247 -41.06 -5.88 14.55
N TYR B 248 -40.94 -5.42 13.29
CA TYR B 248 -39.63 -5.53 12.62
C TYR B 248 -39.11 -4.19 12.12
N TYR B 249 -40.00 -3.24 11.89
CA TYR B 249 -39.53 -1.97 11.48
C TYR B 249 -39.14 -1.17 12.72
N SER B 250 -38.05 -1.59 13.32
CA SER B 250 -37.57 -1.01 14.51
C SER B 250 -36.32 -0.23 14.22
N SER B 251 -36.16 0.83 14.99
CA SER B 251 -35.05 1.73 14.77
C SER B 251 -33.67 1.06 14.96
N ASN B 252 -33.58 -0.02 15.75
CA ASN B 252 -32.24 -0.57 16.05
C ASN B 252 -31.82 -1.38 14.86
N LEU B 253 -32.74 -1.52 13.89
CA LEU B 253 -32.42 -2.26 12.66
C LEU B 253 -32.40 -1.34 11.45
N MET B 254 -32.30 -0.03 11.66
CA MET B 254 -32.36 0.84 10.56
C MET B 254 -31.07 1.62 10.38
N ALA B 255 -30.67 1.86 9.14
CA ALA B 255 -29.66 2.89 8.83
C ALA B 255 -30.25 3.88 7.87
N VAL B 256 -29.84 5.14 7.99
CA VAL B 256 -30.33 6.20 7.12
C VAL B 256 -29.15 6.97 6.56
N VAL B 257 -29.32 7.44 5.32
CA VAL B 257 -28.33 8.25 4.69
C VAL B 257 -29.06 9.37 3.97
N VAL B 258 -28.51 10.58 4.18
CA VAL B 258 -29.09 11.82 3.69
C VAL B 258 -28.02 12.74 3.04
N LEU B 259 -28.30 13.17 1.82
CA LEU B 259 -27.35 13.89 1.04
C LEU B 259 -28.07 15.14 0.56
N GLY B 260 -27.55 16.29 0.93
CA GLY B 260 -28.09 17.57 0.39
C GLY B 260 -27.10 18.74 0.30
N ARG B 261 -27.62 19.93 0.04
CA ARG B 261 -26.80 21.15 0.03
C ARG B 261 -26.43 21.69 1.42
N GLU B 262 -27.33 21.49 2.38
CA GLU B 262 -27.17 21.94 3.73
C GLU B 262 -25.84 21.55 4.38
N SER B 263 -25.37 22.36 5.34
CA SER B 263 -24.16 22.04 6.11
C SER B 263 -24.41 20.76 6.92
N LEU B 264 -23.34 20.12 7.40
CA LEU B 264 -23.50 18.96 8.27
C LEU B 264 -24.43 19.19 9.48
N ASP B 265 -24.24 20.31 10.19
CA ASP B 265 -25.06 20.64 11.36
C ASP B 265 -26.53 20.73 10.97
N ASP B 266 -26.83 21.33 9.82
CA ASP B 266 -28.21 21.45 9.44
C ASP B 266 -28.81 20.10 9.12
N LEU B 267 -28.04 19.23 8.46
CA LEU B 267 -28.57 17.98 8.04
C LEU B 267 -28.79 17.19 9.29
N THR B 268 -27.90 17.41 10.26
CA THR B 268 -27.98 16.73 11.52
C THR B 268 -29.28 17.07 12.22
N ASN B 269 -29.61 18.34 12.26
CA ASN B 269 -30.88 18.77 12.86
C ASN B 269 -32.07 18.16 12.17
N LEU B 270 -32.08 18.24 10.85
CA LEU B 270 -33.10 17.63 10.00
C LEU B 270 -33.36 16.13 10.33
N VAL B 271 -32.30 15.33 10.45
CA VAL B 271 -32.46 13.91 10.66
C VAL B 271 -33.10 13.61 12.00
N VAL B 272 -32.51 14.23 13.01
CA VAL B 272 -32.96 14.18 14.38
C VAL B 272 -34.42 14.63 14.46
N LYS B 273 -34.72 15.74 13.79
CA LYS B 273 -36.12 16.13 13.78
C LYS B 273 -36.98 14.95 13.28
N LEU B 274 -36.64 14.39 12.11
CA LEU B 274 -37.61 13.49 11.47
C LEU B 274 -37.54 12.05 11.93
N PHE B 275 -36.38 11.61 12.39
CA PHE B 275 -36.26 10.17 12.66
C PHE B 275 -36.11 9.71 14.09
N SER B 276 -35.91 10.61 15.07
CA SER B 276 -35.76 10.13 16.47
C SER B 276 -37.08 9.70 17.03
N GLU B 277 -38.15 10.08 16.35
CA GLU B 277 -39.47 9.58 16.72
C GLU B 277 -39.62 8.08 16.45
N VAL B 278 -38.74 7.46 15.67
CA VAL B 278 -38.91 6.04 15.33
C VAL B 278 -38.69 5.12 16.53
N GLU B 279 -39.66 4.27 16.80
CA GLU B 279 -39.63 3.43 18.00
C GLU B 279 -38.50 2.33 17.98
N ASN B 280 -37.85 2.10 19.11
CA ASN B 280 -36.86 1.02 19.23
C ASN B 280 -37.50 -0.19 19.92
N LYS B 281 -37.52 -1.34 19.29
CA LYS B 281 -38.29 -2.42 19.81
C LYS B 281 -37.27 -3.46 20.19
N ASN B 282 -36.01 -3.06 20.03
CA ASN B 282 -34.94 -3.92 20.37
C ASN B 282 -34.94 -5.25 19.71
N VAL B 283 -35.17 -5.27 18.40
CA VAL B 283 -35.30 -6.54 17.70
C VAL B 283 -33.92 -7.20 17.55
N PRO B 284 -33.84 -8.50 17.88
CA PRO B 284 -32.57 -9.15 17.61
C PRO B 284 -32.40 -9.41 16.10
N LEU B 285 -31.17 -9.23 15.59
CA LEU B 285 -30.92 -9.43 14.19
C LEU B 285 -31.02 -10.89 13.86
N PRO B 286 -31.81 -11.22 12.82
CA PRO B 286 -31.93 -12.62 12.51
C PRO B 286 -30.56 -13.16 12.13
N GLU B 287 -30.23 -14.38 12.54
CA GLU B 287 -28.95 -15.04 12.17
C GLU B 287 -29.36 -16.42 11.63
N PHE B 288 -28.57 -17.02 10.72
CA PHE B 288 -28.88 -18.34 10.11
C PHE B 288 -27.61 -19.18 10.08
N PRO B 289 -27.11 -19.61 11.25
CA PRO B 289 -25.80 -20.28 11.28
C PRO B 289 -25.83 -21.67 10.61
N GLU B 290 -27.00 -22.28 10.53
CA GLU B 290 -27.10 -23.61 9.88
C GLU B 290 -27.20 -23.44 8.36
N HIS B 291 -26.30 -24.06 7.63
CA HIS B 291 -26.28 -23.92 6.20
C HIS B 291 -27.49 -24.58 5.58
N PRO B 292 -28.18 -23.88 4.69
CA PRO B 292 -29.30 -24.53 4.01
C PRO B 292 -28.91 -25.80 3.25
N PHE B 293 -27.65 -25.97 2.93
CA PHE B 293 -27.20 -27.26 2.38
C PHE B 293 -26.46 -28.08 3.42
N GLN B 294 -27.09 -29.16 3.89
CA GLN B 294 -26.49 -30.12 4.80
C GLN B 294 -25.99 -31.27 3.98
N GLU B 295 -25.48 -32.28 4.69
CA GLU B 295 -24.92 -33.52 4.13
C GLU B 295 -25.73 -34.16 2.97
N GLU B 296 -27.03 -34.30 3.18
CA GLU B 296 -27.90 -34.89 2.19
C GLU B 296 -28.08 -34.04 0.93
N HIS B 297 -27.66 -32.78 1.00
CA HIS B 297 -27.86 -31.87 -0.14
C HIS B 297 -26.57 -31.74 -0.93
N LEU B 298 -25.59 -32.57 -0.61
CA LEU B 298 -24.29 -32.46 -1.22
C LEU B 298 -24.06 -33.66 -2.12
N LYS B 299 -23.08 -33.55 -3.02
CA LYS B 299 -22.80 -34.57 -4.04
C LYS B 299 -24.05 -34.92 -4.86
N GLN B 300 -24.83 -33.90 -5.22
CA GLN B 300 -26.06 -34.02 -5.97
C GLN B 300 -25.86 -33.41 -7.36
N LEU B 301 -26.63 -33.97 -8.27
CA LEU B 301 -26.71 -33.51 -9.64
C LEU B 301 -28.17 -33.19 -10.00
N TYR B 302 -28.35 -32.01 -10.60
CA TYR B 302 -29.67 -31.56 -10.99
C TYR B 302 -29.63 -31.34 -12.48
N LYS B 303 -30.56 -31.94 -13.21
CA LYS B 303 -30.64 -31.67 -14.63
C LYS B 303 -31.96 -31.01 -14.84
N ILE B 304 -31.93 -29.86 -15.53
CA ILE B 304 -32.99 -28.92 -15.54
C ILE B 304 -33.32 -28.52 -16.96
N VAL B 305 -34.62 -28.27 -17.24
CA VAL B 305 -35.03 -27.84 -18.54
C VAL B 305 -35.24 -26.31 -18.52
N PRO B 306 -34.52 -25.56 -19.37
CA PRO B 306 -34.70 -24.12 -19.41
C PRO B 306 -35.81 -23.73 -20.37
N ILE B 307 -36.16 -22.43 -20.39
CA ILE B 307 -37.16 -21.88 -21.31
C ILE B 307 -36.43 -21.46 -22.58
N LYS B 308 -35.44 -20.60 -22.47
CA LYS B 308 -34.55 -20.36 -23.60
C LYS B 308 -33.72 -21.59 -23.96
N ASP B 309 -33.18 -21.60 -25.19
CA ASP B 309 -32.22 -22.64 -25.58
C ASP B 309 -30.87 -22.22 -25.04
N ILE B 310 -30.61 -22.55 -23.79
CA ILE B 310 -29.29 -22.28 -23.19
C ILE B 310 -28.75 -23.57 -22.61
N ARG B 311 -27.43 -23.65 -22.51
CA ARG B 311 -26.76 -24.79 -21.93
C ARG B 311 -25.76 -24.23 -20.91
N ASN B 312 -25.91 -24.61 -19.64
CA ASN B 312 -25.10 -24.02 -18.56
C ASN B 312 -24.84 -25.07 -17.54
N LEU B 313 -23.65 -24.94 -16.94
CA LEU B 313 -23.26 -25.75 -15.82
C LEU B 313 -23.02 -24.83 -14.61
N TYR B 314 -23.70 -25.12 -13.50
CA TYR B 314 -23.55 -24.39 -12.27
C TYR B 314 -22.95 -25.31 -11.22
N VAL B 315 -21.81 -24.90 -10.68
CA VAL B 315 -21.11 -25.72 -9.66
C VAL B 315 -21.07 -24.89 -8.41
N THR B 316 -21.47 -25.48 -7.28
CA THR B 316 -21.68 -24.73 -6.04
C THR B 316 -21.06 -25.50 -4.87
N PHE B 317 -20.31 -24.78 -4.01
CA PHE B 317 -19.94 -25.32 -2.67
C PHE B 317 -20.48 -24.44 -1.57
N PRO B 318 -21.09 -25.05 -0.55
CA PRO B 318 -21.47 -24.36 0.69
C PRO B 318 -20.23 -23.89 1.44
N ILE B 319 -20.27 -22.68 1.99
CA ILE B 319 -19.16 -22.15 2.77
C ILE B 319 -19.73 -21.39 3.96
N PRO B 320 -18.95 -21.27 5.04
CA PRO B 320 -19.30 -20.37 6.16
C PRO B 320 -19.45 -18.93 5.69
N ASP B 321 -20.07 -18.11 6.51
CA ASP B 321 -20.19 -16.70 6.24
C ASP B 321 -18.76 -16.11 6.31
N LEU B 322 -18.34 -15.36 5.31
CA LEU B 322 -16.98 -14.88 5.28
C LEU B 322 -17.01 -13.41 5.57
N GLN B 323 -18.20 -12.85 5.71
CA GLN B 323 -18.27 -11.40 5.87
C GLN B 323 -17.29 -10.85 6.94
N LYS B 324 -17.12 -11.55 8.06
CA LYS B 324 -16.32 -11.01 9.12
C LYS B 324 -14.87 -10.92 8.72
N TYR B 325 -14.49 -11.60 7.65
CA TYR B 325 -13.11 -11.54 7.23
C TYR B 325 -12.92 -10.49 6.22
N TYR B 326 -13.86 -9.59 6.13
CA TYR B 326 -13.77 -8.58 5.09
C TYR B 326 -12.41 -7.88 4.92
N LYS B 327 -11.56 -7.95 5.94
CA LYS B 327 -10.32 -7.17 5.93
C LYS B 327 -9.29 -7.82 5.02
N SER B 328 -9.32 -9.15 4.98
CA SER B 328 -8.46 -9.91 4.12
C SER B 328 -9.17 -10.56 2.93
N ASN B 329 -10.49 -10.70 3.03
CA ASN B 329 -11.36 -11.14 1.94
C ASN B 329 -10.86 -12.33 1.17
N PRO B 330 -10.66 -13.46 1.83
CA PRO B 330 -10.09 -14.61 1.14
C PRO B 330 -10.97 -15.12 -0.07
N GLY B 331 -12.29 -14.96 0.05
CA GLY B 331 -13.24 -15.24 -1.02
C GLY B 331 -13.01 -14.43 -2.28
N HIS B 332 -12.80 -13.12 -2.13
CA HIS B 332 -12.39 -12.27 -3.24
C HIS B 332 -11.10 -12.83 -3.88
N TYR B 333 -10.18 -13.32 -3.04
CA TYR B 333 -8.86 -13.66 -3.54
C TYR B 333 -9.02 -14.91 -4.39
N LEU B 334 -9.87 -15.81 -3.93
CA LEU B 334 -9.96 -17.10 -4.62
C LEU B 334 -10.79 -16.98 -5.91
N GLY B 335 -11.83 -16.12 -5.88
CA GLY B 335 -12.67 -15.81 -7.01
C GLY B 335 -11.79 -15.14 -8.03
N HIS B 336 -10.91 -14.28 -7.59
CA HIS B 336 -10.06 -13.59 -8.54
C HIS B 336 -9.20 -14.59 -9.38
N LEU B 337 -8.70 -15.61 -8.70
CA LEU B 337 -7.92 -16.58 -9.37
C LEU B 337 -8.81 -17.56 -10.16
N ILE B 338 -9.69 -18.26 -9.47
CA ILE B 338 -10.57 -19.21 -10.15
C ILE B 338 -11.32 -18.59 -11.36
N GLY B 339 -11.69 -17.33 -11.27
CA GLY B 339 -12.45 -16.69 -12.29
C GLY B 339 -11.59 -15.93 -13.24
N HIS B 340 -10.26 -15.92 -13.06
CA HIS B 340 -9.37 -15.24 -14.03
C HIS B 340 -9.58 -15.69 -15.51
N GLU B 341 -9.26 -14.82 -16.46
CA GLU B 341 -9.56 -15.16 -17.83
C GLU B 341 -8.34 -15.08 -18.74
N GLY B 342 -7.16 -14.86 -18.13
CA GLY B 342 -5.93 -14.55 -18.84
C GLY B 342 -5.22 -15.87 -19.10
N PRO B 343 -4.02 -15.80 -19.67
CA PRO B 343 -3.30 -17.04 -19.97
C PRO B 343 -3.08 -17.90 -18.72
N GLY B 344 -3.24 -19.20 -18.87
CA GLY B 344 -2.97 -20.11 -17.80
C GLY B 344 -4.24 -20.32 -17.01
N SER B 345 -5.26 -19.46 -17.20
CA SER B 345 -6.45 -19.63 -16.40
C SER B 345 -7.26 -20.91 -16.73
N LEU B 346 -8.08 -21.35 -15.79
CA LEU B 346 -9.07 -22.39 -16.03
C LEU B 346 -9.99 -22.12 -17.26
N LEU B 347 -10.44 -20.90 -17.41
CA LEU B 347 -11.21 -20.56 -18.59
C LEU B 347 -10.41 -20.92 -19.86
N SER B 348 -9.25 -20.27 -20.08
CA SER B 348 -8.39 -20.62 -21.23
C SER B 348 -8.44 -22.05 -21.62
N GLU B 349 -8.11 -22.92 -20.70
CA GLU B 349 -8.10 -24.31 -21.09
C GLU B 349 -9.48 -24.80 -21.56
N LEU B 350 -10.52 -24.43 -20.81
CA LEU B 350 -11.85 -24.96 -21.09
C LEU B 350 -12.29 -24.46 -22.44
N LYS B 351 -11.85 -23.25 -22.74
CA LYS B 351 -12.25 -22.64 -23.96
C LYS B 351 -11.48 -23.32 -25.13
N SER B 352 -10.19 -23.60 -24.92
CA SER B 352 -9.37 -24.30 -25.89
C SER B 352 -9.85 -25.68 -26.24
N LYS B 353 -10.42 -26.36 -25.25
CA LYS B 353 -10.98 -27.69 -25.44
C LYS B 353 -12.28 -27.59 -26.23
N GLY B 354 -12.75 -26.35 -26.42
CA GLY B 354 -14.01 -26.07 -27.08
C GLY B 354 -15.19 -26.44 -26.17
N TRP B 355 -14.98 -26.40 -24.85
CA TRP B 355 -16.05 -26.74 -23.94
C TRP B 355 -16.98 -25.62 -23.50
N VAL B 356 -16.47 -24.40 -23.38
CA VAL B 356 -17.22 -23.30 -22.73
C VAL B 356 -16.75 -21.98 -23.27
N ASN B 357 -17.54 -20.94 -23.13
CA ASN B 357 -17.12 -19.63 -23.59
C ASN B 357 -16.92 -18.62 -22.48
N THR B 358 -17.75 -18.71 -21.46
CA THR B 358 -17.72 -17.79 -20.37
C THR B 358 -17.75 -18.53 -19.04
N LEU B 359 -17.10 -17.90 -18.05
CA LEU B 359 -16.98 -18.48 -16.73
C LEU B 359 -17.08 -17.43 -15.61
N VAL B 360 -17.78 -17.78 -14.54
CA VAL B 360 -17.88 -16.88 -13.41
C VAL B 360 -17.48 -17.66 -12.20
N GLY B 361 -16.54 -17.10 -11.46
CA GLY B 361 -16.14 -17.79 -10.23
C GLY B 361 -16.05 -16.88 -9.02
N GLY B 362 -16.30 -17.44 -7.83
CA GLY B 362 -16.12 -16.66 -6.60
C GLY B 362 -17.21 -16.83 -5.54
N GLN B 363 -17.23 -15.91 -4.61
CA GLN B 363 -18.11 -16.11 -3.49
C GLN B 363 -19.40 -15.44 -3.79
N LYS B 364 -20.47 -16.06 -3.32
CA LYS B 364 -21.81 -15.56 -3.55
C LYS B 364 -22.46 -15.35 -2.18
N GLU B 365 -23.11 -14.23 -2.02
CA GLU B 365 -23.87 -14.01 -0.82
C GLU B 365 -24.95 -15.02 -0.52
N GLY B 366 -25.12 -15.28 0.77
CA GLY B 366 -26.22 -16.06 1.33
C GLY B 366 -26.94 -15.18 2.35
N ALA B 367 -26.63 -15.33 3.65
CA ALA B 367 -27.18 -14.44 4.71
C ALA B 367 -26.19 -14.43 5.87
N ARG B 368 -26.52 -13.74 6.99
CA ARG B 368 -25.70 -13.87 8.21
C ARG B 368 -25.63 -15.36 8.56
N GLY B 369 -24.45 -15.97 8.42
CA GLY B 369 -24.32 -17.35 8.81
C GLY B 369 -23.97 -18.31 7.69
N PHE B 370 -24.26 -17.95 6.43
CA PHE B 370 -23.85 -18.80 5.30
C PHE B 370 -23.66 -18.08 3.98
N MET B 371 -22.83 -18.70 3.13
CA MET B 371 -22.45 -18.20 1.83
C MET B 371 -22.24 -19.38 0.88
N PHE B 372 -21.89 -19.06 -0.37
CA PHE B 372 -21.58 -20.08 -1.32
C PHE B 372 -20.37 -19.67 -2.08
N PHE B 373 -19.76 -20.67 -2.70
CA PHE B 373 -18.70 -20.42 -3.62
C PHE B 373 -19.18 -21.08 -4.90
N ILE B 374 -19.18 -20.30 -5.98
CA ILE B 374 -19.61 -20.84 -7.24
C ILE B 374 -18.57 -20.84 -8.32
N ILE B 375 -18.65 -21.81 -9.21
CA ILE B 375 -18.02 -21.75 -10.52
C ILE B 375 -19.04 -22.17 -11.56
N ASN B 376 -19.33 -21.23 -12.44
CA ASN B 376 -20.44 -21.34 -13.41
C ASN B 376 -19.96 -21.11 -14.85
N VAL B 377 -20.33 -21.99 -15.78
CA VAL B 377 -19.89 -21.82 -17.18
C VAL B 377 -21.04 -21.95 -18.17
N ASP B 378 -20.85 -21.44 -19.37
CA ASP B 378 -21.78 -21.84 -20.41
C ASP B 378 -21.22 -23.11 -21.11
N LEU B 379 -22.03 -23.86 -21.80
CA LEU B 379 -21.52 -25.04 -22.44
C LEU B 379 -21.76 -24.93 -23.97
N THR B 380 -20.78 -25.32 -24.76
CA THR B 380 -20.90 -25.50 -26.19
C THR B 380 -21.52 -26.86 -26.35
N GLU B 381 -21.84 -27.27 -27.57
CA GLU B 381 -22.42 -28.63 -27.75
C GLU B 381 -21.47 -29.74 -27.36
N GLU B 382 -20.19 -29.57 -27.58
CA GLU B 382 -19.24 -30.55 -27.05
C GLU B 382 -19.20 -30.47 -25.52
N GLY B 383 -19.21 -29.25 -24.99
CA GLY B 383 -19.13 -29.05 -23.56
C GLY B 383 -20.20 -29.82 -22.79
N LEU B 384 -21.38 -29.98 -23.36
CA LEU B 384 -22.44 -30.67 -22.68
C LEU B 384 -22.13 -32.17 -22.60
N LEU B 385 -21.44 -32.68 -23.63
CA LEU B 385 -21.02 -34.09 -23.59
C LEU B 385 -19.82 -34.27 -22.66
N HIS B 386 -19.08 -33.19 -22.38
CA HIS B 386 -17.91 -33.30 -21.50
C HIS B 386 -18.03 -32.67 -20.11
N VAL B 387 -19.20 -32.73 -19.48
CA VAL B 387 -19.37 -32.14 -18.12
C VAL B 387 -18.47 -32.73 -17.03
N GLU B 388 -18.44 -34.05 -16.90
CA GLU B 388 -17.51 -34.69 -16.00
C GLU B 388 -16.05 -34.19 -16.22
N ASP B 389 -15.61 -33.99 -17.44
CA ASP B 389 -14.27 -33.51 -17.69
C ASP B 389 -14.08 -32.05 -17.29
N ILE B 390 -15.10 -31.22 -17.59
CA ILE B 390 -15.06 -29.82 -17.20
C ILE B 390 -14.87 -29.73 -15.69
N ILE B 391 -15.59 -30.56 -14.95
CA ILE B 391 -15.52 -30.45 -13.52
C ILE B 391 -14.15 -30.93 -13.03
N LEU B 392 -13.65 -31.98 -13.68
CA LEU B 392 -12.33 -32.53 -13.35
C LEU B 392 -11.35 -31.40 -13.46
N HIS B 393 -11.43 -30.67 -14.55
CA HIS B 393 -10.53 -29.57 -14.77
C HIS B 393 -10.70 -28.49 -13.70
N MET B 394 -11.92 -28.30 -13.21
CA MET B 394 -12.11 -27.31 -12.17
C MET B 394 -11.30 -27.73 -10.95
N PHE B 395 -11.37 -29.01 -10.62
CA PHE B 395 -10.62 -29.46 -9.50
C PHE B 395 -9.14 -29.44 -9.72
N GLN B 396 -8.72 -29.65 -10.96
CA GLN B 396 -7.30 -29.59 -11.20
C GLN B 396 -6.82 -28.21 -10.93
N TYR B 397 -7.55 -27.21 -11.37
CA TYR B 397 -7.10 -25.88 -11.16
C TYR B 397 -7.08 -25.58 -9.67
N ILE B 398 -8.08 -26.06 -8.96
CA ILE B 398 -8.14 -25.79 -7.54
C ILE B 398 -6.92 -26.43 -6.93
N GLN B 399 -6.62 -27.64 -7.39
CA GLN B 399 -5.51 -28.38 -6.84
C GLN B 399 -4.20 -27.67 -7.15
N LYS B 400 -4.10 -27.02 -8.29
CA LYS B 400 -2.92 -26.21 -8.52
C LYS B 400 -2.77 -25.10 -7.45
N LEU B 401 -3.87 -24.48 -7.06
CA LEU B 401 -3.79 -23.47 -6.03
C LEU B 401 -3.30 -24.09 -4.75
N ARG B 402 -3.90 -25.20 -4.34
CA ARG B 402 -3.44 -25.91 -3.15
C ARG B 402 -1.92 -26.15 -3.17
N ALA B 403 -1.42 -26.66 -4.30
CA ALA B 403 -0.01 -27.01 -4.46
C ALA B 403 0.94 -25.81 -4.32
N GLU B 404 0.56 -24.66 -4.85
CA GLU B 404 1.45 -23.51 -4.84
C GLU B 404 1.32 -22.69 -3.54
N GLY B 405 0.26 -22.97 -2.76
CA GLY B 405 -0.13 -22.13 -1.66
C GLY B 405 -0.43 -20.67 -2.06
N PRO B 406 -0.96 -19.88 -1.11
CA PRO B 406 -1.43 -18.51 -1.34
C PRO B 406 -0.30 -17.62 -1.72
N GLN B 407 -0.55 -16.64 -2.58
CA GLN B 407 0.49 -15.85 -3.16
C GLN B 407 0.30 -14.44 -2.73
N GLU B 408 1.23 -13.96 -1.90
CA GLU B 408 1.09 -12.60 -1.42
C GLU B 408 1.16 -11.58 -2.53
N TRP B 409 2.00 -11.84 -3.53
CA TRP B 409 2.14 -10.84 -4.59
C TRP B 409 0.78 -10.54 -5.29
N VAL B 410 -0.02 -11.60 -5.48
CA VAL B 410 -1.36 -11.49 -6.01
C VAL B 410 -2.28 -10.63 -5.10
N PHE B 411 -2.36 -11.01 -3.84
CA PHE B 411 -3.09 -10.24 -2.87
C PHE B 411 -2.61 -8.78 -2.91
N GLN B 412 -1.29 -8.60 -2.96
CA GLN B 412 -0.76 -7.21 -2.98
C GLN B 412 -1.21 -6.40 -4.20
N GLU B 413 -1.29 -7.08 -5.33
CA GLU B 413 -1.68 -6.41 -6.53
C GLU B 413 -3.18 -6.06 -6.39
N LEU B 414 -4.01 -6.98 -5.89
CA LEU B 414 -5.38 -6.61 -5.62
C LEU B 414 -5.48 -5.43 -4.67
N LYS B 415 -4.77 -5.50 -3.56
CA LYS B 415 -4.76 -4.34 -2.64
C LYS B 415 -4.38 -2.97 -3.30
N ASP B 416 -3.36 -2.95 -4.15
CA ASP B 416 -2.89 -1.69 -4.74
C ASP B 416 -3.86 -1.15 -5.75
N LEU B 417 -4.44 -2.06 -6.49
CA LEU B 417 -5.38 -1.74 -7.53
C LEU B 417 -6.67 -1.15 -6.93
N ASN B 418 -7.17 -1.79 -5.87
CA ASN B 418 -8.26 -1.26 -5.08
C ASN B 418 -7.87 0.10 -4.53
N ALA B 419 -6.62 0.30 -4.14
CA ALA B 419 -6.31 1.60 -3.53
C ALA B 419 -6.42 2.67 -4.62
N VAL B 420 -5.97 2.36 -5.85
CA VAL B 420 -6.07 3.32 -6.97
C VAL B 420 -7.51 3.59 -7.35
N ALA B 421 -8.27 2.51 -7.55
CA ALA B 421 -9.70 2.62 -7.86
C ALA B 421 -10.40 3.52 -6.86
N PHE B 422 -10.03 3.42 -5.58
CA PHE B 422 -10.64 4.21 -4.55
C PHE B 422 -10.13 5.66 -4.55
N ARG B 423 -8.82 5.88 -4.71
CA ARG B 423 -8.31 7.27 -4.85
C ARG B 423 -9.15 7.89 -5.95
N PHE B 424 -9.34 7.17 -7.07
CA PHE B 424 -9.78 7.86 -8.31
C PHE B 424 -11.22 7.62 -8.71
N LYS B 425 -12.00 7.05 -7.81
CA LYS B 425 -13.43 6.72 -8.00
C LYS B 425 -14.24 7.84 -8.66
N ASP B 426 -15.10 7.52 -9.63
CA ASP B 426 -16.06 8.53 -10.10
C ASP B 426 -17.03 8.95 -9.01
N LYS B 427 -17.42 10.21 -9.05
CA LYS B 427 -18.45 10.67 -8.20
C LYS B 427 -19.83 10.07 -8.60
N GLU B 428 -20.48 9.46 -7.61
CA GLU B 428 -21.70 8.72 -7.80
C GLU B 428 -22.89 9.62 -7.90
N ARG B 429 -23.93 9.11 -8.55
CA ARG B 429 -25.24 9.75 -8.48
C ARG B 429 -25.78 9.58 -7.09
N PRO B 430 -26.40 10.63 -6.55
CA PRO B 430 -26.91 10.66 -5.18
C PRO B 430 -27.84 9.51 -4.79
N ARG B 431 -28.86 9.27 -5.62
CA ARG B 431 -29.84 8.23 -5.35
C ARG B 431 -29.17 6.82 -5.10
N GLY B 432 -28.38 6.33 -6.07
CA GLY B 432 -27.70 5.07 -5.89
C GLY B 432 -26.79 5.12 -4.67
N TYR B 433 -26.21 6.28 -4.44
CA TYR B 433 -25.15 6.33 -3.45
C TYR B 433 -25.74 6.26 -2.07
N THR B 434 -26.78 7.04 -1.80
CA THR B 434 -27.48 6.91 -0.49
C THR B 434 -27.99 5.48 -0.30
N SER B 435 -28.51 4.87 -1.35
CA SER B 435 -29.01 3.53 -1.19
C SER B 435 -27.92 2.55 -0.85
N LYS B 436 -26.81 2.59 -1.60
CA LYS B 436 -25.75 1.56 -1.37
C LYS B 436 -25.25 1.78 0.04
N ILE B 437 -25.04 3.05 0.39
CA ILE B 437 -24.45 3.29 1.69
C ILE B 437 -25.39 2.94 2.82
N ALA B 438 -26.65 3.28 2.72
CA ALA B 438 -27.57 2.84 3.73
C ALA B 438 -27.45 1.34 4.01
N GLY B 439 -27.14 0.55 2.97
CA GLY B 439 -27.03 -0.91 3.09
C GLY B 439 -25.79 -1.30 3.87
N ILE B 440 -24.68 -0.59 3.68
CA ILE B 440 -23.48 -1.05 4.33
C ILE B 440 -23.22 -0.51 5.72
N LEU B 441 -24.00 0.49 6.15
CA LEU B 441 -23.89 0.91 7.54
C LEU B 441 -24.25 -0.23 8.51
N HIS B 442 -24.87 -1.30 8.03
CA HIS B 442 -25.20 -2.42 8.88
C HIS B 442 -23.99 -3.32 9.11
N TYR B 443 -22.92 -3.07 8.37
CA TYR B 443 -21.80 -4.03 8.32
C TYR B 443 -20.52 -3.48 8.83
N TYR B 444 -20.42 -2.14 8.95
CA TYR B 444 -19.14 -1.44 9.23
C TYR B 444 -19.33 -0.28 10.16
N PRO B 445 -18.35 -0.01 11.05
CA PRO B 445 -18.37 1.23 11.89
C PRO B 445 -18.54 2.44 11.02
N LEU B 446 -19.28 3.42 11.51
CA LEU B 446 -19.54 4.65 10.83
C LEU B 446 -18.33 5.13 10.06
N GLU B 447 -17.17 5.07 10.71
CA GLU B 447 -15.93 5.72 10.24
C GLU B 447 -15.34 5.03 9.03
N GLU B 448 -15.78 3.81 8.78
CA GLU B 448 -15.15 2.94 7.82
C GLU B 448 -16.05 2.58 6.66
N VAL B 449 -17.12 3.34 6.38
CA VAL B 449 -18.14 2.81 5.44
C VAL B 449 -17.84 3.12 4.02
N LEU B 450 -17.24 4.28 3.79
CA LEU B 450 -16.85 4.64 2.46
C LEU B 450 -15.71 3.74 2.02
N THR B 451 -14.91 3.21 2.96
CA THR B 451 -13.75 2.47 2.51
C THR B 451 -13.89 0.97 2.47
N ALA B 452 -14.78 0.47 3.30
CA ALA B 452 -14.91 -0.94 3.56
C ALA B 452 -15.10 -1.79 2.31
N GLU B 453 -15.79 -1.29 1.32
CA GLU B 453 -16.00 -2.21 0.22
C GLU B 453 -14.98 -2.04 -0.90
N TYR B 454 -13.86 -1.42 -0.55
CA TYR B 454 -12.78 -1.15 -1.49
C TYR B 454 -11.48 -1.54 -0.89
N LEU B 455 -11.26 -1.18 0.34
CA LEU B 455 -9.88 -1.29 0.79
C LEU B 455 -9.76 -2.70 1.41
N LEU B 456 -8.54 -3.23 1.36
CA LEU B 456 -8.25 -4.65 1.55
C LEU B 456 -6.96 -4.47 2.32
N GLU B 457 -6.74 -5.31 3.32
CA GLU B 457 -5.81 -4.88 4.38
C GLU B 457 -4.72 -5.84 4.77
N GLU B 458 -5.03 -6.99 5.39
CA GLU B 458 -4.00 -7.92 5.81
C GLU B 458 -4.11 -9.18 4.95
N PHE B 459 -2.97 -9.67 4.46
CA PHE B 459 -2.93 -10.92 3.73
C PHE B 459 -3.19 -12.01 4.72
N ARG B 460 -4.12 -12.92 4.46
CA ARG B 460 -4.28 -13.91 5.50
C ARG B 460 -4.23 -15.28 4.88
N PRO B 461 -3.00 -15.78 4.62
CA PRO B 461 -2.83 -17.08 3.96
C PRO B 461 -3.67 -18.16 4.61
N ASP B 462 -3.86 -18.09 5.91
CA ASP B 462 -4.52 -19.17 6.68
C ASP B 462 -6.03 -19.26 6.39
N LEU B 463 -6.69 -18.12 6.18
CA LEU B 463 -8.11 -18.07 5.86
C LEU B 463 -8.31 -18.50 4.42
N ILE B 464 -7.33 -18.17 3.59
CA ILE B 464 -7.37 -18.60 2.26
C ILE B 464 -7.35 -20.13 2.30
N GLU B 465 -6.62 -20.76 3.20
CA GLU B 465 -6.53 -22.20 3.08
C GLU B 465 -7.78 -22.81 3.62
N MET B 466 -8.39 -22.12 4.57
CA MET B 466 -9.62 -22.60 5.15
C MET B 466 -10.76 -22.59 4.12
N VAL B 467 -10.84 -21.54 3.31
CA VAL B 467 -11.86 -21.50 2.25
C VAL B 467 -11.58 -22.54 1.15
N LEU B 468 -10.33 -22.57 0.68
CA LEU B 468 -9.91 -23.50 -0.36
C LEU B 468 -10.17 -24.93 -0.01
N ASP B 469 -10.04 -25.20 1.28
CA ASP B 469 -10.24 -26.52 1.81
C ASP B 469 -11.73 -26.87 1.87
N LYS B 470 -12.60 -25.90 1.65
CA LYS B 470 -14.02 -26.23 1.51
C LYS B 470 -14.38 -26.56 0.03
N LEU B 471 -13.45 -26.33 -0.89
CA LEU B 471 -13.74 -26.44 -2.32
C LEU B 471 -13.36 -27.81 -2.82
N ARG B 472 -14.12 -28.82 -2.43
CA ARG B 472 -13.75 -30.21 -2.65
C ARG B 472 -14.92 -31.07 -3.16
N PRO B 473 -14.60 -32.17 -3.89
CA PRO B 473 -15.67 -32.99 -4.47
C PRO B 473 -16.70 -33.48 -3.46
N GLU B 474 -16.32 -33.80 -2.24
CA GLU B 474 -17.33 -34.29 -1.29
C GLU B 474 -18.32 -33.20 -0.90
N ASN B 475 -17.99 -31.98 -1.28
CA ASN B 475 -18.72 -30.80 -0.84
C ASN B 475 -19.55 -30.16 -2.01
N VAL B 476 -19.69 -30.86 -3.13
CA VAL B 476 -20.11 -30.22 -4.36
C VAL B 476 -21.58 -30.50 -4.74
N ARG B 477 -22.17 -29.50 -5.38
CA ARG B 477 -23.50 -29.56 -5.96
C ARG B 477 -23.36 -29.20 -7.43
N VAL B 478 -23.95 -30.01 -8.29
CA VAL B 478 -23.83 -29.74 -9.69
C VAL B 478 -25.17 -29.58 -10.35
N ALA B 479 -25.28 -28.50 -11.11
CA ALA B 479 -26.49 -28.37 -11.91
C ALA B 479 -26.18 -28.10 -13.40
N ILE B 480 -26.96 -28.76 -14.26
CA ILE B 480 -26.84 -28.67 -15.69
C ILE B 480 -28.19 -28.26 -16.28
N VAL B 481 -28.16 -27.24 -17.15
CA VAL B 481 -29.36 -26.72 -17.72
C VAL B 481 -29.27 -26.88 -19.26
N SER B 482 -30.25 -27.59 -19.86
CA SER B 482 -30.21 -27.85 -21.30
C SER B 482 -31.49 -28.40 -21.83
N LYS B 483 -31.90 -27.95 -23.02
CA LYS B 483 -33.12 -28.52 -23.64
C LYS B 483 -33.08 -30.04 -23.85
N SER B 484 -31.88 -30.63 -23.91
CA SER B 484 -31.82 -32.06 -24.02
C SER B 484 -32.38 -32.84 -22.82
N PHE B 485 -32.90 -32.19 -21.78
CA PHE B 485 -33.54 -33.00 -20.73
C PHE B 485 -35.05 -32.96 -20.85
N GLU B 486 -35.53 -32.19 -21.83
CA GLU B 486 -36.94 -32.18 -22.16
C GLU B 486 -37.45 -33.60 -22.33
N GLY B 487 -38.40 -33.97 -21.46
CA GLY B 487 -39.03 -35.28 -21.45
C GLY B 487 -38.33 -36.30 -20.57
N LYS B 488 -37.18 -35.94 -20.02
CA LYS B 488 -36.45 -36.89 -19.18
C LYS B 488 -36.35 -36.48 -17.72
N THR B 489 -37.23 -35.58 -17.32
CA THR B 489 -37.29 -35.10 -15.92
C THR B 489 -38.52 -35.64 -15.20
N ASP B 490 -38.45 -35.69 -13.87
CA ASP B 490 -39.47 -36.32 -13.08
C ASP B 490 -39.93 -35.46 -11.87
N ARG B 491 -39.42 -34.24 -11.78
CA ARG B 491 -39.79 -33.31 -10.69
C ARG B 491 -40.16 -31.92 -11.19
N THR B 492 -40.98 -31.21 -10.41
CA THR B 492 -41.47 -29.89 -10.79
C THR B 492 -41.30 -28.95 -9.59
N GLU B 493 -40.58 -27.85 -9.76
CA GLU B 493 -40.52 -26.86 -8.70
C GLU B 493 -41.86 -26.18 -8.56
N GLU B 494 -42.23 -26.07 -7.30
CA GLU B 494 -43.57 -25.74 -6.92
C GLU B 494 -44.01 -24.30 -7.32
N TRP B 495 -43.12 -23.31 -7.36
CA TRP B 495 -43.54 -21.93 -7.65
C TRP B 495 -43.44 -21.48 -9.06
N TYR B 496 -42.33 -21.82 -9.70
CA TYR B 496 -42.11 -21.54 -11.09
C TYR B 496 -42.57 -22.64 -12.05
N GLY B 497 -42.80 -23.86 -11.58
CA GLY B 497 -43.16 -24.97 -12.48
C GLY B 497 -41.96 -25.59 -13.20
N THR B 498 -40.74 -25.23 -12.79
CA THR B 498 -39.49 -25.69 -13.39
C THR B 498 -39.40 -27.20 -13.46
N GLN B 499 -39.10 -27.78 -14.63
CA GLN B 499 -39.00 -29.23 -14.78
C GLN B 499 -37.58 -29.69 -14.51
N TYR B 500 -37.40 -30.66 -13.61
CA TYR B 500 -36.05 -31.13 -13.39
C TYR B 500 -35.94 -32.56 -12.81
N LYS B 501 -34.70 -33.02 -12.72
CA LYS B 501 -34.35 -34.30 -12.19
C LYS B 501 -33.19 -34.15 -11.16
N GLN B 502 -33.21 -34.96 -10.13
CA GLN B 502 -32.15 -34.96 -9.16
C GLN B 502 -31.52 -36.36 -8.99
N GLU B 503 -30.19 -36.43 -9.02
CA GLU B 503 -29.54 -37.73 -8.88
C GLU B 503 -28.33 -37.56 -7.97
N ALA B 504 -27.98 -38.61 -7.24
CA ALA B 504 -26.74 -38.64 -6.49
C ALA B 504 -25.61 -38.70 -7.48
N ILE B 505 -24.53 -37.98 -7.26
CA ILE B 505 -23.36 -38.21 -8.06
C ILE B 505 -22.69 -39.54 -7.60
N PRO B 506 -22.40 -40.48 -8.54
CA PRO B 506 -21.85 -41.78 -8.10
C PRO B 506 -20.47 -41.66 -7.48
N ASP B 507 -20.17 -42.58 -6.55
CA ASP B 507 -18.90 -42.53 -5.82
C ASP B 507 -17.66 -42.56 -6.70
N GLU B 508 -17.77 -43.25 -7.83
CA GLU B 508 -16.63 -43.31 -8.74
C GLU B 508 -16.39 -41.90 -9.28
N VAL B 509 -17.46 -41.09 -9.36
CA VAL B 509 -17.22 -39.81 -9.99
C VAL B 509 -16.55 -38.88 -9.00
N ILE B 510 -17.08 -38.87 -7.78
CA ILE B 510 -16.48 -38.07 -6.74
C ILE B 510 -15.01 -38.49 -6.59
N LYS B 511 -14.78 -39.82 -6.50
CA LYS B 511 -13.39 -40.27 -6.33
C LYS B 511 -12.48 -39.83 -7.45
N LYS B 512 -12.91 -39.98 -8.71
CA LYS B 512 -11.98 -39.58 -9.80
C LYS B 512 -11.71 -38.08 -9.72
N TRP B 513 -12.70 -37.30 -9.27
CA TRP B 513 -12.45 -35.86 -8.98
C TRP B 513 -11.51 -35.50 -7.80
N GLN B 514 -11.63 -36.24 -6.70
CA GLN B 514 -10.74 -36.12 -5.56
C GLN B 514 -9.29 -36.40 -5.94
N ASN B 515 -9.06 -37.18 -7.00
CA ASN B 515 -7.69 -37.55 -7.40
C ASN B 515 -7.08 -36.63 -8.41
N ALA B 516 -7.71 -35.49 -8.59
CA ALA B 516 -7.25 -34.58 -9.58
C ALA B 516 -5.73 -34.34 -9.41
N ASP B 517 -4.93 -34.80 -10.37
CA ASP B 517 -3.48 -34.51 -10.38
C ASP B 517 -3.28 -33.09 -10.95
N LEU B 518 -2.05 -32.61 -11.13
CA LEU B 518 -1.89 -31.29 -11.75
C LEU B 518 -1.83 -31.35 -13.26
N ASN B 519 -2.22 -30.25 -13.89
CA ASN B 519 -2.29 -30.17 -15.31
C ASN B 519 -1.41 -29.02 -15.76
N GLY B 520 -0.37 -29.32 -16.52
CA GLY B 520 0.54 -28.25 -16.92
C GLY B 520 -0.05 -27.08 -17.69
N LYS B 521 -1.35 -27.14 -18.04
CA LYS B 521 -1.95 -26.05 -18.83
C LYS B 521 -2.45 -24.94 -17.87
N PHE B 522 -2.40 -25.23 -16.56
CA PHE B 522 -2.81 -24.23 -15.55
C PHE B 522 -1.66 -23.59 -14.84
N LYS B 523 -1.61 -22.28 -14.96
CA LYS B 523 -0.59 -21.48 -14.32
C LYS B 523 -1.32 -20.34 -13.64
N LEU B 524 -0.69 -19.70 -12.67
CA LEU B 524 -1.29 -18.59 -12.01
C LEU B 524 -1.15 -17.44 -12.97
N PRO B 525 -1.93 -16.35 -12.81
CA PRO B 525 -1.75 -15.24 -13.73
C PRO B 525 -0.33 -14.71 -13.67
N THR B 526 0.15 -14.14 -14.75
CA THR B 526 1.41 -13.45 -14.68
C THR B 526 1.08 -12.09 -14.05
N LYS B 527 2.13 -11.34 -13.70
CA LYS B 527 1.93 -9.97 -13.19
C LYS B 527 1.21 -9.08 -14.18
N ASN B 528 0.27 -8.32 -13.66
CA ASN B 528 -0.55 -7.49 -14.47
C ASN B 528 0.22 -6.26 -14.90
N GLU B 529 0.55 -6.20 -16.19
CA GLU B 529 1.32 -5.07 -16.74
C GLU B 529 0.49 -3.87 -17.14
N PHE B 530 -0.84 -3.95 -17.00
CA PHE B 530 -1.66 -2.76 -17.33
C PHE B 530 -1.87 -1.79 -16.22
N ILE B 531 -1.34 -2.09 -15.04
CA ILE B 531 -1.57 -1.26 -13.90
C ILE B 531 -1.14 0.16 -14.25
N PRO B 532 -2.05 1.11 -14.11
CA PRO B 532 -1.68 2.49 -14.39
C PRO B 532 -0.62 3.00 -13.39
N THR B 533 0.23 3.92 -13.81
CA THR B 533 1.19 4.53 -12.92
C THR B 533 1.33 5.99 -13.25
N ASN B 534 0.95 6.43 -14.44
CA ASN B 534 0.96 7.87 -14.60
C ASN B 534 -0.40 8.60 -14.31
N PHE B 535 -0.50 9.29 -13.15
CA PHE B 535 -1.75 9.95 -12.80
C PHE B 535 -1.71 11.44 -12.88
N GLU B 536 -0.85 12.02 -13.69
CA GLU B 536 -0.86 13.47 -13.64
C GLU B 536 -2.03 14.06 -14.43
N ILE B 537 -2.66 15.04 -13.82
CA ILE B 537 -3.63 15.80 -14.54
C ILE B 537 -2.92 16.89 -15.30
N LEU B 538 -2.68 16.68 -16.60
CA LEU B 538 -2.15 17.73 -17.49
C LEU B 538 -2.92 19.04 -17.31
N PRO B 539 -2.20 20.17 -17.24
CA PRO B 539 -2.86 21.45 -16.99
C PRO B 539 -3.80 21.88 -18.12
N LEU B 540 -4.76 22.70 -17.79
CA LEU B 540 -5.74 23.07 -18.73
C LEU B 540 -5.09 23.99 -19.80
N GLU B 541 -5.22 23.61 -21.07
CA GLU B 541 -4.60 24.34 -22.20
C GLU B 541 -5.17 25.72 -22.40
N LYS B 542 -4.36 26.60 -23.04
CA LYS B 542 -4.74 28.01 -23.30
C LYS B 542 -6.11 28.10 -23.98
N GLU B 543 -6.30 27.38 -25.07
CA GLU B 543 -7.64 27.42 -25.64
C GLU B 543 -8.38 26.09 -25.49
N ALA B 544 -8.54 25.68 -24.24
CA ALA B 544 -9.44 24.61 -23.91
C ALA B 544 -10.85 25.13 -24.05
N THR B 545 -11.74 24.26 -24.52
CA THR B 545 -13.11 24.65 -24.75
C THR B 545 -14.00 24.01 -23.71
N PRO B 546 -15.14 24.66 -23.42
CA PRO B 546 -16.14 24.13 -22.52
C PRO B 546 -17.00 23.02 -23.15
N TYR B 547 -17.14 23.04 -24.49
CA TYR B 547 -17.88 22.01 -25.24
C TYR B 547 -16.87 21.42 -26.13
N PRO B 548 -17.18 20.29 -26.77
CA PRO B 548 -16.19 19.71 -27.68
C PRO B 548 -16.03 20.54 -28.93
N ALA B 549 -14.81 20.63 -29.39
CA ALA B 549 -14.49 21.40 -30.55
C ALA B 549 -14.12 20.42 -31.62
N LEU B 550 -14.36 20.81 -32.88
CA LEU B 550 -14.03 19.98 -34.01
C LEU B 550 -12.61 20.23 -34.51
N ILE B 551 -11.67 19.41 -34.12
CA ILE B 551 -10.29 19.81 -34.31
C ILE B 551 -9.70 19.11 -35.53
N LYS B 552 -10.48 18.24 -36.14
CA LYS B 552 -10.13 17.61 -37.42
C LYS B 552 -11.39 17.30 -38.22
N ASP B 553 -11.30 17.48 -39.54
CA ASP B 553 -12.47 17.35 -40.47
C ASP B 553 -12.02 17.00 -41.84
N THR B 554 -11.51 15.79 -42.01
CA THR B 554 -11.09 15.37 -43.29
C THR B 554 -12.11 14.40 -43.85
N ALA B 555 -11.80 13.90 -45.04
CA ALA B 555 -12.71 12.96 -45.65
C ALA B 555 -12.71 11.72 -44.77
N MET B 556 -11.54 11.35 -44.26
CA MET B 556 -11.51 10.19 -43.42
C MET B 556 -12.01 10.38 -41.98
N SER B 557 -11.82 11.54 -41.35
CA SER B 557 -12.28 11.69 -39.98
C SER B 557 -12.78 13.02 -39.53
N LYS B 558 -13.91 12.97 -38.82
CA LYS B 558 -14.37 14.10 -38.07
C LYS B 558 -13.92 13.86 -36.61
N LEU B 559 -13.20 14.81 -35.99
CA LEU B 559 -12.68 14.54 -34.66
C LEU B 559 -13.05 15.59 -33.67
N TRP B 560 -13.87 15.20 -32.70
CA TRP B 560 -14.32 16.11 -31.66
C TRP B 560 -13.46 15.90 -30.42
N PHE B 561 -13.04 17.02 -29.83
CA PHE B 561 -12.15 16.96 -28.69
C PHE B 561 -12.54 17.89 -27.60
N LYS B 562 -12.50 17.43 -26.36
CA LYS B 562 -12.56 18.33 -25.21
C LYS B 562 -11.70 17.81 -24.08
N GLN B 563 -10.81 18.67 -23.60
CA GLN B 563 -10.04 18.38 -22.42
C GLN B 563 -10.95 18.53 -21.21
N ASP B 564 -11.00 17.54 -20.32
CA ASP B 564 -11.91 17.59 -19.16
C ASP B 564 -11.71 18.85 -18.32
N ASP B 565 -12.71 19.67 -18.13
CA ASP B 565 -12.58 20.81 -17.23
C ASP B 565 -13.37 20.74 -15.92
N LYS B 566 -13.86 19.56 -15.55
CA LYS B 566 -14.70 19.49 -14.34
C LYS B 566 -14.20 18.50 -13.30
N PHE B 567 -13.64 17.37 -13.74
CA PHE B 567 -13.47 16.22 -12.85
C PHE B 567 -12.07 16.07 -12.38
N PHE B 568 -11.14 16.26 -13.28
CA PHE B 568 -9.71 16.18 -12.96
C PHE B 568 -9.33 14.84 -12.37
N LEU B 569 -9.73 13.76 -13.06
CA LEU B 569 -9.25 12.41 -12.73
C LEU B 569 -8.40 11.89 -13.88
N PRO B 570 -7.38 11.05 -13.60
CA PRO B 570 -6.48 10.62 -14.67
C PRO B 570 -7.14 9.60 -15.61
N LYS B 571 -8.18 10.04 -16.32
CA LYS B 571 -9.06 9.08 -17.02
C LYS B 571 -9.47 9.71 -18.29
N ALA B 572 -9.74 8.92 -19.33
CA ALA B 572 -10.24 9.50 -20.56
C ALA B 572 -11.28 8.61 -21.20
N ASN B 573 -12.11 9.20 -22.04
CA ASN B 573 -13.05 8.45 -22.84
C ASN B 573 -12.74 8.68 -24.31
N LEU B 574 -12.46 7.58 -25.02
CA LEU B 574 -12.21 7.67 -26.45
C LEU B 574 -13.31 6.95 -27.25
N ASN B 575 -14.14 7.68 -27.98
CA ASN B 575 -15.28 7.08 -28.65
C ASN B 575 -15.15 7.22 -30.13
N PHE B 576 -15.33 6.12 -30.84
CA PHE B 576 -15.26 6.10 -32.30
C PHE B 576 -16.42 5.43 -32.98
N GLU B 577 -17.09 6.16 -33.88
CA GLU B 577 -18.06 5.54 -34.83
C GLU B 577 -17.34 5.34 -36.18
N PHE B 578 -17.28 4.10 -36.65
CA PHE B 578 -16.73 3.81 -37.97
C PHE B 578 -17.89 3.50 -38.93
N PHE B 579 -18.18 4.38 -39.91
CA PHE B 579 -19.19 4.08 -40.94
C PHE B 579 -18.69 3.24 -42.06
N SER B 580 -19.43 2.19 -42.39
CA SER B 580 -19.31 1.50 -43.67
C SER B 580 -20.70 1.07 -44.07
N PRO B 581 -21.04 1.26 -45.35
CA PRO B 581 -22.32 0.76 -45.89
C PRO B 581 -22.47 -0.75 -45.81
N PHE B 582 -21.38 -1.50 -45.62
CA PHE B 582 -21.46 -2.98 -45.64
C PHE B 582 -21.74 -3.62 -44.31
N ALA B 583 -21.91 -2.82 -43.29
CA ALA B 583 -22.19 -3.36 -41.98
C ALA B 583 -23.65 -3.87 -41.90
N TYR B 584 -24.51 -3.30 -42.74
CA TYR B 584 -25.87 -3.53 -42.54
C TYR B 584 -26.61 -3.53 -43.87
N VAL B 585 -25.86 -3.73 -44.93
CA VAL B 585 -26.48 -3.65 -46.24
C VAL B 585 -27.52 -4.73 -46.38
N ASP B 586 -27.27 -5.89 -45.80
CA ASP B 586 -28.21 -7.00 -45.88
C ASP B 586 -28.11 -7.97 -44.66
N PRO B 587 -29.19 -8.70 -44.34
CA PRO B 587 -29.09 -9.68 -43.27
C PRO B 587 -27.77 -10.41 -43.21
N LEU B 588 -27.38 -11.06 -44.30
CA LEU B 588 -26.13 -11.79 -44.32
C LEU B 588 -24.98 -10.99 -43.73
N HIS B 589 -24.92 -9.72 -44.11
CA HIS B 589 -23.76 -8.91 -43.88
C HIS B 589 -23.81 -8.36 -42.53
N SER B 590 -25.02 -8.18 -42.09
CA SER B 590 -25.24 -7.68 -40.80
C SER B 590 -24.84 -8.78 -39.83
N ASN B 591 -25.16 -10.03 -40.16
CA ASN B 591 -24.64 -11.15 -39.40
C ASN B 591 -23.13 -11.18 -39.40
N MET B 592 -22.51 -10.73 -40.47
CA MET B 592 -21.07 -10.90 -40.58
C MET B 592 -20.36 -9.83 -39.78
N ALA B 593 -20.85 -8.60 -39.87
CA ALA B 593 -20.37 -7.54 -39.00
C ALA B 593 -20.36 -8.07 -37.56
N TYR B 594 -21.49 -8.64 -37.15
CA TYR B 594 -21.64 -8.99 -35.77
C TYR B 594 -20.64 -10.08 -35.39
N LEU B 595 -20.63 -11.14 -36.15
CA LEU B 595 -19.77 -12.28 -35.92
C LEU B 595 -18.30 -11.84 -35.81
N TYR B 596 -17.91 -10.98 -36.72
CA TYR B 596 -16.55 -10.61 -36.82
C TYR B 596 -16.12 -9.92 -35.51
N LEU B 597 -16.89 -8.90 -35.10
CA LEU B 597 -16.67 -8.24 -33.82
C LEU B 597 -16.67 -9.19 -32.63
N GLU B 598 -17.53 -10.21 -32.63
CA GLU B 598 -17.51 -11.16 -31.54
C GLU B 598 -16.25 -11.95 -31.57
N LEU B 599 -15.81 -12.33 -32.76
CA LEU B 599 -14.67 -13.22 -32.89
C LEU B 599 -13.42 -12.49 -32.46
N LEU B 600 -13.35 -11.21 -32.80
CA LEU B 600 -12.29 -10.33 -32.43
C LEU B 600 -12.24 -10.17 -30.91
N LYS B 601 -13.37 -9.81 -30.27
CA LYS B 601 -13.43 -9.77 -28.78
C LYS B 601 -13.06 -11.11 -28.19
N ASP B 602 -13.49 -12.17 -28.79
CA ASP B 602 -13.16 -13.43 -28.21
C ASP B 602 -11.65 -13.57 -28.28
N SER B 603 -11.03 -13.12 -29.33
CA SER B 603 -9.61 -13.34 -29.50
C SER B 603 -8.71 -12.41 -28.62
N LEU B 604 -9.18 -11.22 -28.31
CA LEU B 604 -8.43 -10.28 -27.50
C LEU B 604 -8.71 -10.48 -26.03
N ASN B 605 -9.68 -11.32 -25.71
CA ASN B 605 -10.11 -11.43 -24.36
C ASN B 605 -9.00 -11.73 -23.30
N GLU B 606 -8.20 -12.76 -23.54
CA GLU B 606 -7.02 -13.00 -22.67
C GLU B 606 -6.17 -11.76 -22.44
N TYR B 607 -5.83 -11.06 -23.50
CA TYR B 607 -5.01 -9.91 -23.29
C TYR B 607 -5.77 -8.77 -22.60
N ALA B 608 -7.06 -8.60 -22.91
CA ALA B 608 -7.77 -7.39 -22.47
C ALA B 608 -8.28 -7.51 -21.03
N TYR B 609 -8.36 -8.75 -20.54
CA TYR B 609 -8.88 -8.97 -19.20
C TYR B 609 -8.04 -8.25 -18.15
N ALA B 610 -6.73 -8.45 -18.26
CA ALA B 610 -5.76 -7.75 -17.45
C ALA B 610 -6.06 -6.27 -17.50
N ALA B 611 -6.38 -5.78 -18.67
CA ALA B 611 -6.53 -4.35 -18.77
C ALA B 611 -7.82 -3.97 -18.03
N GLU B 612 -8.81 -4.82 -18.08
CA GLU B 612 -10.03 -4.45 -17.42
C GLU B 612 -9.84 -4.40 -15.86
N LEU B 613 -9.11 -5.39 -15.35
CA LEU B 613 -8.78 -5.42 -13.96
C LEU B 613 -8.08 -4.13 -13.59
N ALA B 614 -7.30 -3.57 -14.52
CA ALA B 614 -6.58 -2.34 -14.21
C ALA B 614 -7.36 -1.19 -14.61
N GLY B 615 -8.68 -1.30 -14.73
CA GLY B 615 -9.49 -0.06 -14.85
C GLY B 615 -9.38 0.56 -16.25
N LEU B 616 -8.99 -0.25 -17.23
CA LEU B 616 -8.93 0.19 -18.62
C LEU B 616 -9.84 -0.69 -19.45
N SER B 617 -10.97 -0.17 -19.90
CA SER B 617 -11.82 -1.06 -20.66
C SER B 617 -12.28 -0.65 -22.06
N TYR B 618 -12.93 -1.59 -22.73
CA TYR B 618 -13.45 -1.23 -24.03
C TYR B 618 -14.71 -1.94 -24.40
N ASP B 619 -15.38 -1.30 -25.33
CA ASP B 619 -16.59 -1.76 -25.89
C ASP B 619 -16.51 -1.68 -27.40
N LEU B 620 -16.85 -2.78 -28.04
CA LEU B 620 -16.76 -2.90 -29.47
C LEU B 620 -17.99 -3.61 -29.93
N GLN B 621 -18.84 -2.91 -30.70
CA GLN B 621 -19.99 -3.54 -31.37
C GLN B 621 -20.39 -3.01 -32.72
N ASN B 622 -21.04 -3.89 -33.50
CA ASN B 622 -21.59 -3.51 -34.81
C ASN B 622 -22.82 -2.65 -34.61
N THR B 623 -23.00 -1.67 -35.47
CA THR B 623 -24.21 -0.88 -35.45
C THR B 623 -24.93 -1.00 -36.79
N ILE B 624 -26.04 -0.29 -36.91
CA ILE B 624 -26.69 -0.18 -38.21
C ILE B 624 -25.86 0.68 -39.21
N TYR B 625 -24.93 1.54 -38.74
CA TYR B 625 -24.08 2.33 -39.65
C TYR B 625 -22.67 1.78 -39.92
N GLY B 626 -22.28 0.76 -39.17
CA GLY B 626 -20.91 0.27 -39.13
C GLY B 626 -20.72 0.51 -37.62
N MET B 627 -19.49 0.28 -37.13
CA MET B 627 -18.94 -0.21 -35.87
C MET B 627 -18.83 0.88 -34.83
N TYR B 628 -18.86 0.47 -33.57
CA TYR B 628 -18.65 1.36 -32.45
C TYR B 628 -17.53 0.82 -31.59
N LEU B 629 -16.62 1.72 -31.20
CA LEU B 629 -15.57 1.33 -30.32
C LEU B 629 -15.41 2.39 -29.26
N SER B 630 -15.29 1.92 -28.02
CA SER B 630 -15.12 2.83 -26.92
C SER B 630 -14.10 2.35 -25.95
N VAL B 631 -13.09 3.18 -25.69
CA VAL B 631 -12.17 2.90 -24.62
C VAL B 631 -12.21 3.92 -23.50
N LYS B 632 -12.42 3.39 -22.30
CA LYS B 632 -12.62 4.18 -21.09
C LYS B 632 -11.64 3.76 -20.03
N GLY B 633 -11.37 4.67 -19.11
CA GLY B 633 -10.55 4.33 -17.95
C GLY B 633 -9.33 5.22 -17.84
N TYR B 634 -8.33 4.75 -17.11
CA TYR B 634 -7.17 5.62 -16.88
C TYR B 634 -6.44 5.94 -18.19
N ASN B 635 -6.05 7.20 -18.38
CA ASN B 635 -5.51 7.55 -19.68
C ASN B 635 -4.20 6.88 -19.90
N ASP B 636 -3.39 6.78 -18.83
CA ASP B 636 -2.06 6.22 -18.89
C ASP B 636 -1.63 5.04 -19.80
N LYS B 637 -2.53 4.12 -20.12
CA LYS B 637 -2.18 3.04 -21.04
C LYS B 637 -3.19 2.79 -22.10
N GLN B 638 -4.18 3.68 -22.19
CA GLN B 638 -5.18 3.65 -23.26
C GLN B 638 -4.58 3.48 -24.65
N PRO B 639 -3.60 4.34 -25.04
CA PRO B 639 -3.06 4.18 -26.41
C PRO B 639 -2.52 2.76 -26.66
N ILE B 640 -2.02 2.09 -25.64
CA ILE B 640 -1.49 0.76 -25.94
C ILE B 640 -2.63 -0.18 -26.28
N LEU B 641 -3.73 -0.08 -25.55
CA LEU B 641 -4.82 -1.04 -25.76
C LEU B 641 -5.55 -0.69 -27.08
N LEU B 642 -5.87 0.59 -27.27
CA LEU B 642 -6.41 1.10 -28.49
C LEU B 642 -5.64 0.64 -29.66
N LYS B 643 -4.32 0.83 -29.63
CA LYS B 643 -3.51 0.42 -30.74
C LYS B 643 -3.63 -1.05 -30.92
N LYS B 644 -3.58 -1.82 -29.86
CA LYS B 644 -3.70 -3.28 -30.09
C LYS B 644 -5.05 -3.63 -30.82
N ILE B 645 -6.14 -2.98 -30.41
CA ILE B 645 -7.45 -3.34 -30.90
C ILE B 645 -7.56 -3.09 -32.42
N ILE B 646 -7.11 -1.90 -32.87
CA ILE B 646 -7.13 -1.55 -34.28
C ILE B 646 -6.20 -2.48 -35.02
N GLU B 647 -5.08 -2.82 -34.41
CA GLU B 647 -4.18 -3.72 -35.09
C GLU B 647 -4.79 -5.06 -35.33
N LYS B 648 -5.49 -5.60 -34.34
CA LYS B 648 -6.08 -6.94 -34.47
C LYS B 648 -7.21 -6.85 -35.44
N MET B 649 -7.92 -5.73 -35.38
CA MET B 649 -9.14 -5.64 -36.13
C MET B 649 -8.81 -5.66 -37.63
N ALA B 650 -7.72 -4.97 -37.98
CA ALA B 650 -7.23 -4.93 -39.35
C ALA B 650 -6.35 -6.11 -39.80
N THR B 651 -5.98 -7.05 -38.96
CA THR B 651 -4.99 -8.06 -39.36
C THR B 651 -5.51 -9.34 -38.84
N PHE B 652 -6.82 -9.33 -38.63
CA PHE B 652 -7.49 -10.37 -37.90
C PHE B 652 -7.46 -11.71 -38.64
N GLU B 653 -7.03 -12.76 -37.95
CA GLU B 653 -7.16 -14.07 -38.52
C GLU B 653 -8.06 -14.97 -37.68
N ILE B 654 -9.12 -15.46 -38.31
CA ILE B 654 -10.20 -16.19 -37.65
C ILE B 654 -9.81 -17.62 -37.31
N ASP B 655 -10.15 -18.10 -36.13
CA ASP B 655 -9.95 -19.51 -35.80
C ASP B 655 -11.21 -20.31 -36.19
N GLU B 656 -11.03 -21.30 -37.06
CA GLU B 656 -12.17 -22.07 -37.51
C GLU B 656 -13.07 -22.54 -36.34
N LYS B 657 -12.48 -23.20 -35.34
CA LYS B 657 -13.22 -23.83 -34.24
C LYS B 657 -14.07 -22.75 -33.49
N ARG B 658 -13.43 -21.64 -33.16
CA ARG B 658 -14.10 -20.45 -32.57
C ARG B 658 -15.34 -19.95 -33.36
N PHE B 659 -15.15 -19.84 -34.67
CA PHE B 659 -16.16 -19.43 -35.64
C PHE B 659 -17.40 -20.32 -35.52
N GLU B 660 -17.21 -21.63 -35.49
CA GLU B 660 -18.34 -22.52 -35.41
C GLU B 660 -19.06 -22.38 -34.07
N ILE B 661 -18.31 -22.16 -33.00
CA ILE B 661 -18.90 -22.12 -31.68
C ILE B 661 -19.76 -20.87 -31.50
N ILE B 662 -19.20 -19.77 -31.98
CA ILE B 662 -19.83 -18.52 -31.79
C ILE B 662 -21.02 -18.35 -32.73
N LYS B 663 -20.95 -18.93 -33.93
CA LYS B 663 -22.05 -18.92 -34.88
C LYS B 663 -23.20 -19.65 -34.20
N GLU B 664 -22.90 -20.81 -33.63
CA GLU B 664 -23.95 -21.62 -33.03
C GLU B 664 -24.62 -20.93 -31.83
N ALA B 665 -23.85 -20.12 -31.08
CA ALA B 665 -24.35 -19.42 -29.91
C ALA B 665 -25.23 -18.26 -30.35
N TYR B 666 -24.79 -17.57 -31.38
CA TYR B 666 -25.57 -16.54 -32.02
C TYR B 666 -26.89 -17.04 -32.64
N MET B 667 -26.89 -18.22 -33.25
CA MET B 667 -28.10 -18.80 -33.78
C MET B 667 -29.08 -18.83 -32.58
N ARG B 668 -28.67 -19.51 -31.50
CA ARG B 668 -29.46 -19.64 -30.30
C ARG B 668 -29.91 -18.27 -29.78
N SER B 669 -28.99 -17.35 -29.73
CA SER B 669 -29.33 -16.06 -29.29
C SER B 669 -30.47 -15.44 -30.11
N LEU B 670 -30.46 -15.69 -31.42
CA LEU B 670 -31.56 -15.20 -32.27
C LEU B 670 -32.83 -15.95 -31.97
N ASN B 671 -32.87 -17.28 -31.94
CA ASN B 671 -34.13 -17.92 -31.57
C ASN B 671 -34.62 -17.49 -30.18
N ASN B 672 -33.69 -17.33 -29.22
CA ASN B 672 -34.07 -17.05 -27.84
C ASN B 672 -34.86 -15.78 -27.69
N PHE B 673 -34.93 -14.96 -28.72
CA PHE B 673 -35.75 -13.78 -28.58
C PHE B 673 -37.23 -14.09 -28.33
N ARG B 674 -37.68 -15.27 -28.80
CA ARG B 674 -39.08 -15.65 -28.64
C ARG B 674 -39.50 -15.65 -27.12
N ALA B 675 -38.53 -15.79 -26.21
CA ALA B 675 -38.82 -15.91 -24.76
C ALA B 675 -38.56 -14.61 -23.98
N GLU B 676 -38.23 -13.55 -24.69
CA GLU B 676 -38.20 -12.26 -24.08
C GLU B 676 -39.63 -11.81 -23.72
N GLN B 677 -39.72 -10.81 -22.87
CA GLN B 677 -40.97 -10.34 -22.38
C GLN B 677 -41.91 -9.71 -23.47
N PRO B 678 -43.23 -9.85 -23.31
CA PRO B 678 -44.18 -9.28 -24.26
C PRO B 678 -43.96 -7.81 -24.47
N HIS B 679 -43.71 -7.07 -23.40
CA HIS B 679 -43.46 -5.64 -23.58
C HIS B 679 -42.14 -5.40 -24.35
N GLN B 680 -41.16 -6.25 -24.14
CA GLN B 680 -39.97 -6.11 -24.95
C GLN B 680 -40.25 -6.45 -26.43
N HIS B 681 -40.97 -7.53 -26.71
CA HIS B 681 -41.52 -7.71 -28.04
C HIS B 681 -42.22 -6.43 -28.57
N ALA B 682 -43.06 -5.76 -27.81
CA ALA B 682 -43.79 -4.69 -28.46
C ALA B 682 -42.87 -3.58 -28.89
N MET B 683 -41.84 -3.29 -28.09
CA MET B 683 -40.89 -2.25 -28.43
C MET B 683 -40.10 -2.68 -29.70
N TYR B 684 -39.79 -3.97 -29.81
CA TYR B 684 -39.00 -4.45 -30.91
C TYR B 684 -39.78 -4.27 -32.22
N TYR B 685 -40.98 -4.82 -32.30
CA TYR B 685 -41.79 -4.66 -33.49
C TYR B 685 -42.02 -3.21 -33.85
N LEU B 686 -42.17 -2.32 -32.88
CA LEU B 686 -42.37 -0.95 -33.22
C LEU B 686 -41.11 -0.39 -33.86
N ARG B 687 -39.93 -0.71 -33.32
CA ARG B 687 -38.71 -0.17 -33.92
C ARG B 687 -38.65 -0.65 -35.39
N LEU B 688 -39.13 -1.87 -35.64
CA LEU B 688 -39.02 -2.49 -36.94
C LEU B 688 -39.95 -1.78 -37.87
N LEU B 689 -41.17 -1.48 -37.40
CA LEU B 689 -42.20 -0.79 -38.19
C LEU B 689 -41.79 0.61 -38.50
N MET B 690 -41.17 1.35 -37.57
CA MET B 690 -41.02 2.77 -37.79
C MET B 690 -39.71 3.17 -38.39
N THR B 691 -38.76 2.24 -38.55
CA THR B 691 -37.46 2.54 -39.16
C THR B 691 -37.40 2.13 -40.62
N GLU B 692 -36.74 2.98 -41.41
CA GLU B 692 -36.66 2.82 -42.82
C GLU B 692 -36.14 1.46 -43.19
N VAL B 693 -34.99 1.08 -42.66
CA VAL B 693 -34.46 -0.26 -42.94
C VAL B 693 -34.14 -0.93 -41.61
N ALA B 694 -34.57 -2.17 -41.43
CA ALA B 694 -34.33 -2.90 -40.21
C ALA B 694 -34.50 -4.36 -40.49
N TRP B 695 -33.49 -5.19 -40.24
CA TRP B 695 -33.62 -6.60 -40.46
C TRP B 695 -34.19 -7.28 -39.24
N THR B 696 -35.09 -8.22 -39.41
CA THR B 696 -35.67 -8.89 -38.31
C THR B 696 -34.80 -10.07 -37.84
N LYS B 697 -35.03 -10.50 -36.59
CA LYS B 697 -34.46 -11.72 -36.12
C LYS B 697 -34.76 -12.84 -37.07
N ASP B 698 -35.96 -12.95 -37.63
CA ASP B 698 -36.18 -14.07 -38.60
C ASP B 698 -35.28 -13.96 -39.86
N GLU B 699 -35.17 -12.75 -40.38
CA GLU B 699 -34.32 -12.53 -41.53
C GLU B 699 -32.86 -12.85 -41.18
N LEU B 700 -32.36 -12.35 -40.05
CA LEU B 700 -31.00 -12.66 -39.61
C LEU B 700 -30.83 -14.15 -39.47
N LYS B 701 -31.79 -14.80 -38.83
CA LYS B 701 -31.70 -16.24 -38.56
C LYS B 701 -31.67 -17.13 -39.84
N GLU B 702 -32.61 -16.87 -40.75
CA GLU B 702 -32.63 -17.39 -42.14
C GLU B 702 -31.25 -17.19 -42.81
N ALA B 703 -30.72 -15.96 -42.83
CA ALA B 703 -29.46 -15.69 -43.53
C ALA B 703 -28.23 -16.26 -42.91
N LEU B 704 -28.34 -16.91 -41.77
CA LEU B 704 -27.14 -17.18 -41.02
C LEU B 704 -26.51 -18.50 -41.43
N ASP B 705 -27.35 -19.46 -41.85
CA ASP B 705 -26.82 -20.75 -42.30
C ASP B 705 -25.87 -20.54 -43.46
N ASP B 706 -26.15 -19.52 -44.27
CA ASP B 706 -25.29 -19.20 -45.37
C ASP B 706 -23.96 -18.51 -45.01
N VAL B 707 -23.76 -18.01 -43.79
CA VAL B 707 -22.41 -17.46 -43.39
C VAL B 707 -21.33 -18.55 -43.26
N THR B 708 -20.29 -18.51 -44.08
CA THR B 708 -19.28 -19.57 -44.03
C THR B 708 -17.99 -18.94 -43.64
N LEU B 709 -17.03 -19.76 -43.22
CA LEU B 709 -15.68 -19.27 -42.95
C LEU B 709 -15.09 -18.43 -44.11
N PRO B 710 -15.07 -19.00 -45.34
CA PRO B 710 -14.57 -18.20 -46.46
C PRO B 710 -15.36 -16.93 -46.72
N ARG B 711 -16.70 -16.94 -46.64
CA ARG B 711 -17.26 -15.60 -46.79
C ARG B 711 -16.95 -14.53 -45.71
N LEU B 712 -16.75 -14.97 -44.46
CA LEU B 712 -16.36 -14.05 -43.39
C LEU B 712 -14.98 -13.45 -43.65
N LYS B 713 -14.01 -14.32 -43.94
CA LYS B 713 -12.66 -13.92 -44.38
C LYS B 713 -12.69 -12.93 -45.52
N ALA B 714 -13.47 -13.19 -46.55
CA ALA B 714 -13.61 -12.15 -47.57
C ALA B 714 -14.31 -10.89 -47.06
N PHE B 715 -15.24 -11.04 -46.13
CA PHE B 715 -15.97 -9.87 -45.62
C PHE B 715 -15.17 -8.78 -44.87
N ILE B 716 -14.25 -9.17 -43.99
CA ILE B 716 -13.54 -8.15 -43.21
C ILE B 716 -12.73 -7.12 -44.03
N PRO B 717 -11.88 -7.59 -44.98
CA PRO B 717 -11.20 -6.61 -45.86
C PRO B 717 -12.21 -5.68 -46.56
N GLN B 718 -13.35 -6.20 -46.97
CA GLN B 718 -14.27 -5.36 -47.74
C GLN B 718 -14.82 -4.36 -46.79
N LEU B 719 -15.16 -4.81 -45.57
CA LEU B 719 -15.70 -3.92 -44.54
C LEU B 719 -14.73 -2.83 -44.25
N LEU B 720 -13.48 -3.21 -44.12
CA LEU B 720 -12.48 -2.28 -43.70
C LEU B 720 -11.93 -1.35 -44.76
N SER B 721 -12.08 -1.72 -46.05
CA SER B 721 -11.47 -0.99 -47.20
C SER B 721 -11.95 0.45 -47.30
N ARG B 722 -13.19 0.72 -46.94
CA ARG B 722 -13.62 2.11 -47.00
C ARG B 722 -14.51 2.48 -45.84
N LEU B 723 -14.12 3.60 -45.21
CA LEU B 723 -14.57 4.00 -43.90
C LEU B 723 -14.59 5.51 -43.71
N HIS B 724 -15.41 5.96 -42.78
CA HIS B 724 -15.28 7.30 -42.27
C HIS B 724 -15.27 7.10 -40.75
N ILE B 725 -14.59 7.97 -40.04
CA ILE B 725 -14.49 7.77 -38.67
C ILE B 725 -14.92 9.03 -38.05
N GLU B 726 -15.92 8.95 -37.17
CA GLU B 726 -16.26 10.11 -36.33
C GLU B 726 -15.93 9.75 -34.86
N ALA B 727 -15.35 10.71 -34.12
CA ALA B 727 -14.70 10.43 -32.87
C ALA B 727 -14.92 11.52 -31.88
N LEU B 728 -15.07 11.13 -30.61
CA LEU B 728 -15.10 12.10 -29.48
C LEU B 728 -13.98 11.66 -28.56
N LEU B 729 -13.02 12.53 -28.29
CA LEU B 729 -12.01 12.17 -27.30
C LEU B 729 -12.17 13.22 -26.24
N HIS B 730 -12.48 12.75 -25.04
CA HIS B 730 -12.93 13.62 -23.93
C HIS B 730 -12.23 13.12 -22.68
N GLY B 731 -11.58 13.99 -21.95
CA GLY B 731 -10.84 13.49 -20.79
C GLY B 731 -9.57 14.22 -20.50
N ASN B 732 -8.68 13.53 -19.79
CA ASN B 732 -7.41 14.08 -19.36
C ASN B 732 -6.43 13.86 -20.46
N ILE B 733 -6.50 14.71 -21.48
CA ILE B 733 -5.77 14.49 -22.72
C ILE B 733 -5.71 15.85 -23.40
N THR B 734 -4.72 16.05 -24.27
CA THR B 734 -4.49 17.36 -24.89
C THR B 734 -4.83 17.33 -26.38
N LYS B 735 -5.06 18.53 -26.93
CA LYS B 735 -5.31 18.69 -28.36
C LYS B 735 -4.29 17.92 -29.19
N GLN B 736 -3.00 18.19 -28.94
CA GLN B 736 -1.98 17.50 -29.66
C GLN B 736 -2.10 15.98 -29.43
N ALA B 737 -2.44 15.53 -28.23
CA ALA B 737 -2.44 14.06 -28.01
C ALA B 737 -3.64 13.44 -28.73
N ALA B 738 -4.68 14.26 -28.85
CA ALA B 738 -5.93 13.79 -29.43
C ALA B 738 -5.68 13.47 -30.89
N LEU B 739 -5.11 14.46 -31.58
CA LEU B 739 -4.69 14.34 -32.98
C LEU B 739 -3.79 13.16 -33.15
N GLY B 740 -2.93 12.94 -32.15
CA GLY B 740 -1.95 11.86 -32.18
C GLY B 740 -2.66 10.54 -32.16
N ILE B 741 -3.67 10.46 -31.28
CA ILE B 741 -4.46 9.25 -31.14
C ILE B 741 -5.24 8.96 -32.43
N MET B 742 -5.92 9.98 -32.95
CA MET B 742 -6.62 9.83 -34.20
C MET B 742 -5.66 9.40 -35.33
N GLN B 743 -4.57 10.17 -35.54
CA GLN B 743 -3.59 9.81 -36.58
C GLN B 743 -3.21 8.38 -36.48
N MET B 744 -3.01 7.87 -35.27
CA MET B 744 -2.54 6.51 -35.22
C MET B 744 -3.62 5.48 -35.55
N VAL B 745 -4.89 5.79 -35.23
CA VAL B 745 -6.00 4.94 -35.60
C VAL B 745 -6.01 4.85 -37.12
N GLU B 746 -6.04 6.01 -37.77
CA GLU B 746 -5.91 6.08 -39.24
C GLU B 746 -4.70 5.31 -39.76
N ASP B 747 -3.49 5.67 -39.28
CA ASP B 747 -2.28 5.09 -39.88
C ASP B 747 -2.30 3.61 -39.68
N THR B 748 -3.04 3.14 -38.72
CA THR B 748 -3.03 1.69 -38.57
C THR B 748 -3.97 1.05 -39.60
N LEU B 749 -5.14 1.66 -39.79
CA LEU B 749 -6.11 1.13 -40.71
C LEU B 749 -5.53 1.20 -42.13
N ILE B 750 -5.16 2.42 -42.51
CA ILE B 750 -4.38 2.66 -43.72
C ILE B 750 -3.28 1.62 -44.01
N GLU B 751 -2.40 1.35 -43.04
CA GLU B 751 -1.29 0.40 -43.22
C GLU B 751 -1.74 -1.02 -43.44
N HIS B 752 -2.64 -1.50 -42.59
CA HIS B 752 -2.92 -2.93 -42.57
C HIS B 752 -4.15 -3.30 -43.39
N ALA B 753 -5.05 -2.35 -43.60
CA ALA B 753 -6.33 -2.61 -44.22
C ALA B 753 -6.53 -1.74 -45.48
N HIS B 754 -5.55 -0.88 -45.76
CA HIS B 754 -5.51 -0.10 -47.02
C HIS B 754 -6.75 0.80 -47.11
N THR B 755 -7.28 1.09 -45.95
CA THR B 755 -8.51 1.85 -45.85
C THR B 755 -8.43 3.22 -46.52
N LYS B 756 -9.41 3.57 -47.35
CA LYS B 756 -9.51 4.87 -48.05
C LYS B 756 -10.82 5.56 -47.60
N PRO B 757 -10.97 6.90 -47.78
CA PRO B 757 -12.20 7.55 -47.28
C PRO B 757 -13.46 7.20 -48.07
N LEU B 758 -14.62 7.57 -47.50
CA LEU B 758 -15.93 7.32 -48.03
C LEU B 758 -16.43 8.60 -48.71
N LEU B 759 -17.35 8.49 -49.65
CA LEU B 759 -17.96 9.73 -50.12
C LEU B 759 -18.90 10.38 -49.07
N PRO B 760 -19.03 11.72 -49.13
CA PRO B 760 -20.06 12.41 -48.33
C PRO B 760 -21.45 11.81 -48.57
N SER B 761 -21.81 11.60 -49.83
CA SER B 761 -23.18 11.12 -50.17
C SER B 761 -23.41 9.67 -49.80
N GLN B 762 -22.33 8.94 -49.55
CA GLN B 762 -22.40 7.57 -49.18
C GLN B 762 -22.76 7.51 -47.71
N LEU B 763 -22.62 8.63 -47.00
CA LEU B 763 -22.92 8.71 -45.55
C LEU B 763 -24.42 8.82 -45.21
N VAL B 764 -25.12 7.73 -45.51
CA VAL B 764 -26.60 7.65 -45.37
C VAL B 764 -27.15 7.35 -43.92
N ARG B 765 -27.69 8.35 -43.21
CA ARG B 765 -28.48 8.11 -41.95
C ARG B 765 -29.94 7.64 -42.33
N TYR B 766 -30.65 6.85 -41.51
CA TYR B 766 -32.01 6.35 -41.90
C TYR B 766 -33.18 7.19 -41.40
N ARG B 767 -34.32 7.02 -42.07
CA ARG B 767 -35.52 7.83 -41.78
C ARG B 767 -36.67 7.10 -40.95
N GLU B 768 -37.41 7.90 -40.20
CA GLU B 768 -38.67 7.39 -39.66
C GLU B 768 -39.81 7.51 -40.68
N VAL B 769 -40.55 6.42 -40.81
CA VAL B 769 -41.88 6.36 -41.47
C VAL B 769 -42.72 7.57 -41.06
N GLN B 770 -43.38 8.21 -42.03
CA GLN B 770 -44.17 9.41 -41.69
C GLN B 770 -45.64 9.05 -41.71
N LEU B 771 -46.28 9.16 -40.56
CA LEU B 771 -47.65 8.61 -40.32
C LEU B 771 -48.67 9.62 -40.83
N PRO B 772 -49.79 9.17 -41.43
CA PRO B 772 -50.74 10.16 -41.99
C PRO B 772 -51.59 10.81 -40.91
N ASP B 773 -51.94 12.10 -41.06
CA ASP B 773 -52.90 12.79 -40.17
C ASP B 773 -54.13 11.95 -39.97
N ARG B 774 -54.50 11.68 -38.71
CA ARG B 774 -55.68 10.85 -38.31
C ARG B 774 -55.51 9.38 -38.57
N GLY B 775 -54.31 8.93 -38.85
CA GLY B 775 -54.17 7.49 -39.14
C GLY B 775 -54.14 6.69 -37.85
N TRP B 776 -54.67 5.47 -37.87
CA TRP B 776 -54.40 4.58 -36.78
C TRP B 776 -54.13 3.21 -37.32
N PHE B 777 -52.92 2.70 -37.05
CA PHE B 777 -52.47 1.38 -37.46
C PHE B 777 -52.21 0.47 -36.25
N VAL B 778 -52.45 -0.83 -36.38
CA VAL B 778 -52.17 -1.78 -35.34
C VAL B 778 -51.46 -2.94 -35.97
N TYR B 779 -50.35 -3.36 -35.38
CA TYR B 779 -49.67 -4.61 -35.72
C TYR B 779 -49.88 -5.56 -34.54
N GLN B 780 -50.17 -6.82 -34.80
CA GLN B 780 -50.54 -7.71 -33.74
C GLN B 780 -49.71 -8.98 -33.87
N GLN B 781 -49.14 -9.44 -32.77
CA GLN B 781 -48.31 -10.61 -32.85
C GLN B 781 -48.54 -11.35 -31.50
N ARG B 782 -48.01 -12.55 -31.36
CA ARG B 782 -48.21 -13.29 -30.15
C ARG B 782 -46.85 -13.69 -29.53
N ASN B 783 -46.72 -13.48 -28.22
CA ASN B 783 -45.64 -14.09 -27.44
C ASN B 783 -45.97 -15.54 -27.10
N GLU B 784 -45.11 -16.47 -27.48
CA GLU B 784 -45.41 -17.88 -27.33
C GLU B 784 -44.95 -18.43 -25.98
N VAL B 785 -44.45 -17.59 -25.11
CA VAL B 785 -43.83 -18.10 -23.91
C VAL B 785 -44.50 -17.54 -22.68
N HIS B 786 -44.68 -16.23 -22.64
CA HIS B 786 -45.30 -15.56 -21.52
C HIS B 786 -46.84 -15.49 -21.64
N ASN B 787 -47.55 -15.90 -20.60
CA ASN B 787 -48.96 -15.72 -20.61
C ASN B 787 -49.38 -14.33 -20.12
N ASN B 788 -48.64 -13.32 -20.51
CA ASN B 788 -49.10 -11.96 -20.33
C ASN B 788 -49.06 -11.27 -21.71
N SER B 789 -49.80 -10.19 -21.88
CA SER B 789 -49.75 -9.47 -23.11
C SER B 789 -48.92 -8.19 -22.93
N GLY B 790 -48.49 -7.59 -24.05
CA GLY B 790 -47.77 -6.31 -24.04
C GLY B 790 -48.29 -5.38 -25.13
N ILE B 791 -48.04 -4.12 -24.97
CA ILE B 791 -48.55 -3.17 -25.91
C ILE B 791 -47.60 -1.97 -25.87
N GLU B 792 -47.43 -1.33 -27.01
CA GLU B 792 -46.85 -0.01 -27.00
C GLU B 792 -47.73 0.80 -27.93
N ILE B 793 -48.10 1.98 -27.48
CA ILE B 793 -48.88 2.89 -28.28
C ILE B 793 -47.96 4.06 -28.58
N TYR B 794 -47.86 4.45 -29.84
CA TYR B 794 -47.00 5.57 -30.24
C TYR B 794 -47.80 6.64 -30.97
N TYR B 795 -47.83 7.81 -30.36
CA TYR B 795 -48.40 9.03 -30.91
C TYR B 795 -47.28 9.88 -31.47
N GLN B 796 -47.03 9.73 -32.76
CA GLN B 796 -45.89 10.38 -33.38
C GLN B 796 -46.28 11.84 -33.46
N THR B 797 -45.41 12.75 -33.08
CA THR B 797 -45.71 14.18 -33.26
C THR B 797 -45.11 14.99 -34.40
N ASP B 798 -43.80 15.25 -34.40
CA ASP B 798 -43.11 15.86 -35.53
C ASP B 798 -41.60 15.77 -35.41
N MET B 799 -40.84 16.36 -36.38
CA MET B 799 -39.37 16.39 -36.31
C MET B 799 -39.03 16.99 -34.98
N GLN B 800 -37.90 16.57 -34.44
CA GLN B 800 -37.36 17.20 -33.25
C GLN B 800 -37.00 18.61 -33.62
N SER B 801 -37.14 19.52 -32.64
CA SER B 801 -36.72 20.92 -32.72
C SER B 801 -36.94 21.55 -31.34
N THR B 802 -36.25 22.63 -31.02
CA THR B 802 -36.48 23.28 -29.73
C THR B 802 -37.97 23.28 -29.24
N SER B 803 -38.88 23.82 -30.04
CA SER B 803 -40.25 23.97 -29.58
C SER B 803 -40.96 22.62 -29.48
N GLU B 804 -40.89 21.81 -30.54
CA GLU B 804 -41.55 20.53 -30.55
C GLU B 804 -40.93 19.57 -29.49
N ASN B 805 -39.64 19.72 -29.20
CA ASN B 805 -39.05 18.99 -28.12
C ASN B 805 -39.71 19.32 -26.78
N MET B 806 -39.87 20.60 -26.51
CA MET B 806 -40.24 20.99 -25.18
C MET B 806 -41.73 20.90 -24.96
N PHE B 807 -42.50 20.99 -26.02
CA PHE B 807 -43.90 20.73 -25.90
C PHE B 807 -44.04 19.27 -25.40
N LEU B 808 -43.39 18.37 -26.12
CA LEU B 808 -43.53 16.98 -25.84
C LEU B 808 -43.02 16.64 -24.45
N GLU B 809 -41.82 17.09 -24.11
CA GLU B 809 -41.23 16.78 -22.82
C GLU B 809 -42.08 17.35 -21.65
N LEU B 810 -42.72 18.51 -21.85
CA LEU B 810 -43.52 19.12 -20.78
C LEU B 810 -44.80 18.37 -20.57
N PHE B 811 -45.48 18.05 -21.66
CA PHE B 811 -46.63 17.22 -21.55
C PHE B 811 -46.25 15.90 -20.82
N ALA B 812 -45.20 15.24 -21.32
CA ALA B 812 -44.72 14.00 -20.70
C ALA B 812 -44.55 14.13 -19.18
N GLN B 813 -43.98 15.27 -18.80
CA GLN B 813 -43.76 15.58 -17.41
C GLN B 813 -45.11 15.69 -16.71
N ILE B 814 -46.07 16.35 -17.36
CA ILE B 814 -47.28 16.60 -16.65
C ILE B 814 -48.00 15.28 -16.40
N ILE B 815 -47.95 14.39 -17.38
CA ILE B 815 -48.76 13.17 -17.30
C ILE B 815 -48.02 12.05 -16.64
N SER B 816 -46.76 12.30 -16.32
CA SER B 816 -45.88 11.18 -15.91
C SER B 816 -46.36 10.38 -14.71
N GLU B 817 -46.49 11.03 -13.54
CA GLU B 817 -46.97 10.24 -12.40
C GLU B 817 -48.48 9.95 -12.41
N PRO B 818 -49.26 10.89 -12.94
CA PRO B 818 -50.65 10.48 -13.15
C PRO B 818 -50.81 9.23 -13.99
N ALA B 819 -49.94 8.99 -14.98
CA ALA B 819 -50.10 7.78 -15.81
C ALA B 819 -49.87 6.52 -14.98
N PHE B 820 -48.84 6.57 -14.15
CA PHE B 820 -48.45 5.44 -13.34
C PHE B 820 -49.52 5.29 -12.26
N ASN B 821 -49.94 6.40 -11.70
CA ASN B 821 -50.93 6.30 -10.69
C ASN B 821 -52.24 5.77 -11.20
N THR B 822 -52.66 6.17 -12.41
CA THR B 822 -53.95 5.73 -12.85
C THR B 822 -53.89 4.31 -13.37
N LEU B 823 -52.98 4.08 -14.31
CA LEU B 823 -52.98 2.84 -15.08
C LEU B 823 -52.50 1.67 -14.24
N ARG B 824 -51.63 1.97 -13.28
CA ARG B 824 -51.12 0.94 -12.45
C ARG B 824 -51.80 0.97 -11.07
N THR B 825 -51.43 1.96 -10.23
CA THR B 825 -51.96 2.10 -8.88
C THR B 825 -53.51 2.00 -8.74
N LYS B 826 -54.25 2.84 -9.46
CA LYS B 826 -55.70 2.74 -9.47
C LYS B 826 -56.17 1.48 -10.24
N GLU B 827 -55.82 1.34 -11.53
CA GLU B 827 -56.54 0.35 -12.38
C GLU B 827 -55.85 -1.00 -12.36
N GLN B 828 -54.59 -1.00 -11.90
CA GLN B 828 -53.80 -2.24 -11.78
C GLN B 828 -53.76 -3.00 -13.10
N LEU B 829 -53.42 -2.31 -14.19
CA LEU B 829 -53.29 -3.00 -15.49
C LEU B 829 -52.13 -3.99 -15.48
N GLY B 830 -51.07 -3.67 -14.74
CA GLY B 830 -49.90 -4.56 -14.69
C GLY B 830 -48.79 -3.88 -13.89
N TYR B 831 -47.75 -4.64 -13.59
CA TYR B 831 -46.60 -4.14 -12.90
C TYR B 831 -45.83 -3.13 -13.78
N ILE B 832 -45.75 -3.43 -15.07
CA ILE B 832 -45.11 -2.55 -15.99
C ILE B 832 -46.06 -1.62 -16.64
N VAL B 833 -45.87 -0.34 -16.36
CA VAL B 833 -46.61 0.73 -16.95
C VAL B 833 -45.63 1.86 -17.13
N PHE B 834 -45.39 2.31 -18.36
CA PHE B 834 -44.43 3.36 -18.60
C PHE B 834 -45.08 4.34 -19.55
N SER B 835 -44.72 5.61 -19.41
CA SER B 835 -45.11 6.55 -20.44
C SER B 835 -43.97 7.54 -20.66
N GLY B 836 -43.96 8.25 -21.78
CA GLY B 836 -42.87 9.18 -21.95
C GLY B 836 -42.51 9.41 -23.40
N PRO B 837 -41.55 10.27 -23.64
CA PRO B 837 -41.18 10.62 -25.05
C PRO B 837 -40.50 9.44 -25.80
N ARG B 838 -40.74 9.25 -27.10
CA ARG B 838 -39.94 8.33 -27.93
C ARG B 838 -39.20 9.19 -28.92
N ARG B 839 -37.87 9.05 -29.00
CA ARG B 839 -37.03 9.76 -29.97
C ARG B 839 -36.33 8.78 -30.87
N ALA B 840 -36.52 8.88 -32.16
CA ALA B 840 -35.73 8.08 -33.09
C ALA B 840 -35.54 8.80 -34.43
N ASN B 841 -34.29 8.69 -34.96
CA ASN B 841 -34.05 9.04 -36.33
C ASN B 841 -34.51 10.46 -36.54
N GLY B 842 -34.41 11.32 -35.52
CA GLY B 842 -34.76 12.73 -35.68
C GLY B 842 -36.23 13.10 -35.39
N ILE B 843 -37.08 12.08 -35.26
CA ILE B 843 -38.50 12.28 -35.06
C ILE B 843 -38.84 11.96 -33.59
N GLN B 844 -40.09 12.23 -33.17
CA GLN B 844 -40.48 12.01 -31.83
C GLN B 844 -41.98 11.92 -31.66
N GLY B 845 -42.39 11.67 -30.41
CA GLY B 845 -43.77 11.34 -30.11
C GLY B 845 -43.87 10.73 -28.72
N LEU B 846 -45.10 10.40 -28.32
CA LEU B 846 -45.37 10.06 -26.94
C LEU B 846 -45.72 8.62 -26.94
N ARG B 847 -45.19 7.86 -25.98
CA ARG B 847 -45.41 6.43 -25.97
C ARG B 847 -45.92 5.89 -24.65
N PHE B 848 -46.67 4.80 -24.70
CA PHE B 848 -47.07 4.16 -23.51
C PHE B 848 -46.66 2.76 -23.77
N ILE B 849 -46.10 2.12 -22.75
CA ILE B 849 -45.85 0.71 -22.81
C ILE B 849 -46.50 0.09 -21.56
N ILE B 850 -47.18 -1.03 -21.74
CA ILE B 850 -47.80 -1.71 -20.62
C ILE B 850 -47.72 -3.19 -20.88
N GLN B 851 -47.53 -3.95 -19.81
CA GLN B 851 -47.61 -5.38 -19.83
C GLN B 851 -48.65 -5.81 -18.81
N SER B 852 -49.48 -6.76 -19.19
CA SER B 852 -50.71 -7.02 -18.49
C SER B 852 -51.33 -8.37 -18.84
N GLU B 853 -52.20 -8.84 -17.97
CA GLU B 853 -52.94 -10.04 -18.23
C GLU B 853 -54.16 -9.68 -19.09
N LYS B 854 -54.56 -8.43 -19.05
CA LYS B 854 -55.61 -7.91 -19.90
C LYS B 854 -55.21 -7.85 -21.41
N PRO B 855 -56.17 -8.14 -22.31
CA PRO B 855 -55.97 -8.01 -23.76
C PRO B 855 -55.65 -6.57 -24.22
N PRO B 856 -54.74 -6.40 -25.19
CA PRO B 856 -54.38 -5.07 -25.68
C PRO B 856 -55.55 -4.19 -26.11
N HIS B 857 -56.55 -4.73 -26.84
CA HIS B 857 -57.73 -3.89 -27.17
C HIS B 857 -58.24 -3.13 -25.92
N TYR B 858 -58.23 -3.81 -24.77
CA TYR B 858 -58.66 -3.21 -23.52
C TYR B 858 -57.64 -2.19 -23.02
N LEU B 859 -56.36 -2.58 -22.99
CA LEU B 859 -55.35 -1.64 -22.54
C LEU B 859 -55.54 -0.31 -23.29
N GLU B 860 -55.85 -0.42 -24.58
CA GLU B 860 -55.95 0.74 -25.43
C GLU B 860 -57.05 1.69 -25.03
N SER B 861 -58.27 1.18 -24.81
CA SER B 861 -59.33 2.05 -24.31
C SER B 861 -58.94 2.71 -22.99
N ARG B 862 -58.35 1.95 -22.08
CA ARG B 862 -57.87 2.58 -20.83
C ARG B 862 -56.89 3.76 -20.99
N VAL B 863 -55.87 3.59 -21.84
CA VAL B 863 -54.98 4.69 -22.17
C VAL B 863 -55.71 5.87 -22.73
N GLU B 864 -56.66 5.63 -23.63
CA GLU B 864 -57.43 6.72 -24.20
C GLU B 864 -58.26 7.40 -23.15
N ALA B 865 -58.89 6.62 -22.26
CA ALA B 865 -59.69 7.17 -21.14
C ALA B 865 -58.85 8.04 -20.28
N PHE B 866 -57.67 7.56 -20.02
CA PHE B 866 -56.72 8.30 -19.23
C PHE B 866 -56.33 9.61 -19.90
N LEU B 867 -56.24 9.62 -21.23
CA LEU B 867 -55.81 10.82 -21.94
C LEU B 867 -56.86 11.93 -21.71
N ILE B 868 -58.12 11.52 -21.65
CA ILE B 868 -59.20 12.45 -21.48
C ILE B 868 -59.21 13.04 -20.06
N THR B 869 -59.10 12.15 -19.07
CA THR B 869 -58.83 12.53 -17.69
C THR B 869 -57.62 13.48 -17.58
N MET B 870 -56.55 13.17 -18.32
CA MET B 870 -55.41 14.09 -18.33
C MET B 870 -55.76 15.48 -18.83
N GLU B 871 -56.56 15.56 -19.91
CA GLU B 871 -56.92 16.84 -20.50
C GLU B 871 -57.72 17.65 -19.50
N LYS B 872 -58.77 17.05 -18.96
CA LYS B 872 -59.58 17.73 -17.95
C LYS B 872 -58.68 18.23 -16.85
N SER B 873 -57.71 17.42 -16.48
CA SER B 873 -56.85 17.78 -15.35
C SER B 873 -55.94 19.00 -15.62
N ILE B 874 -55.42 19.11 -16.84
CA ILE B 874 -54.63 20.28 -17.22
C ILE B 874 -55.46 21.60 -17.26
N GLU B 875 -56.69 21.50 -17.78
CA GLU B 875 -57.62 22.62 -17.75
C GLU B 875 -57.92 23.15 -16.32
N ASP B 876 -57.90 22.25 -15.35
CA ASP B 876 -58.29 22.62 -14.00
C ASP B 876 -57.10 22.93 -13.13
N MET B 877 -55.89 22.68 -13.61
CA MET B 877 -54.75 22.86 -12.71
C MET B 877 -54.37 24.33 -12.59
N THR B 878 -53.89 24.71 -11.41
CA THR B 878 -53.49 26.10 -11.13
C THR B 878 -52.19 26.45 -11.84
N GLU B 879 -52.03 27.74 -12.10
CA GLU B 879 -50.78 28.26 -12.64
C GLU B 879 -49.61 27.88 -11.72
N GLU B 880 -49.86 27.83 -10.43
CA GLU B 880 -48.77 27.46 -9.53
C GLU B 880 -48.30 26.04 -9.86
N ALA B 881 -49.26 25.11 -9.94
CA ALA B 881 -48.98 23.72 -10.24
C ALA B 881 -48.20 23.57 -11.58
N PHE B 882 -48.71 24.21 -12.62
CA PHE B 882 -48.07 24.21 -13.93
C PHE B 882 -46.59 24.67 -13.92
N GLN B 883 -46.30 25.73 -13.17
CA GLN B 883 -44.94 26.22 -13.09
C GLN B 883 -44.08 25.29 -12.25
N LYS B 884 -44.72 24.54 -11.36
CA LYS B 884 -44.02 23.52 -10.57
C LYS B 884 -43.43 22.49 -11.53
N HIS B 885 -44.24 22.16 -12.56
CA HIS B 885 -43.89 21.17 -13.57
C HIS B 885 -42.79 21.70 -14.50
N ILE B 886 -42.90 22.96 -14.93
CA ILE B 886 -41.88 23.57 -15.76
C ILE B 886 -40.53 23.47 -14.99
N GLN B 887 -40.64 23.75 -13.70
CA GLN B 887 -39.50 23.90 -12.85
C GLN B 887 -38.85 22.52 -12.67
N ALA B 888 -39.68 21.48 -12.61
CA ALA B 888 -39.20 20.15 -12.34
C ALA B 888 -38.49 19.67 -13.58
N LEU B 889 -39.14 19.85 -14.72
CA LEU B 889 -38.54 19.49 -15.97
C LEU B 889 -37.20 20.26 -16.11
N ALA B 890 -37.22 21.56 -15.76
CA ALA B 890 -36.03 22.37 -15.88
C ALA B 890 -34.90 21.77 -15.06
N ILE B 891 -35.18 21.38 -13.83
CA ILE B 891 -34.10 20.87 -12.98
C ILE B 891 -33.53 19.57 -13.58
N ARG B 892 -34.44 18.78 -14.14
CA ARG B 892 -34.17 17.47 -14.66
C ARG B 892 -33.18 17.62 -15.82
N ARG B 893 -33.37 18.63 -16.64
CA ARG B 893 -32.63 18.75 -17.87
C ARG B 893 -31.31 19.42 -17.62
N LEU B 894 -31.24 20.23 -16.57
CA LEU B 894 -30.03 20.98 -16.23
C LEU B 894 -29.17 20.25 -15.24
N ASP B 895 -29.69 19.20 -14.62
CA ASP B 895 -28.90 18.45 -13.66
C ASP B 895 -27.51 18.14 -14.24
N LYS B 896 -26.46 18.58 -13.54
CA LYS B 896 -25.10 18.49 -14.07
C LYS B 896 -24.56 17.07 -13.99
N PRO B 897 -23.83 16.62 -15.03
CA PRO B 897 -23.06 15.36 -14.98
C PRO B 897 -22.09 15.23 -13.76
N LYS B 898 -22.13 14.09 -13.07
CA LYS B 898 -21.38 13.90 -11.81
C LYS B 898 -20.06 13.18 -12.08
N LYS B 899 -20.01 12.42 -13.19
CA LYS B 899 -18.77 11.81 -13.66
C LYS B 899 -18.52 12.09 -15.13
N LEU B 900 -17.28 11.86 -15.53
CA LEU B 900 -16.83 12.11 -16.91
C LEU B 900 -17.72 11.44 -17.95
N SER B 901 -17.96 10.15 -17.78
CA SER B 901 -18.61 9.42 -18.84
C SER B 901 -20.07 9.80 -18.99
N ALA B 902 -20.66 10.45 -17.99
CA ALA B 902 -22.03 10.93 -18.21
C ALA B 902 -21.96 12.18 -19.09
N GLU B 903 -20.91 12.98 -18.92
CA GLU B 903 -20.73 14.15 -19.77
C GLU B 903 -20.41 13.69 -21.20
N SER B 904 -19.52 12.72 -21.37
CA SER B 904 -19.30 12.16 -22.72
C SER B 904 -20.60 11.66 -23.40
N ALA B 905 -21.44 10.92 -22.67
CA ALA B 905 -22.67 10.39 -23.22
C ALA B 905 -23.58 11.48 -23.75
N LYS B 906 -23.68 12.58 -23.05
CA LYS B 906 -24.38 13.75 -23.55
C LYS B 906 -23.72 14.20 -24.86
N TYR B 907 -22.41 14.41 -24.90
CA TYR B 907 -21.84 14.81 -26.18
C TYR B 907 -21.93 13.75 -27.26
N TRP B 908 -21.69 12.50 -26.93
CA TRP B 908 -21.82 11.45 -27.90
C TRP B 908 -23.24 11.37 -28.50
N GLY B 909 -24.23 11.80 -27.69
CA GLY B 909 -25.62 11.76 -28.09
C GLY B 909 -25.75 12.68 -29.28
N GLU B 910 -25.28 13.92 -29.08
CA GLU B 910 -25.40 15.00 -30.02
C GLU B 910 -24.63 14.66 -31.30
N ILE B 911 -23.58 13.86 -31.16
CA ILE B 911 -22.78 13.47 -32.29
C ILE B 911 -23.41 12.34 -33.11
N ILE B 912 -23.75 11.23 -32.47
CA ILE B 912 -24.22 10.15 -33.28
C ILE B 912 -25.59 10.48 -33.87
N SER B 913 -26.33 11.36 -33.23
CA SER B 913 -27.61 11.73 -33.78
C SER B 913 -27.38 12.81 -34.84
N GLN B 914 -26.15 13.32 -34.93
CA GLN B 914 -25.81 14.35 -35.92
C GLN B 914 -26.57 15.64 -35.76
N GLN B 915 -26.80 16.06 -34.54
CA GLN B 915 -27.49 17.33 -34.31
C GLN B 915 -26.53 18.26 -33.68
N TYR B 916 -25.51 17.70 -33.05
CA TYR B 916 -24.38 18.49 -32.60
C TYR B 916 -24.73 19.73 -31.77
N ASN B 917 -25.82 19.68 -31.01
CA ASN B 917 -26.28 20.85 -30.27
C ASN B 917 -25.87 20.73 -28.82
N PHE B 918 -24.59 21.00 -28.58
CA PHE B 918 -23.97 20.85 -27.28
C PHE B 918 -24.46 21.75 -26.16
N ASP B 919 -25.14 22.84 -26.50
CA ASP B 919 -25.61 23.83 -25.54
C ASP B 919 -27.13 23.67 -25.43
N ARG B 920 -27.59 22.49 -25.84
CA ARG B 920 -29.01 22.21 -25.98
C ARG B 920 -29.83 22.48 -24.72
N ASP B 921 -29.28 22.08 -23.55
CA ASP B 921 -30.05 22.10 -22.28
C ASP B 921 -30.42 23.52 -21.90
N ASN B 922 -29.49 24.45 -22.11
CA ASN B 922 -29.71 25.85 -21.81
C ASN B 922 -30.75 26.47 -22.72
N THR B 923 -30.62 26.18 -24.01
CA THR B 923 -31.49 26.77 -25.01
C THR B 923 -32.87 26.26 -24.70
N GLU B 924 -33.00 24.93 -24.58
CA GLU B 924 -34.31 24.30 -24.44
C GLU B 924 -35.00 24.64 -23.12
N VAL B 925 -34.23 24.83 -22.06
CA VAL B 925 -34.87 25.20 -20.79
C VAL B 925 -35.36 26.69 -20.81
N ALA B 926 -34.54 27.57 -21.38
CA ALA B 926 -34.96 28.94 -21.58
C ALA B 926 -36.24 28.86 -22.37
N TYR B 927 -36.29 28.04 -23.40
CA TYR B 927 -37.51 28.03 -24.15
C TYR B 927 -38.75 27.47 -23.36
N LEU B 928 -38.55 26.35 -22.67
CA LEU B 928 -39.55 25.74 -21.82
C LEU B 928 -40.19 26.78 -20.93
N LYS B 929 -39.35 27.67 -20.38
CA LYS B 929 -39.82 28.58 -19.34
C LYS B 929 -40.85 29.57 -19.85
N THR B 930 -40.96 29.61 -21.15
CA THR B 930 -41.78 30.53 -21.89
C THR B 930 -43.13 29.97 -22.09
N LEU B 931 -43.21 28.63 -22.09
CA LEU B 931 -44.45 27.93 -22.44
C LEU B 931 -45.54 28.21 -21.44
N THR B 932 -46.79 28.23 -21.92
CA THR B 932 -47.97 28.44 -21.08
C THR B 932 -48.90 27.23 -21.09
N LYS B 933 -49.71 27.11 -20.03
CA LYS B 933 -50.76 26.13 -20.00
C LYS B 933 -51.53 26.09 -21.33
N GLU B 934 -51.99 27.26 -21.79
CA GLU B 934 -52.75 27.39 -23.03
C GLU B 934 -51.99 26.74 -24.18
N ASP B 935 -50.67 26.92 -24.20
CA ASP B 935 -49.84 26.33 -25.27
C ASP B 935 -49.91 24.83 -25.29
N ILE B 936 -49.74 24.25 -24.10
CA ILE B 936 -49.74 22.82 -23.90
C ILE B 936 -51.08 22.27 -24.24
N ILE B 937 -52.13 22.97 -23.86
CA ILE B 937 -53.45 22.54 -24.28
C ILE B 937 -53.57 22.49 -25.81
N LYS B 938 -53.14 23.56 -26.50
CA LYS B 938 -53.38 23.68 -27.97
C LYS B 938 -52.64 22.53 -28.65
N PHE B 939 -51.42 22.25 -28.15
CA PHE B 939 -50.59 21.16 -28.63
C PHE B 939 -51.23 19.80 -28.42
N TYR B 940 -51.75 19.57 -27.20
CA TYR B 940 -52.52 18.37 -26.97
C TYR B 940 -53.67 18.29 -27.99
N LYS B 941 -54.30 19.42 -28.25
CA LYS B 941 -55.54 19.40 -28.99
C LYS B 941 -55.24 19.23 -30.46
N GLU B 942 -54.10 19.74 -30.93
CA GLU B 942 -53.75 19.52 -32.32
C GLU B 942 -53.07 18.16 -32.61
N MET B 943 -52.36 17.58 -31.62
CA MET B 943 -51.56 16.37 -31.89
C MET B 943 -51.96 15.07 -31.21
N LEU B 944 -52.62 15.12 -30.06
CA LEU B 944 -52.79 13.88 -29.28
C LEU B 944 -54.22 13.47 -28.96
N ALA B 945 -55.07 14.42 -28.67
CA ALA B 945 -56.50 14.13 -28.44
C ALA B 945 -57.00 13.16 -29.48
N VAL B 946 -57.95 12.32 -29.09
CA VAL B 946 -58.52 11.35 -30.01
C VAL B 946 -59.07 11.94 -31.33
N ASP B 947 -59.48 13.21 -31.37
CA ASP B 947 -59.99 13.76 -32.63
C ASP B 947 -59.19 14.98 -33.02
N ALA B 948 -57.90 14.81 -32.86
CA ALA B 948 -56.95 15.83 -33.20
C ALA B 948 -56.77 15.78 -34.71
N PRO B 949 -56.67 16.95 -35.37
CA PRO B 949 -56.41 16.96 -36.81
C PRO B 949 -55.09 16.27 -37.20
N ARG B 950 -54.07 16.28 -36.35
CA ARG B 950 -52.78 15.61 -36.71
C ARG B 950 -52.43 14.36 -35.84
N ARG B 951 -53.44 13.62 -35.39
CA ARG B 951 -53.11 12.49 -34.58
C ARG B 951 -52.41 11.48 -35.49
N HIS B 952 -51.31 10.88 -35.03
CA HIS B 952 -50.61 9.86 -35.76
C HIS B 952 -50.29 8.72 -34.83
N LYS B 953 -51.10 7.69 -34.91
CA LYS B 953 -51.09 6.66 -33.96
C LYS B 953 -50.70 5.33 -34.53
N VAL B 954 -49.77 4.62 -33.85
CA VAL B 954 -49.47 3.21 -34.19
C VAL B 954 -49.44 2.39 -32.91
N SER B 955 -50.11 1.27 -32.90
CA SER B 955 -50.06 0.47 -31.72
C SER B 955 -49.51 -0.88 -32.07
N VAL B 956 -48.62 -1.40 -31.23
CA VAL B 956 -48.23 -2.81 -31.34
C VAL B 956 -48.92 -3.64 -30.22
N HIS B 957 -49.63 -4.70 -30.56
CA HIS B 957 -50.37 -5.53 -29.60
C HIS B 957 -49.69 -6.87 -29.56
N VAL B 958 -49.26 -7.32 -28.39
CA VAL B 958 -48.63 -8.59 -28.33
C VAL B 958 -49.49 -9.46 -27.43
N LEU B 959 -50.10 -10.47 -28.00
CA LEU B 959 -51.04 -11.29 -27.27
C LEU B 959 -50.26 -12.27 -26.46
N ALA B 960 -50.77 -12.50 -25.25
CA ALA B 960 -50.36 -13.56 -24.38
C ALA B 960 -50.43 -14.90 -25.07
N ARG B 961 -49.59 -15.83 -24.59
CA ARG B 961 -49.51 -17.20 -25.03
C ARG B 961 -50.90 -17.78 -25.29
N GLU B 962 -51.83 -17.59 -24.34
CA GLU B 962 -53.07 -18.32 -24.25
C GLU B 962 -54.26 -17.55 -24.83
N MET B 963 -54.14 -16.28 -25.21
CA MET B 963 -55.36 -15.52 -25.62
C MET B 963 -55.85 -15.57 -27.06
N ASP B 964 -57.16 -15.35 -27.22
CA ASP B 964 -57.89 -15.44 -28.52
C ASP B 964 -57.49 -14.40 -29.63
N SER B 965 -57.29 -14.92 -30.87
CA SER B 965 -56.68 -14.21 -32.06
C SER B 965 -57.10 -12.75 -32.43
N ASN B 979 -67.16 3.49 -10.68
CA ASN B 979 -66.04 2.63 -11.10
C ASN B 979 -64.92 3.42 -11.89
N LEU B 980 -64.79 3.12 -13.19
CA LEU B 980 -63.70 3.63 -14.01
C LEU B 980 -64.11 4.82 -14.85
N SER B 981 -63.15 5.68 -15.19
CA SER B 981 -63.39 6.71 -16.21
C SER B 981 -63.97 6.16 -17.55
N GLN B 982 -64.60 7.05 -18.30
CA GLN B 982 -65.27 6.73 -19.54
C GLN B 982 -64.24 6.70 -20.66
N ALA B 983 -64.12 5.56 -21.33
CA ALA B 983 -63.31 5.49 -22.55
C ALA B 983 -64.08 6.03 -23.75
N PRO B 984 -63.39 6.73 -24.65
CA PRO B 984 -64.00 7.34 -25.85
C PRO B 984 -64.10 6.30 -26.96
N ALA B 985 -64.92 6.57 -27.98
CA ALA B 985 -65.02 5.65 -29.10
C ALA B 985 -63.83 5.86 -30.06
N LEU B 986 -63.32 4.75 -30.56
CA LEU B 986 -62.18 4.85 -31.45
C LEU B 986 -62.52 4.31 -32.82
N PRO B 987 -61.81 4.84 -33.85
CA PRO B 987 -61.93 4.35 -35.20
C PRO B 987 -61.50 2.88 -35.41
N GLN B 988 -61.94 2.32 -36.53
CA GLN B 988 -61.49 1.00 -36.94
C GLN B 988 -60.02 1.26 -37.34
N PRO B 989 -59.08 0.50 -36.77
CA PRO B 989 -57.70 0.70 -37.20
C PRO B 989 -57.41 -0.08 -38.47
N GLU B 990 -56.38 0.35 -39.20
CA GLU B 990 -55.90 -0.40 -40.35
C GLU B 990 -54.90 -1.43 -39.82
N VAL B 991 -55.26 -2.70 -39.91
CA VAL B 991 -54.43 -3.75 -39.40
C VAL B 991 -53.21 -3.96 -40.32
N ILE B 992 -51.98 -3.72 -39.84
CA ILE B 992 -50.78 -4.03 -40.58
C ILE B 992 -50.64 -5.51 -40.78
N GLN B 993 -50.49 -5.91 -42.03
CA GLN B 993 -50.43 -7.31 -42.36
C GLN B 993 -48.99 -7.70 -42.60
N ASN B 994 -48.19 -6.76 -43.08
CA ASN B 994 -46.83 -7.04 -43.49
C ASN B 994 -45.97 -5.80 -43.25
N MET B 995 -44.82 -5.90 -42.57
CA MET B 995 -44.05 -4.67 -42.27
C MET B 995 -43.50 -3.91 -43.48
N THR B 996 -43.01 -4.65 -44.47
CA THR B 996 -42.53 -4.08 -45.68
C THR B 996 -43.66 -3.34 -46.42
N GLU B 997 -44.82 -3.99 -46.61
CA GLU B 997 -45.96 -3.34 -47.26
C GLU B 997 -46.29 -2.04 -46.55
N PHE B 998 -46.18 -2.08 -45.24
CA PHE B 998 -46.53 -0.91 -44.47
C PHE B 998 -45.54 0.21 -44.71
N LYS B 999 -44.25 -0.09 -44.62
CA LYS B 999 -43.23 0.93 -44.78
C LYS B 999 -43.33 1.56 -46.21
N ARG B 1000 -43.46 0.71 -47.22
CA ARG B 1000 -43.57 1.16 -48.61
C ARG B 1000 -44.79 2.04 -48.92
N GLY B 1001 -45.96 1.76 -48.31
CA GLY B 1001 -47.20 2.54 -48.49
C GLY B 1001 -47.11 3.89 -47.83
N LEU B 1002 -46.00 4.25 -47.22
CA LEU B 1002 -45.93 5.52 -46.48
C LEU B 1002 -44.76 6.43 -46.83
N PRO B 1003 -44.92 7.73 -46.67
CA PRO B 1003 -43.80 8.65 -46.88
C PRO B 1003 -42.72 8.44 -45.83
N LEU B 1004 -41.53 9.04 -46.01
CA LEU B 1004 -40.51 9.03 -44.98
C LEU B 1004 -40.15 10.44 -44.57
N PHE B 1005 -39.94 10.65 -43.29
CA PHE B 1005 -39.62 11.97 -42.84
C PHE B 1005 -38.29 12.41 -43.43
N PRO B 1006 -38.00 13.72 -43.46
CA PRO B 1006 -36.61 14.18 -43.65
C PRO B 1006 -35.67 13.74 -42.51
N LEU B 1007 -34.35 13.89 -42.69
CA LEU B 1007 -33.39 13.93 -41.57
C LEU B 1007 -33.30 15.33 -40.94
N VAL B 1008 -32.94 15.36 -39.67
CA VAL B 1008 -32.83 16.63 -38.96
C VAL B 1008 -31.57 17.37 -39.46
N LYS B 1009 -31.61 18.70 -39.48
CA LYS B 1009 -30.45 19.52 -39.90
C LYS B 1009 -29.54 19.76 -38.68
N PRO B 1010 -28.18 19.71 -38.87
CA PRO B 1010 -27.15 19.98 -37.84
C PRO B 1010 -26.77 21.48 -37.60
N HIS B 1011 -25.93 21.73 -36.59
CA HIS B 1011 -25.69 22.98 -35.83
C HIS B 1011 -24.22 23.48 -36.14
N ILE B 1012 -23.21 22.99 -35.37
CA ILE B 1012 -21.80 23.52 -35.32
C ILE B 1012 -21.00 23.27 -36.60
N ASP C 1 46.63 -1.69 20.54
CA ASP C 1 45.94 -3.00 20.31
C ASP C 1 46.07 -3.76 18.94
N ALA C 2 45.60 -5.03 18.97
CA ALA C 2 45.37 -5.90 17.80
C ALA C 2 44.28 -5.34 16.85
N GLU C 3 44.54 -5.37 15.53
CA GLU C 3 43.62 -4.79 14.52
C GLU C 3 42.17 -5.33 14.59
N LYS C 16 36.29 -0.72 5.06
CA LYS C 16 35.30 0.37 5.08
C LYS C 16 34.19 0.27 4.00
N LEU C 17 32.98 0.56 4.47
CA LEU C 17 31.73 0.08 3.89
C LEU C 17 30.86 1.26 3.41
N VAL C 18 30.51 1.26 2.13
CA VAL C 18 29.49 2.19 1.62
C VAL C 18 28.04 1.66 1.92
N PHE C 19 27.29 2.39 2.77
CA PHE C 19 25.96 1.96 3.32
C PHE C 19 24.72 2.50 2.54
N PHE C 20 23.54 1.90 2.75
CA PHE C 20 22.27 2.45 2.19
C PHE C 20 21.64 3.67 2.97
N ALA C 21 21.36 3.48 4.27
CA ALA C 21 20.90 4.55 5.15
C ALA C 21 22.07 4.85 6.16
N GLU C 22 22.08 6.05 6.78
CA GLU C 22 23.21 6.45 7.69
C GLU C 22 23.61 5.40 8.74
N ASP D 1 -14.67 -14.31 -14.96
CA ASP D 1 -14.45 -13.25 -13.94
C ASP D 1 -14.90 -13.55 -12.45
N ALA D 2 -14.50 -12.67 -11.50
CA ALA D 2 -14.92 -12.70 -10.07
C ALA D 2 -16.39 -12.33 -9.99
N GLU D 3 -17.13 -12.99 -9.09
CA GLU D 3 -18.62 -12.93 -9.07
C GLU D 3 -19.21 -11.51 -9.03
N LYS D 16 -30.55 -11.68 -5.45
CA LYS D 16 -31.60 -11.29 -6.41
C LYS D 16 -32.73 -10.46 -5.76
N LEU D 17 -32.80 -9.20 -6.22
CA LEU D 17 -33.59 -8.12 -5.63
C LEU D 17 -34.98 -7.92 -6.35
N VAL D 18 -36.10 -8.06 -5.60
CA VAL D 18 -37.46 -7.70 -6.08
C VAL D 18 -37.81 -6.20 -5.84
N PHE D 19 -38.06 -5.42 -6.92
CA PHE D 19 -38.21 -3.92 -6.92
C PHE D 19 -39.69 -3.48 -6.87
N PHE D 20 -39.97 -2.19 -6.69
CA PHE D 20 -41.36 -1.66 -6.63
C PHE D 20 -41.87 -1.21 -8.03
N ALA D 21 -40.94 -0.66 -8.82
CA ALA D 21 -41.17 -0.14 -10.19
C ALA D 21 -40.02 -0.70 -11.02
N GLU D 22 -40.19 -0.77 -12.35
CA GLU D 22 -39.06 -1.12 -13.23
C GLU D 22 -38.63 0.10 -14.04
ZN ZN E . 25.28 3.39 0.13
ZN ZN F . -41.85 -5.11 -6.07
#